data_1VPI
# 
_entry.id   1VPI 
# 
_audit_conform.dict_name       mmcif_pdbx.dic 
_audit_conform.dict_version    5.397 
_audit_conform.dict_location   http://mmcif.pdb.org/dictionaries/ascii/mmcif_pdbx.dic 
# 
loop_
_database_2.database_id 
_database_2.database_code 
_database_2.pdbx_database_accession 
_database_2.pdbx_DOI 
PDB   1VPI         pdb_00001vpi 10.2210/pdb1vpi/pdb 
WWPDB D_1000177088 ?            ?                   
# 
loop_
_pdbx_audit_revision_history.ordinal 
_pdbx_audit_revision_history.data_content_type 
_pdbx_audit_revision_history.major_revision 
_pdbx_audit_revision_history.minor_revision 
_pdbx_audit_revision_history.revision_date 
1 'Structure model' 1 0 1997-12-24 
2 'Structure model' 1 1 2008-03-24 
3 'Structure model' 1 2 2011-07-13 
4 'Structure model' 1 3 2011-11-16 
5 'Structure model' 1 4 2017-11-29 
6 'Structure model' 1 5 2023-08-09 
7 'Structure model' 1 6 2024-10-23 
# 
_pdbx_audit_revision_details.ordinal             1 
_pdbx_audit_revision_details.revision_ordinal    1 
_pdbx_audit_revision_details.data_content_type   'Structure model' 
_pdbx_audit_revision_details.provider            repository 
_pdbx_audit_revision_details.type                'Initial release' 
_pdbx_audit_revision_details.description         ? 
_pdbx_audit_revision_details.details             ? 
# 
loop_
_pdbx_audit_revision_group.ordinal 
_pdbx_audit_revision_group.revision_ordinal 
_pdbx_audit_revision_group.data_content_type 
_pdbx_audit_revision_group.group 
1  2 'Structure model' 'Version format compliance' 
2  3 'Structure model' 'Derived calculations'      
3  3 'Structure model' 'Version format compliance' 
4  4 'Structure model' 'Atomic model'              
5  5 'Structure model' 'Derived calculations'      
6  5 'Structure model' Other                       
7  6 'Structure model' 'Database references'       
8  6 'Structure model' 'Refinement description'    
9  7 'Structure model' 'Data collection'           
10 7 'Structure model' 'Structure summary'         
# 
loop_
_pdbx_audit_revision_category.ordinal 
_pdbx_audit_revision_category.revision_ordinal 
_pdbx_audit_revision_category.data_content_type 
_pdbx_audit_revision_category.category 
1 5 'Structure model' pdbx_database_status          
2 5 'Structure model' struct_conf                   
3 5 'Structure model' struct_conf_type              
4 6 'Structure model' database_2                    
5 6 'Structure model' pdbx_initial_refinement_model 
6 7 'Structure model' chem_comp_atom                
7 7 'Structure model' chem_comp_bond                
8 7 'Structure model' pdbx_entry_details            
9 7 'Structure model' pdbx_modification_feature     
# 
loop_
_pdbx_audit_revision_item.ordinal 
_pdbx_audit_revision_item.revision_ordinal 
_pdbx_audit_revision_item.data_content_type 
_pdbx_audit_revision_item.item 
1 5 'Structure model' '_pdbx_database_status.process_site'  
2 6 'Structure model' '_database_2.pdbx_DOI'                
3 6 'Structure model' '_database_2.pdbx_database_accession' 
# 
_pdbx_database_status.status_code                     REL 
_pdbx_database_status.entry_id                        1VPI 
_pdbx_database_status.recvd_initial_deposition_date   1996-12-17 
_pdbx_database_status.deposit_site                    ? 
_pdbx_database_status.process_site                    BNL 
_pdbx_database_status.status_code_sf                  REL 
_pdbx_database_status.status_code_mr                  ? 
_pdbx_database_status.SG_entry                        ? 
_pdbx_database_status.pdb_format_compatible           Y 
_pdbx_database_status.status_code_cs                  ? 
_pdbx_database_status.methods_development_category    ? 
_pdbx_database_status.status_code_nmr_data            ? 
# 
loop_
_audit_author.name 
_audit_author.pdbx_ordinal 
'Devedjiev, Y.D.' 1 
'Popov, A.N.'     2 
# 
loop_
_citation.id 
_citation.title 
_citation.journal_abbrev 
_citation.journal_volume 
_citation.page_first 
_citation.page_last 
_citation.year 
_citation.journal_id_ASTM 
_citation.country 
_citation.journal_id_ISSN 
_citation.journal_id_CSD 
_citation.book_publisher 
_citation.pdbx_database_id_PubMed 
_citation.pdbx_database_id_DOI 
primary 'X-ray structure at 1.76 A resolution of a polypeptide phospholipase A2 inhibitor.' J.Mol.Biol.         266 160  172 1997 
JMOBAK UK 0022-2836 0070 ? 9054978 10.1006/jmbi.1996.0778 
1       'Structure and Mechanism of Phospholipase A2' Eur.Cryst.Meeting   15  484  ?   1994 ?      NE 0022-0248 0229 ? ?       ? 
2       
'Crystals of Phospholipase A2 Inhibitor. The Non-Toxic Component of Vipoxin from the Venom of Bulgarian Viper (Vipera Ammodytes)' 
J.Mol.Biol.         229 1147 ?   1993 JMOBAK UK 0022-2836 0070 ? ?       ?                      
3       'Solubility and Phase States of Vipoxin from the Venom of Bulgarian Viper (Vipera Ammodytes Ammodytes)' 
Dokl.Bolg.Akad.Nauk 42  91   ?   1989 DBANAD BU 0366-8681 0864 ? ?       ?                      
# 
loop_
_citation_author.citation_id 
_citation_author.name 
_citation_author.ordinal 
_citation_author.identifier_ORCID 
primary 'Devedjiev, Y.'   1  ? 
primary 'Popov, A.'       2  ? 
primary 'Atanasov, B.'    3  ? 
primary 'Bartunik, H.D.'  4  ? 
1       'Devedjiev, Y.'   5  ? 
1       'Popov, A.'       6  ? 
1       'Bartunik, H.-D.' 7  ? 
1       'Atanasov, B.'    8  ? 
2       'Devedjiev, Y.'   9  ? 
2       'Atanasov, B.'    10 ? 
2       'Mancheva, I.'    11 ? 
2       'Aleksiev, B.'    12 ? 
3       'Devedjiev, Y.D.' 13 ? 
3       'Mancheva, I.N.'  14 ? 
3       'Aleksiev, B.V.'  15 ? 
3       'Atanasov, B.P.'  16 ? 
# 
loop_
_entity.id 
_entity.type 
_entity.src_method 
_entity.pdbx_description 
_entity.formula_weight 
_entity.pdbx_number_of_molecules 
_entity.pdbx_ec 
_entity.pdbx_mutation 
_entity.pdbx_fragment 
_entity.details 
1 polymer nat 'PHOSPHOLIPASE A2 INHIBITOR' 13650.032 1   ? ? ? ? 
2 water   nat water                        18.015    116 ? ? ? ? 
# 
_entity_poly.entity_id                      1 
_entity_poly.type                           'polypeptide(L)' 
_entity_poly.nstd_linkage                   no 
_entity_poly.nstd_monomer                   no 
_entity_poly.pdbx_seq_one_letter_code       
;NLFQFGDMILQKTGKEAVHSYAIYGCYCGWGGQGRAQDATDRCCFAQDCCYGRVNDCNPKTATYTYSFENGDIVCGDNDL
CLRAVCECDRAAAICLGENVNTYDKNYEYYSISHCTEESEQC
;
_entity_poly.pdbx_seq_one_letter_code_can   
;NLFQFGDMILQKTGKEAVHSYAIYGCYCGWGGQGRAQDATDRCCFAQDCCYGRVNDCNPKTATYTYSFENGDIVCGDNDL
CLRAVCECDRAAAICLGENVNTYDKNYEYYSISHCTEESEQC
;
_entity_poly.pdbx_strand_id                 A 
_entity_poly.pdbx_target_identifier         ? 
# 
_pdbx_entity_nonpoly.entity_id   2 
_pdbx_entity_nonpoly.name        water 
_pdbx_entity_nonpoly.comp_id     HOH 
# 
loop_
_entity_poly_seq.entity_id 
_entity_poly_seq.num 
_entity_poly_seq.mon_id 
_entity_poly_seq.hetero 
1 1   ASN n 
1 2   LEU n 
1 3   PHE n 
1 4   GLN n 
1 5   PHE n 
1 6   GLY n 
1 7   ASP n 
1 8   MET n 
1 9   ILE n 
1 10  LEU n 
1 11  GLN n 
1 12  LYS n 
1 13  THR n 
1 14  GLY n 
1 15  LYS n 
1 16  GLU n 
1 17  ALA n 
1 18  VAL n 
1 19  HIS n 
1 20  SER n 
1 21  TYR n 
1 22  ALA n 
1 23  ILE n 
1 24  TYR n 
1 25  GLY n 
1 26  CYS n 
1 27  TYR n 
1 28  CYS n 
1 29  GLY n 
1 30  TRP n 
1 31  GLY n 
1 32  GLY n 
1 33  GLN n 
1 34  GLY n 
1 35  ARG n 
1 36  ALA n 
1 37  GLN n 
1 38  ASP n 
1 39  ALA n 
1 40  THR n 
1 41  ASP n 
1 42  ARG n 
1 43  CYS n 
1 44  CYS n 
1 45  PHE n 
1 46  ALA n 
1 47  GLN n 
1 48  ASP n 
1 49  CYS n 
1 50  CYS n 
1 51  TYR n 
1 52  GLY n 
1 53  ARG n 
1 54  VAL n 
1 55  ASN n 
1 56  ASP n 
1 57  CYS n 
1 58  ASN n 
1 59  PRO n 
1 60  LYS n 
1 61  THR n 
1 62  ALA n 
1 63  THR n 
1 64  TYR n 
1 65  THR n 
1 66  TYR n 
1 67  SER n 
1 68  PHE n 
1 69  GLU n 
1 70  ASN n 
1 71  GLY n 
1 72  ASP n 
1 73  ILE n 
1 74  VAL n 
1 75  CYS n 
1 76  GLY n 
1 77  ASP n 
1 78  ASN n 
1 79  ASP n 
1 80  LEU n 
1 81  CYS n 
1 82  LEU n 
1 83  ARG n 
1 84  ALA n 
1 85  VAL n 
1 86  CYS n 
1 87  GLU n 
1 88  CYS n 
1 89  ASP n 
1 90  ARG n 
1 91  ALA n 
1 92  ALA n 
1 93  ALA n 
1 94  ILE n 
1 95  CYS n 
1 96  LEU n 
1 97  GLY n 
1 98  GLU n 
1 99  ASN n 
1 100 VAL n 
1 101 ASN n 
1 102 THR n 
1 103 TYR n 
1 104 ASP n 
1 105 LYS n 
1 106 ASN n 
1 107 TYR n 
1 108 GLU n 
1 109 TYR n 
1 110 TYR n 
1 111 SER n 
1 112 ILE n 
1 113 SER n 
1 114 HIS n 
1 115 CYS n 
1 116 THR n 
1 117 GLU n 
1 118 GLU n 
1 119 SER n 
1 120 GLU n 
1 121 GLN n 
1 122 CYS n 
# 
_entity_src_nat.entity_id                  1 
_entity_src_nat.pdbx_src_id                1 
_entity_src_nat.pdbx_alt_source_flag       sample 
_entity_src_nat.pdbx_beg_seq_num           ? 
_entity_src_nat.pdbx_end_seq_num           ? 
_entity_src_nat.common_name                'sand viper' 
_entity_src_nat.pdbx_organism_scientific   'Vipera ammodytes' 
_entity_src_nat.pdbx_ncbi_taxonomy_id      8704 
_entity_src_nat.genus                      Vipera 
_entity_src_nat.species                    ? 
_entity_src_nat.strain                     ? 
_entity_src_nat.tissue                     ? 
_entity_src_nat.tissue_fraction            ? 
_entity_src_nat.pdbx_secretion             ? 
_entity_src_nat.pdbx_fragment              ? 
_entity_src_nat.pdbx_variant               ? 
_entity_src_nat.pdbx_cell_line             ? 
_entity_src_nat.pdbx_atcc                  ? 
_entity_src_nat.pdbx_cellular_location     ? 
_entity_src_nat.pdbx_organ                 'VENOM GLAND' 
_entity_src_nat.pdbx_organelle             ? 
_entity_src_nat.pdbx_cell                  ? 
_entity_src_nat.pdbx_plasmid_name          ? 
_entity_src_nat.pdbx_plasmid_details       ? 
_entity_src_nat.details                    ? 
# 
loop_
_chem_comp.id 
_chem_comp.type 
_chem_comp.mon_nstd_flag 
_chem_comp.name 
_chem_comp.pdbx_synonyms 
_chem_comp.formula 
_chem_comp.formula_weight 
ALA 'L-peptide linking' y ALANINE         ? 'C3 H7 N O2'     89.093  
ARG 'L-peptide linking' y ARGININE        ? 'C6 H15 N4 O2 1' 175.209 
ASN 'L-peptide linking' y ASPARAGINE      ? 'C4 H8 N2 O3'    132.118 
ASP 'L-peptide linking' y 'ASPARTIC ACID' ? 'C4 H7 N O4'     133.103 
CYS 'L-peptide linking' y CYSTEINE        ? 'C3 H7 N O2 S'   121.158 
GLN 'L-peptide linking' y GLUTAMINE       ? 'C5 H10 N2 O3'   146.144 
GLU 'L-peptide linking' y 'GLUTAMIC ACID' ? 'C5 H9 N O4'     147.129 
GLY 'peptide linking'   y GLYCINE         ? 'C2 H5 N O2'     75.067  
HIS 'L-peptide linking' y HISTIDINE       ? 'C6 H10 N3 O2 1' 156.162 
HOH non-polymer         . WATER           ? 'H2 O'           18.015  
ILE 'L-peptide linking' y ISOLEUCINE      ? 'C6 H13 N O2'    131.173 
LEU 'L-peptide linking' y LEUCINE         ? 'C6 H13 N O2'    131.173 
LYS 'L-peptide linking' y LYSINE          ? 'C6 H15 N2 O2 1' 147.195 
MET 'L-peptide linking' y METHIONINE      ? 'C5 H11 N O2 S'  149.211 
PHE 'L-peptide linking' y PHENYLALANINE   ? 'C9 H11 N O2'    165.189 
PRO 'L-peptide linking' y PROLINE         ? 'C5 H9 N O2'     115.130 
SER 'L-peptide linking' y SERINE          ? 'C3 H7 N O3'     105.093 
THR 'L-peptide linking' y THREONINE       ? 'C4 H9 N O3'     119.119 
TRP 'L-peptide linking' y TRYPTOPHAN      ? 'C11 H12 N2 O2'  204.225 
TYR 'L-peptide linking' y TYROSINE        ? 'C9 H11 N O3'    181.189 
VAL 'L-peptide linking' y VALINE          ? 'C5 H11 N O2'    117.146 
# 
loop_
_pdbx_poly_seq_scheme.asym_id 
_pdbx_poly_seq_scheme.entity_id 
_pdbx_poly_seq_scheme.seq_id 
_pdbx_poly_seq_scheme.mon_id 
_pdbx_poly_seq_scheme.ndb_seq_num 
_pdbx_poly_seq_scheme.pdb_seq_num 
_pdbx_poly_seq_scheme.auth_seq_num 
_pdbx_poly_seq_scheme.pdb_mon_id 
_pdbx_poly_seq_scheme.auth_mon_id 
_pdbx_poly_seq_scheme.pdb_strand_id 
_pdbx_poly_seq_scheme.pdb_ins_code 
_pdbx_poly_seq_scheme.hetero 
A 1 1   ASN 1   1   1   ASN ASN A . n 
A 1 2   LEU 2   2   2   LEU LEU A . n 
A 1 3   PHE 3   3   3   PHE PHE A . n 
A 1 4   GLN 4   4   4   GLN GLN A . n 
A 1 5   PHE 5   5   5   PHE PHE A . n 
A 1 6   GLY 6   6   6   GLY GLY A . n 
A 1 7   ASP 7   7   7   ASP ASP A . n 
A 1 8   MET 8   8   8   MET MET A . n 
A 1 9   ILE 9   9   9   ILE ILE A . n 
A 1 10  LEU 10  10  10  LEU LEU A . n 
A 1 11  GLN 11  11  11  GLN GLN A . n 
A 1 12  LYS 12  12  12  LYS LYS A . n 
A 1 13  THR 13  13  13  THR THR A . n 
A 1 14  GLY 14  14  14  GLY GLY A . n 
A 1 15  LYS 15  16  16  LYS LYS A . n 
A 1 16  GLU 16  17  17  GLU GLU A . n 
A 1 17  ALA 17  18  18  ALA ALA A . n 
A 1 18  VAL 18  19  19  VAL VAL A . n 
A 1 19  HIS 19  20  20  HIS HIS A . n 
A 1 20  SER 20  21  21  SER SER A . n 
A 1 21  TYR 21  22  22  TYR TYR A . n 
A 1 22  ALA 22  23  23  ALA ALA A . n 
A 1 23  ILE 23  24  24  ILE ILE A . n 
A 1 24  TYR 24  25  25  TYR TYR A . n 
A 1 25  GLY 25  26  26  GLY GLY A . n 
A 1 26  CYS 26  27  27  CYS CYS A . n 
A 1 27  TYR 27  28  28  TYR TYR A . n 
A 1 28  CYS 28  29  29  CYS CYS A . n 
A 1 29  GLY 29  30  30  GLY GLY A . n 
A 1 30  TRP 30  31  31  TRP TRP A . n 
A 1 31  GLY 31  32  32  GLY GLY A . n 
A 1 32  GLY 32  33  33  GLY GLY A . n 
A 1 33  GLN 33  34  34  GLN GLN A . n 
A 1 34  GLY 34  35  35  GLY GLY A . n 
A 1 35  ARG 35  36  36  ARG ARG A . n 
A 1 36  ALA 36  37  37  ALA ALA A . n 
A 1 37  GLN 37  38  38  GLN GLN A . n 
A 1 38  ASP 38  39  39  ASP ASP A . n 
A 1 39  ALA 39  40  40  ALA ALA A . n 
A 1 40  THR 40  41  41  THR THR A . n 
A 1 41  ASP 41  42  42  ASP ASP A . n 
A 1 42  ARG 42  43  43  ARG ARG A . n 
A 1 43  CYS 43  44  44  CYS CYS A . n 
A 1 44  CYS 44  45  45  CYS CYS A . n 
A 1 45  PHE 45  46  46  PHE PHE A . n 
A 1 46  ALA 46  47  47  ALA ALA A . n 
A 1 47  GLN 47  48  48  GLN GLN A . n 
A 1 48  ASP 48  49  49  ASP ASP A . n 
A 1 49  CYS 49  50  50  CYS CYS A . n 
A 1 50  CYS 50  51  51  CYS CYS A . n 
A 1 51  TYR 51  52  52  TYR TYR A . n 
A 1 52  GLY 52  53  53  GLY GLY A . n 
A 1 53  ARG 53  54  54  ARG ARG A . n 
A 1 54  VAL 54  55  55  VAL VAL A . n 
A 1 55  ASN 55  56  56  ASN ASN A . n 
A 1 56  ASP 56  59  59  ASP ASP A . n 
A 1 57  CYS 57  61  61  CYS CYS A . n 
A 1 58  ASN 58  67  67  ASN ASN A . n 
A 1 59  PRO 59  68  68  PRO PRO A . n 
A 1 60  LYS 60  69  69  LYS LYS A . n 
A 1 61  THR 61  70  70  THR THR A . n 
A 1 62  ALA 62  71  71  ALA ALA A . n 
A 1 63  THR 63  72  72  THR THR A . n 
A 1 64  TYR 64  73  73  TYR TYR A . n 
A 1 65  THR 65  74  74  THR THR A . n 
A 1 66  TYR 66  75  75  TYR TYR A . n 
A 1 67  SER 67  76  76  SER SER A . n 
A 1 68  PHE 68  77  77  PHE PHE A . n 
A 1 69  GLU 69  78  78  GLU GLU A . n 
A 1 70  ASN 70  79  79  ASN ASN A . n 
A 1 71  GLY 71  80  80  GLY GLY A . n 
A 1 72  ASP 72  81  81  ASP ASP A . n 
A 1 73  ILE 73  82  82  ILE ILE A . n 
A 1 74  VAL 74  83  83  VAL VAL A . n 
A 1 75  CYS 75  84  84  CYS CYS A . n 
A 1 76  GLY 76  85  85  GLY GLY A . n 
A 1 77  ASP 77  86  86  ASP ASP A . n 
A 1 78  ASN 78  88  88  ASN ASN A . n 
A 1 79  ASP 79  89  89  ASP ASP A . n 
A 1 80  LEU 80  90  90  LEU LEU A . n 
A 1 81  CYS 81  91  91  CYS CYS A . n 
A 1 82  LEU 82  92  92  LEU LEU A . n 
A 1 83  ARG 83  93  93  ARG ARG A . n 
A 1 84  ALA 84  94  94  ALA ALA A . n 
A 1 85  VAL 85  95  95  VAL VAL A . n 
A 1 86  CYS 86  96  96  CYS CYS A . n 
A 1 87  GLU 87  97  97  GLU GLU A . n 
A 1 88  CYS 88  98  98  CYS CYS A . n 
A 1 89  ASP 89  99  99  ASP ASP A . n 
A 1 90  ARG 90  100 100 ARG ARG A . n 
A 1 91  ALA 91  101 101 ALA ALA A . n 
A 1 92  ALA 92  102 102 ALA ALA A . n 
A 1 93  ALA 93  103 103 ALA ALA A . n 
A 1 94  ILE 94  104 104 ILE ILE A . n 
A 1 95  CYS 95  105 105 CYS CYS A . n 
A 1 96  LEU 96  106 106 LEU LEU A . n 
A 1 97  GLY 97  107 107 GLY GLY A . n 
A 1 98  GLU 98  108 108 GLU GLU A . n 
A 1 99  ASN 99  109 109 ASN ASN A . n 
A 1 100 VAL 100 110 110 VAL VAL A . n 
A 1 101 ASN 101 111 111 ASN ASN A . n 
A 1 102 THR 102 112 112 THR THR A . n 
A 1 103 TYR 103 113 113 TYR TYR A . n 
A 1 104 ASP 104 114 114 ASP ASP A . n 
A 1 105 LYS 105 115 115 LYS LYS A . n 
A 1 106 ASN 106 116 116 ASN ASN A . n 
A 1 107 TYR 107 117 117 TYR TYR A . n 
A 1 108 GLU 108 118 118 GLU GLU A . n 
A 1 109 TYR 109 119 119 TYR TYR A . n 
A 1 110 TYR 110 120 120 TYR TYR A . n 
A 1 111 SER 111 121 121 SER SER A . n 
A 1 112 ILE 112 122 122 ILE ILE A . n 
A 1 113 SER 113 124 124 SER SER A . n 
A 1 114 HIS 114 125 125 HIS HIS A . n 
A 1 115 CYS 115 126 126 CYS CYS A . n 
A 1 116 THR 116 127 127 THR THR A . n 
A 1 117 GLU 117 128 128 GLU GLU A . n 
A 1 118 GLU 118 129 129 GLU GLU A . n 
A 1 119 SER 119 130 130 SER SER A . n 
A 1 120 GLU 120 131 131 GLU GLU A . n 
A 1 121 GLN 121 132 132 GLN GLN A . n 
A 1 122 CYS 122 133 133 CYS CYS A . n 
# 
loop_
_pdbx_nonpoly_scheme.asym_id 
_pdbx_nonpoly_scheme.entity_id 
_pdbx_nonpoly_scheme.mon_id 
_pdbx_nonpoly_scheme.ndb_seq_num 
_pdbx_nonpoly_scheme.pdb_seq_num 
_pdbx_nonpoly_scheme.auth_seq_num 
_pdbx_nonpoly_scheme.pdb_mon_id 
_pdbx_nonpoly_scheme.auth_mon_id 
_pdbx_nonpoly_scheme.pdb_strand_id 
_pdbx_nonpoly_scheme.pdb_ins_code 
B 2 HOH 1   134 1   HOH HOH A . 
B 2 HOH 2   135 2   HOH HOH A . 
B 2 HOH 3   136 3   HOH HOH A . 
B 2 HOH 4   137 4   HOH HOH A . 
B 2 HOH 5   138 5   HOH HOH A . 
B 2 HOH 6   139 6   HOH HOH A . 
B 2 HOH 7   140 7   HOH HOH A . 
B 2 HOH 8   141 8   HOH HOH A . 
B 2 HOH 9   142 9   HOH HOH A . 
B 2 HOH 10  143 10  HOH HOH A . 
B 2 HOH 11  144 11  HOH HOH A . 
B 2 HOH 12  145 12  HOH HOH A . 
B 2 HOH 13  146 13  HOH HOH A . 
B 2 HOH 14  147 14  HOH HOH A . 
B 2 HOH 15  148 15  HOH HOH A . 
B 2 HOH 16  149 16  HOH HOH A . 
B 2 HOH 17  150 17  HOH HOH A . 
B 2 HOH 18  151 18  HOH HOH A . 
B 2 HOH 19  152 19  HOH HOH A . 
B 2 HOH 20  153 20  HOH HOH A . 
B 2 HOH 21  154 21  HOH HOH A . 
B 2 HOH 22  155 22  HOH HOH A . 
B 2 HOH 23  156 23  HOH HOH A . 
B 2 HOH 24  157 24  HOH HOH A . 
B 2 HOH 25  158 25  HOH HOH A . 
B 2 HOH 26  159 26  HOH HOH A . 
B 2 HOH 27  160 27  HOH HOH A . 
B 2 HOH 28  161 28  HOH HOH A . 
B 2 HOH 29  162 29  HOH HOH A . 
B 2 HOH 30  163 30  HOH HOH A . 
B 2 HOH 31  164 31  HOH HOH A . 
B 2 HOH 32  165 32  HOH HOH A . 
B 2 HOH 33  166 33  HOH HOH A . 
B 2 HOH 34  167 34  HOH HOH A . 
B 2 HOH 35  168 35  HOH HOH A . 
B 2 HOH 36  169 36  HOH HOH A . 
B 2 HOH 37  170 37  HOH HOH A . 
B 2 HOH 38  171 38  HOH HOH A . 
B 2 HOH 39  172 39  HOH HOH A . 
B 2 HOH 40  173 40  HOH HOH A . 
B 2 HOH 41  174 41  HOH HOH A . 
B 2 HOH 42  175 42  HOH HOH A . 
B 2 HOH 43  176 43  HOH HOH A . 
B 2 HOH 44  177 44  HOH HOH A . 
B 2 HOH 45  178 45  HOH HOH A . 
B 2 HOH 46  179 46  HOH HOH A . 
B 2 HOH 47  180 47  HOH HOH A . 
B 2 HOH 48  181 48  HOH HOH A . 
B 2 HOH 49  182 49  HOH HOH A . 
B 2 HOH 50  183 50  HOH HOH A . 
B 2 HOH 51  184 51  HOH HOH A . 
B 2 HOH 52  185 52  HOH HOH A . 
B 2 HOH 53  186 53  HOH HOH A . 
B 2 HOH 54  187 54  HOH HOH A . 
B 2 HOH 55  188 55  HOH HOH A . 
B 2 HOH 56  189 56  HOH HOH A . 
B 2 HOH 57  190 57  HOH HOH A . 
B 2 HOH 58  191 58  HOH HOH A . 
B 2 HOH 59  192 59  HOH HOH A . 
B 2 HOH 60  193 60  HOH HOH A . 
B 2 HOH 61  194 61  HOH HOH A . 
B 2 HOH 62  195 62  HOH HOH A . 
B 2 HOH 63  196 63  HOH HOH A . 
B 2 HOH 64  197 64  HOH HOH A . 
B 2 HOH 65  198 65  HOH HOH A . 
B 2 HOH 66  199 66  HOH HOH A . 
B 2 HOH 67  200 67  HOH HOH A . 
B 2 HOH 68  201 68  HOH HOH A . 
B 2 HOH 69  202 69  HOH HOH A . 
B 2 HOH 70  203 70  HOH HOH A . 
B 2 HOH 71  204 71  HOH HOH A . 
B 2 HOH 72  205 72  HOH HOH A . 
B 2 HOH 73  206 73  HOH HOH A . 
B 2 HOH 74  207 74  HOH HOH A . 
B 2 HOH 75  208 75  HOH HOH A . 
B 2 HOH 76  209 76  HOH HOH A . 
B 2 HOH 77  210 77  HOH HOH A . 
B 2 HOH 78  211 78  HOH HOH A . 
B 2 HOH 79  212 79  HOH HOH A . 
B 2 HOH 80  213 80  HOH HOH A . 
B 2 HOH 81  214 81  HOH HOH A . 
B 2 HOH 82  215 82  HOH HOH A . 
B 2 HOH 83  216 83  HOH HOH A . 
B 2 HOH 84  217 84  HOH HOH A . 
B 2 HOH 85  218 85  HOH HOH A . 
B 2 HOH 86  219 86  HOH HOH A . 
B 2 HOH 87  220 87  HOH HOH A . 
B 2 HOH 88  221 88  HOH HOH A . 
B 2 HOH 89  222 89  HOH HOH A . 
B 2 HOH 90  223 90  HOH HOH A . 
B 2 HOH 91  224 91  HOH HOH A . 
B 2 HOH 92  225 92  HOH HOH A . 
B 2 HOH 93  226 93  HOH HOH A . 
B 2 HOH 94  227 94  HOH HOH A . 
B 2 HOH 95  228 95  HOH HOH A . 
B 2 HOH 96  229 96  HOH HOH A . 
B 2 HOH 97  230 97  HOH HOH A . 
B 2 HOH 98  231 98  HOH HOH A . 
B 2 HOH 99  232 99  HOH HOH A . 
B 2 HOH 100 233 100 HOH HOH A . 
B 2 HOH 101 234 101 HOH HOH A . 
B 2 HOH 102 235 102 HOH HOH A . 
B 2 HOH 103 236 103 HOH HOH A . 
B 2 HOH 104 237 104 HOH HOH A . 
B 2 HOH 105 238 105 HOH HOH A . 
B 2 HOH 106 239 106 HOH HOH A . 
B 2 HOH 107 240 107 HOH HOH A . 
B 2 HOH 108 241 108 HOH HOH A . 
B 2 HOH 109 242 109 HOH HOH A . 
B 2 HOH 110 243 110 HOH HOH A . 
B 2 HOH 111 244 111 HOH HOH A . 
B 2 HOH 112 245 112 HOH HOH A . 
B 2 HOH 113 246 113 HOH HOH A . 
B 2 HOH 114 247 114 HOH HOH A . 
B 2 HOH 115 248 115 HOH HOH A . 
B 2 HOH 116 249 116 HOH HOH A . 
# 
loop_
_software.name 
_software.classification 
_software.version 
_software.citation_id 
_software.pdbx_ordinal 
LOCAL    'data collection' .        ? 1 
BLANC    'data reduction'  .        ? 2 
X-PLOR   'model building'  3.1      ? 3 
X-PLOR   refinement        3.1      ? 4 
IN-HOUSE 'data reduction'  SOFTWARE ? 5 
BLANC    'data scaling'    .        ? 6 
X-PLOR   phasing           3.1      ? 7 
# 
_cell.entry_id           1VPI 
_cell.length_a           68.900 
_cell.length_b           68.900 
_cell.length_c           52.400 
_cell.angle_alpha        90.00 
_cell.angle_beta         90.00 
_cell.angle_gamma        90.00 
_cell.Z_PDB              8 
_cell.pdbx_unique_axis   ? 
# 
_symmetry.entry_id                         1VPI 
_symmetry.space_group_name_H-M             'P 43 21 2' 
_symmetry.pdbx_full_space_group_name_H-M   ? 
_symmetry.cell_setting                     ? 
_symmetry.Int_Tables_number                96 
# 
_exptl.entry_id          1VPI 
_exptl.method            'X-RAY DIFFRACTION' 
_exptl.crystals_number   1 
# 
_exptl_crystal.id                    1 
_exptl_crystal.density_meas          ? 
_exptl_crystal.density_Matthews      2.3 
_exptl_crystal.density_percent_sol   46.00 
_exptl_crystal.description           ? 
# 
_exptl_crystal_grow.crystal_id      1 
_exptl_crystal_grow.method          ? 
_exptl_crystal_grow.temp            ? 
_exptl_crystal_grow.temp_details    ? 
_exptl_crystal_grow.pH              8.3 
_exptl_crystal_grow.pdbx_pH_range   ? 
_exptl_crystal_grow.pdbx_details    'PROTEIN WAS CRYSTALLIZED FROM 52% AMMONIUM SULFATE, 0.5% MPD, 100 MM TRIS, PH 8.3' 
# 
_diffrn.id                     1 
_diffrn.ambient_temp           293 
_diffrn.ambient_temp_details   ? 
_diffrn.crystal_id             1 
# 
_diffrn_detector.diffrn_id              1 
_diffrn_detector.detector               'AREA DETECTOR' 
_diffrn_detector.type                   'OIIF, DUBNA, RUSSIA' 
_diffrn_detector.pdbx_collection_date   1993-06 
_diffrn_detector.details                COLLIMATOR 
# 
_diffrn_radiation.diffrn_id                        1 
_diffrn_radiation.wavelength_id                    1 
_diffrn_radiation.pdbx_monochromatic_or_laue_m_l   M 
_diffrn_radiation.monochromator                    'GRAPHITE(002)' 
_diffrn_radiation.pdbx_diffrn_protocol             ? 
_diffrn_radiation.pdbx_scattering_type             x-ray 
# 
_diffrn_radiation_wavelength.id           1 
_diffrn_radiation_wavelength.wavelength   1.5418 
_diffrn_radiation_wavelength.wt           1.0 
# 
_diffrn_source.diffrn_id                   1 
_diffrn_source.source                      'SEALED TUBE' 
_diffrn_source.type                        ? 
_diffrn_source.pdbx_synchrotron_site       ? 
_diffrn_source.pdbx_synchrotron_beamline   ? 
_diffrn_source.pdbx_wavelength             1.5418 
_diffrn_source.pdbx_wavelength_list        ? 
# 
_reflns.entry_id                     1VPI 
_reflns.observed_criterion_sigma_I   1. 
_reflns.observed_criterion_sigma_F   ? 
_reflns.d_resolution_low             ? 
_reflns.d_resolution_high            1.76 
_reflns.number_obs                   11854 
_reflns.number_all                   ? 
_reflns.percent_possible_obs         98. 
_reflns.pdbx_Rmerge_I_obs            0.062 
_reflns.pdbx_Rsym_value              0.058 
_reflns.pdbx_netI_over_sigmaI        ? 
_reflns.B_iso_Wilson_estimate        20.7 
_reflns.pdbx_redundancy              4.2 
_reflns.pdbx_ordinal                 1 
_reflns.pdbx_diffrn_id               1 
# 
_reflns_shell.d_res_high             1.76 
_reflns_shell.d_res_low              1.86 
_reflns_shell.percent_possible_all   48. 
_reflns_shell.Rmerge_I_obs           ? 
_reflns_shell.pdbx_Rsym_value        ? 
_reflns_shell.meanI_over_sigI_obs    ? 
_reflns_shell.pdbx_redundancy        ? 
_reflns_shell.pdbx_ordinal           1 
_reflns_shell.pdbx_diffrn_id         1 
# 
_refine.entry_id                                 1VPI 
_refine.ls_number_reflns_obs                     9825 
_refine.ls_number_reflns_all                     ? 
_refine.pdbx_ls_sigma_I                          ? 
_refine.pdbx_ls_sigma_F                          2.5 
_refine.pdbx_data_cutoff_high_absF               ? 
_refine.pdbx_data_cutoff_low_absF                ? 
_refine.pdbx_data_cutoff_high_rms_absF           ? 
_refine.ls_d_res_low                             6. 
_refine.ls_d_res_high                            1.76 
_refine.ls_percent_reflns_obs                    98. 
_refine.ls_R_factor_obs                          0.155 
_refine.ls_R_factor_all                          ? 
_refine.ls_R_factor_R_work                       0.155 
_refine.ls_R_factor_R_free                       ? 
_refine.ls_R_factor_R_free_error                 ? 
_refine.ls_R_factor_R_free_error_details         ? 
_refine.ls_percent_reflns_R_free                 ? 
_refine.ls_number_reflns_R_free                  ? 
_refine.ls_number_parameters                     ? 
_refine.ls_number_restraints                     ? 
_refine.occupancy_min                            ? 
_refine.occupancy_max                            ? 
_refine.B_iso_mean                               24.7 
_refine.aniso_B[1][1]                            ? 
_refine.aniso_B[2][2]                            ? 
_refine.aniso_B[3][3]                            ? 
_refine.aniso_B[1][2]                            ? 
_refine.aniso_B[1][3]                            ? 
_refine.aniso_B[2][3]                            ? 
_refine.solvent_model_details                    ? 
_refine.solvent_model_param_ksol                 ? 
_refine.solvent_model_param_bsol                 ? 
_refine.pdbx_ls_cross_valid_method               ? 
_refine.details                                  ? 
_refine.pdbx_starting_model                      'PDB ENTRY 1PP2' 
_refine.pdbx_method_to_determine_struct          'MOLECULAR REPLACEMENT' 
_refine.pdbx_isotropic_thermal_model             ? 
_refine.pdbx_stereochemistry_target_values       ? 
_refine.pdbx_stereochem_target_val_spec_case     ? 
_refine.pdbx_R_Free_selection_details            ? 
_refine.pdbx_overall_ESU_R                       ? 
_refine.pdbx_overall_ESU_R_Free                  ? 
_refine.overall_SU_ML                            ? 
_refine.overall_SU_B                             ? 
_refine.pdbx_refine_id                           'X-RAY DIFFRACTION' 
_refine.pdbx_diffrn_id                           1 
_refine.pdbx_TLS_residual_ADP_flag               ? 
_refine.correlation_coeff_Fo_to_Fc               ? 
_refine.correlation_coeff_Fo_to_Fc_free          ? 
_refine.pdbx_solvent_vdw_probe_radii             ? 
_refine.pdbx_solvent_ion_probe_radii             ? 
_refine.pdbx_solvent_shrinkage_radii             ? 
_refine.pdbx_overall_phase_error                 ? 
_refine.overall_SU_R_Cruickshank_DPI             ? 
_refine.pdbx_overall_SU_R_free_Cruickshank_DPI   ? 
_refine.pdbx_overall_SU_R_Blow_DPI               ? 
_refine.pdbx_overall_SU_R_free_Blow_DPI          ? 
# 
_refine_analyze.entry_id                        1VPI 
_refine_analyze.Luzzati_coordinate_error_obs    0.18 
_refine_analyze.Luzzati_sigma_a_obs             ? 
_refine_analyze.Luzzati_d_res_low_obs           6. 
_refine_analyze.Luzzati_coordinate_error_free   ? 
_refine_analyze.Luzzati_sigma_a_free            ? 
_refine_analyze.Luzzati_d_res_low_free          ? 
_refine_analyze.number_disordered_residues      ? 
_refine_analyze.occupancy_sum_hydrogen          ? 
_refine_analyze.occupancy_sum_non_hydrogen      ? 
_refine_analyze.pdbx_refine_id                  'X-RAY DIFFRACTION' 
# 
_refine_hist.pdbx_refine_id                   'X-RAY DIFFRACTION' 
_refine_hist.cycle_id                         LAST 
_refine_hist.pdbx_number_atoms_protein        947 
_refine_hist.pdbx_number_atoms_nucleic_acid   0 
_refine_hist.pdbx_number_atoms_ligand         0 
_refine_hist.number_atoms_solvent             116 
_refine_hist.number_atoms_total               1063 
_refine_hist.d_res_high                       1.76 
_refine_hist.d_res_low                        6. 
# 
loop_
_refine_ls_restr.type 
_refine_ls_restr.dev_ideal 
_refine_ls_restr.dev_ideal_target 
_refine_ls_restr.weight 
_refine_ls_restr.number 
_refine_ls_restr.pdbx_refine_id 
_refine_ls_restr.pdbx_restraint_function 
x_bond_d                0.012 ? ? ? 'X-RAY DIFFRACTION' ? 
x_bond_d_na             ?     ? ? ? 'X-RAY DIFFRACTION' ? 
x_bond_d_prot           ?     ? ? ? 'X-RAY DIFFRACTION' ? 
x_angle_d               ?     ? ? ? 'X-RAY DIFFRACTION' ? 
x_angle_d_na            ?     ? ? ? 'X-RAY DIFFRACTION' ? 
x_angle_d_prot          ?     ? ? ? 'X-RAY DIFFRACTION' ? 
x_angle_deg             1.66  ? ? ? 'X-RAY DIFFRACTION' ? 
x_angle_deg_na          ?     ? ? ? 'X-RAY DIFFRACTION' ? 
x_angle_deg_prot        ?     ? ? ? 'X-RAY DIFFRACTION' ? 
x_dihedral_angle_d      22.25 ? ? ? 'X-RAY DIFFRACTION' ? 
x_dihedral_angle_d_na   ?     ? ? ? 'X-RAY DIFFRACTION' ? 
x_dihedral_angle_d_prot ?     ? ? ? 'X-RAY DIFFRACTION' ? 
x_improper_angle_d      1.55  ? ? ? 'X-RAY DIFFRACTION' ? 
x_improper_angle_d_na   ?     ? ? ? 'X-RAY DIFFRACTION' ? 
x_improper_angle_d_prot ?     ? ? ? 'X-RAY DIFFRACTION' ? 
x_mcbond_it             ?     ? ? ? 'X-RAY DIFFRACTION' ? 
x_mcangle_it            ?     ? ? ? 'X-RAY DIFFRACTION' ? 
x_scbond_it             ?     ? ? ? 'X-RAY DIFFRACTION' ? 
x_scangle_it            ?     ? ? ? 'X-RAY DIFFRACTION' ? 
# 
_struct.entry_id                  1VPI 
_struct.title                     'PHOSPHOLIPASE A2 INHIBITOR FROM VIPOXIN' 
_struct.pdbx_model_details        ? 
_struct.pdbx_CASP_flag            ? 
_struct.pdbx_model_type_details   ? 
# 
_struct_keywords.entry_id        1VPI 
_struct_keywords.pdbx_keywords   NEUROTOXIN 
_struct_keywords.text            'PHOSPHOLIPASE A2 INHIBITOR, RECOGNITION, MOLECULAR EVOLUTION, NEUROTOXIN' 
# 
loop_
_struct_asym.id 
_struct_asym.pdbx_blank_PDB_chainid_flag 
_struct_asym.pdbx_modified 
_struct_asym.entity_id 
_struct_asym.details 
A N N 1 ? 
B N N 2 ? 
# 
_struct_ref.id                         1 
_struct_ref.db_name                    UNP 
_struct_ref.db_code                    PA2I_VIPAE 
_struct_ref.entity_id                  1 
_struct_ref.pdbx_db_accession          P04084 
_struct_ref.pdbx_align_begin           1 
_struct_ref.pdbx_seq_one_letter_code   
;NLFQFGDMILQKTGKEAVHSYAIYGCYCGWGGQGRAQDATDRCCFAQDCCYGRVNDCNPKTATYTYSFENGDIVCGDNDL
CLRAVCECDRAAAICLGENVNTYDKNYEYYSISHCTEESEQC
;
_struct_ref.pdbx_db_isoform            ? 
# 
_struct_ref_seq.align_id                      1 
_struct_ref_seq.ref_id                        1 
_struct_ref_seq.pdbx_PDB_id_code              1VPI 
_struct_ref_seq.pdbx_strand_id                A 
_struct_ref_seq.seq_align_beg                 1 
_struct_ref_seq.pdbx_seq_align_beg_ins_code   ? 
_struct_ref_seq.seq_align_end                 122 
_struct_ref_seq.pdbx_seq_align_end_ins_code   ? 
_struct_ref_seq.pdbx_db_accession             P04084 
_struct_ref_seq.db_align_beg                  1 
_struct_ref_seq.pdbx_db_align_beg_ins_code    ? 
_struct_ref_seq.db_align_end                  122 
_struct_ref_seq.pdbx_db_align_end_ins_code    ? 
_struct_ref_seq.pdbx_auth_seq_align_beg       1 
_struct_ref_seq.pdbx_auth_seq_align_end       133 
# 
_pdbx_struct_assembly.id                   1 
_pdbx_struct_assembly.details              author_and_software_defined_assembly 
_pdbx_struct_assembly.method_details       PISA,PQS 
_pdbx_struct_assembly.oligomeric_details   dimeric 
_pdbx_struct_assembly.oligomeric_count     2 
# 
loop_
_pdbx_struct_assembly_prop.biol_id 
_pdbx_struct_assembly_prop.type 
_pdbx_struct_assembly_prop.value 
_pdbx_struct_assembly_prop.details 
1 'ABSA (A^2)' 2870  ? 
1 MORE         -20   ? 
1 'SSA (A^2)'  10950 ? 
# 
_pdbx_struct_assembly_gen.assembly_id       1 
_pdbx_struct_assembly_gen.oper_expression   1,2 
_pdbx_struct_assembly_gen.asym_id_list      A,B 
# 
loop_
_pdbx_struct_oper_list.id 
_pdbx_struct_oper_list.type 
_pdbx_struct_oper_list.name 
_pdbx_struct_oper_list.symmetry_operation 
_pdbx_struct_oper_list.matrix[1][1] 
_pdbx_struct_oper_list.matrix[1][2] 
_pdbx_struct_oper_list.matrix[1][3] 
_pdbx_struct_oper_list.vector[1] 
_pdbx_struct_oper_list.matrix[2][1] 
_pdbx_struct_oper_list.matrix[2][2] 
_pdbx_struct_oper_list.matrix[2][3] 
_pdbx_struct_oper_list.vector[2] 
_pdbx_struct_oper_list.matrix[3][1] 
_pdbx_struct_oper_list.matrix[3][2] 
_pdbx_struct_oper_list.matrix[3][3] 
_pdbx_struct_oper_list.vector[3] 
1 'identity operation'         1_555 x,y,z            1.0000000000  0.0000000000  0.0000000000 0.0000000000  0.0000000000  1.0000000000  0.0000000000  0.0000000000  0.0000000000 0.0000000000  1.0000000000 0.0000000000 
2 'crystal symmetry operation' 8_665 -y+1,-x+1,-z+1/2 -0.9778648315 -0.1134059635 0.1758392981 -9.6679951614 -0.1134059635 -0.4189828481 -0.9008842659 12.7114244373 0.1758392981 -0.9008842659 0.3968476796 9.4151538118 
# 
_struct_biol.id   1 
# 
loop_
_struct_conf.conf_type_id 
_struct_conf.id 
_struct_conf.pdbx_PDB_helix_id 
_struct_conf.beg_label_comp_id 
_struct_conf.beg_label_asym_id 
_struct_conf.beg_label_seq_id 
_struct_conf.pdbx_beg_PDB_ins_code 
_struct_conf.end_label_comp_id 
_struct_conf.end_label_asym_id 
_struct_conf.end_label_seq_id 
_struct_conf.pdbx_end_PDB_ins_code 
_struct_conf.beg_auth_comp_id 
_struct_conf.beg_auth_asym_id 
_struct_conf.beg_auth_seq_id 
_struct_conf.end_auth_comp_id 
_struct_conf.end_auth_asym_id 
_struct_conf.end_auth_seq_id 
_struct_conf.pdbx_PDB_helix_class 
_struct_conf.details 
_struct_conf.pdbx_PDB_helix_length 
HELX_P HELX_P1 A LEU A 2  ? THR A 13 ? LEU A 2  THR A 13  1 ? 12 
HELX_P HELX_P2 B ALA A 39 ? GLY A 52 ? ALA A 40 GLY A 53  1 ? 14 
HELX_P HELX_P3 C LEU A 80 ? ASN A 99 ? LEU A 90 ASN A 109 1 ? 20 
# 
_struct_conf_type.id          HELX_P 
_struct_conf_type.criteria    ? 
_struct_conf_type.reference   ? 
# 
loop_
_struct_conn.id 
_struct_conn.conn_type_id 
_struct_conn.pdbx_leaving_atom_flag 
_struct_conn.pdbx_PDB_id 
_struct_conn.ptnr1_label_asym_id 
_struct_conn.ptnr1_label_comp_id 
_struct_conn.ptnr1_label_seq_id 
_struct_conn.ptnr1_label_atom_id 
_struct_conn.pdbx_ptnr1_label_alt_id 
_struct_conn.pdbx_ptnr1_PDB_ins_code 
_struct_conn.pdbx_ptnr1_standard_comp_id 
_struct_conn.ptnr1_symmetry 
_struct_conn.ptnr2_label_asym_id 
_struct_conn.ptnr2_label_comp_id 
_struct_conn.ptnr2_label_seq_id 
_struct_conn.ptnr2_label_atom_id 
_struct_conn.pdbx_ptnr2_label_alt_id 
_struct_conn.pdbx_ptnr2_PDB_ins_code 
_struct_conn.ptnr1_auth_asym_id 
_struct_conn.ptnr1_auth_comp_id 
_struct_conn.ptnr1_auth_seq_id 
_struct_conn.ptnr2_auth_asym_id 
_struct_conn.ptnr2_auth_comp_id 
_struct_conn.ptnr2_auth_seq_id 
_struct_conn.ptnr2_symmetry 
_struct_conn.pdbx_ptnr3_label_atom_id 
_struct_conn.pdbx_ptnr3_label_seq_id 
_struct_conn.pdbx_ptnr3_label_comp_id 
_struct_conn.pdbx_ptnr3_label_asym_id 
_struct_conn.pdbx_ptnr3_label_alt_id 
_struct_conn.pdbx_ptnr3_PDB_ins_code 
_struct_conn.details 
_struct_conn.pdbx_dist_value 
_struct_conn.pdbx_value_order 
_struct_conn.pdbx_role 
disulf1 disulf ? ? A CYS 26 SG ? ? ? 1_555 A CYS 115 SG ? ? A CYS 27 A CYS 126 1_555 ? ? ? ? ? ? ? 2.018 ? ? 
disulf2 disulf ? ? A CYS 28 SG ? ? ? 1_555 A CYS 44  SG ? ? A CYS 29 A CYS 45  1_555 ? ? ? ? ? ? ? 2.024 ? ? 
disulf3 disulf ? ? A CYS 43 SG ? ? ? 1_555 A CYS 95  SG ? ? A CYS 44 A CYS 105 1_555 ? ? ? ? ? ? ? 2.035 ? ? 
disulf4 disulf ? ? A CYS 49 SG ? ? ? 1_555 A CYS 122 SG ? ? A CYS 50 A CYS 133 1_555 ? ? ? ? ? ? ? 2.040 ? ? 
disulf5 disulf ? ? A CYS 50 SG ? ? ? 1_555 A CYS 88  SG ? ? A CYS 51 A CYS 98  1_555 ? ? ? ? ? ? ? 2.008 ? ? 
disulf6 disulf ? ? A CYS 57 SG ? ? ? 1_555 A CYS 81  SG ? ? A CYS 61 A CYS 91  1_555 ? ? ? ? ? ? ? 2.017 ? ? 
disulf7 disulf ? ? A CYS 75 SG ? ? ? 1_555 A CYS 86  SG ? ? A CYS 84 A CYS 96  1_555 ? ? ? ? ? ? ? 2.007 ? ? 
# 
_struct_conn_type.id          disulf 
_struct_conn_type.criteria    ? 
_struct_conn_type.reference   ? 
# 
loop_
_pdbx_modification_feature.ordinal 
_pdbx_modification_feature.label_comp_id 
_pdbx_modification_feature.label_asym_id 
_pdbx_modification_feature.label_seq_id 
_pdbx_modification_feature.label_alt_id 
_pdbx_modification_feature.modified_residue_label_comp_id 
_pdbx_modification_feature.modified_residue_label_asym_id 
_pdbx_modification_feature.modified_residue_label_seq_id 
_pdbx_modification_feature.modified_residue_label_alt_id 
_pdbx_modification_feature.auth_comp_id 
_pdbx_modification_feature.auth_asym_id 
_pdbx_modification_feature.auth_seq_id 
_pdbx_modification_feature.PDB_ins_code 
_pdbx_modification_feature.symmetry 
_pdbx_modification_feature.modified_residue_auth_comp_id 
_pdbx_modification_feature.modified_residue_auth_asym_id 
_pdbx_modification_feature.modified_residue_auth_seq_id 
_pdbx_modification_feature.modified_residue_PDB_ins_code 
_pdbx_modification_feature.modified_residue_symmetry 
_pdbx_modification_feature.comp_id_linking_atom 
_pdbx_modification_feature.modified_residue_id_linking_atom 
_pdbx_modification_feature.modified_residue_id 
_pdbx_modification_feature.ref_pcm_id 
_pdbx_modification_feature.ref_comp_id 
_pdbx_modification_feature.type 
_pdbx_modification_feature.category 
1 CYS A 26 ? CYS A 115 ? CYS A 27 ? 1_555 CYS A 126 ? 1_555 SG SG . . . None 'Disulfide bridge' 
2 CYS A 28 ? CYS A 44  ? CYS A 29 ? 1_555 CYS A 45  ? 1_555 SG SG . . . None 'Disulfide bridge' 
3 CYS A 43 ? CYS A 95  ? CYS A 44 ? 1_555 CYS A 105 ? 1_555 SG SG . . . None 'Disulfide bridge' 
4 CYS A 49 ? CYS A 122 ? CYS A 50 ? 1_555 CYS A 133 ? 1_555 SG SG . . . None 'Disulfide bridge' 
5 CYS A 50 ? CYS A 88  ? CYS A 51 ? 1_555 CYS A 98  ? 1_555 SG SG . . . None 'Disulfide bridge' 
6 CYS A 57 ? CYS A 81  ? CYS A 61 ? 1_555 CYS A 91  ? 1_555 SG SG . . . None 'Disulfide bridge' 
7 CYS A 75 ? CYS A 86  ? CYS A 84 ? 1_555 CYS A 96  ? 1_555 SG SG . . . None 'Disulfide bridge' 
# 
_struct_sheet.id               A 
_struct_sheet.type             ? 
_struct_sheet.number_strands   2 
_struct_sheet.details          ? 
# 
_struct_sheet_order.sheet_id     A 
_struct_sheet_order.range_id_1   1 
_struct_sheet_order.range_id_2   2 
_struct_sheet_order.offset       ? 
_struct_sheet_order.sense        anti-parallel 
# 
loop_
_struct_sheet_range.sheet_id 
_struct_sheet_range.id 
_struct_sheet_range.beg_label_comp_id 
_struct_sheet_range.beg_label_asym_id 
_struct_sheet_range.beg_label_seq_id 
_struct_sheet_range.pdbx_beg_PDB_ins_code 
_struct_sheet_range.end_label_comp_id 
_struct_sheet_range.end_label_asym_id 
_struct_sheet_range.end_label_seq_id 
_struct_sheet_range.pdbx_end_PDB_ins_code 
_struct_sheet_range.beg_auth_comp_id 
_struct_sheet_range.beg_auth_asym_id 
_struct_sheet_range.beg_auth_seq_id 
_struct_sheet_range.end_auth_comp_id 
_struct_sheet_range.end_auth_asym_id 
_struct_sheet_range.end_auth_seq_id 
A 1 TYR A 66 ? GLU A 69 ? TYR A 75 GLU A 78 
A 2 ASP A 72 ? CYS A 75 ? ASP A 81 CYS A 84 
# 
_pdbx_struct_sheet_hbond.sheet_id                A 
_pdbx_struct_sheet_hbond.range_id_1              1 
_pdbx_struct_sheet_hbond.range_id_2              2 
_pdbx_struct_sheet_hbond.range_1_label_atom_id   O 
_pdbx_struct_sheet_hbond.range_1_label_comp_id   SER 
_pdbx_struct_sheet_hbond.range_1_label_asym_id   A 
_pdbx_struct_sheet_hbond.range_1_label_seq_id    67 
_pdbx_struct_sheet_hbond.range_1_PDB_ins_code    ? 
_pdbx_struct_sheet_hbond.range_1_auth_atom_id    O 
_pdbx_struct_sheet_hbond.range_1_auth_comp_id    SER 
_pdbx_struct_sheet_hbond.range_1_auth_asym_id    A 
_pdbx_struct_sheet_hbond.range_1_auth_seq_id     76 
_pdbx_struct_sheet_hbond.range_2_label_atom_id   N 
_pdbx_struct_sheet_hbond.range_2_label_comp_id   VAL 
_pdbx_struct_sheet_hbond.range_2_label_asym_id   A 
_pdbx_struct_sheet_hbond.range_2_label_seq_id    74 
_pdbx_struct_sheet_hbond.range_2_PDB_ins_code    ? 
_pdbx_struct_sheet_hbond.range_2_auth_atom_id    N 
_pdbx_struct_sheet_hbond.range_2_auth_comp_id    VAL 
_pdbx_struct_sheet_hbond.range_2_auth_asym_id    A 
_pdbx_struct_sheet_hbond.range_2_auth_seq_id     83 
# 
_struct_site.id                   RS 
_struct_site.pdbx_evidence_code   Unknown 
_struct_site.pdbx_auth_asym_id    ? 
_struct_site.pdbx_auth_comp_id    ? 
_struct_site.pdbx_auth_seq_id     ? 
_struct_site.pdbx_auth_ins_code   ? 
_struct_site.pdbx_num_residues    3 
_struct_site.details              'RECOGNITION SITE.' 
# 
loop_
_struct_site_gen.id 
_struct_site_gen.site_id 
_struct_site_gen.pdbx_num_res 
_struct_site_gen.label_comp_id 
_struct_site_gen.label_asym_id 
_struct_site_gen.label_seq_id 
_struct_site_gen.pdbx_auth_ins_code 
_struct_site_gen.auth_comp_id 
_struct_site_gen.auth_asym_id 
_struct_site_gen.auth_seq_id 
_struct_site_gen.label_atom_id 
_struct_site_gen.label_alt_id 
_struct_site_gen.symmetry 
_struct_site_gen.details 
1 RS 3 PHE A 3   ? PHE A 3   . ? 1_555 ? 
2 RS 3 TRP A 30  ? TRP A 31  . ? 1_555 ? 
3 RS 3 TYR A 109 ? TYR A 119 . ? 1_555 ? 
# 
_pdbx_entry_details.entry_id                   1VPI 
_pdbx_entry_details.compound_details           ? 
_pdbx_entry_details.source_details             ? 
_pdbx_entry_details.nonpolymer_details         ? 
_pdbx_entry_details.sequence_details           ? 
_pdbx_entry_details.has_ligand_of_interest     ? 
_pdbx_entry_details.has_protein_modification   Y 
# 
_pdbx_validate_rmsd_bond.id                        1 
_pdbx_validate_rmsd_bond.PDB_model_num             1 
_pdbx_validate_rmsd_bond.auth_atom_id_1            C 
_pdbx_validate_rmsd_bond.auth_asym_id_1            A 
_pdbx_validate_rmsd_bond.auth_comp_id_1            CYS 
_pdbx_validate_rmsd_bond.auth_seq_id_1             133 
_pdbx_validate_rmsd_bond.PDB_ins_code_1            ? 
_pdbx_validate_rmsd_bond.label_alt_id_1            ? 
_pdbx_validate_rmsd_bond.auth_atom_id_2            OXT 
_pdbx_validate_rmsd_bond.auth_asym_id_2            A 
_pdbx_validate_rmsd_bond.auth_comp_id_2            CYS 
_pdbx_validate_rmsd_bond.auth_seq_id_2             133 
_pdbx_validate_rmsd_bond.PDB_ins_code_2            ? 
_pdbx_validate_rmsd_bond.label_alt_id_2            ? 
_pdbx_validate_rmsd_bond.bond_value                1.005 
_pdbx_validate_rmsd_bond.bond_target_value         1.229 
_pdbx_validate_rmsd_bond.bond_deviation            -0.224 
_pdbx_validate_rmsd_bond.bond_standard_deviation   0.019 
_pdbx_validate_rmsd_bond.linker_flag               N 
# 
_pdbx_validate_rmsd_angle.id                         1 
_pdbx_validate_rmsd_angle.PDB_model_num              1 
_pdbx_validate_rmsd_angle.auth_atom_id_1             N 
_pdbx_validate_rmsd_angle.auth_asym_id_1             A 
_pdbx_validate_rmsd_angle.auth_comp_id_1             ASN 
_pdbx_validate_rmsd_angle.auth_seq_id_1              56 
_pdbx_validate_rmsd_angle.PDB_ins_code_1             ? 
_pdbx_validate_rmsd_angle.label_alt_id_1             ? 
_pdbx_validate_rmsd_angle.auth_atom_id_2             CA 
_pdbx_validate_rmsd_angle.auth_asym_id_2             A 
_pdbx_validate_rmsd_angle.auth_comp_id_2             ASN 
_pdbx_validate_rmsd_angle.auth_seq_id_2              56 
_pdbx_validate_rmsd_angle.PDB_ins_code_2             ? 
_pdbx_validate_rmsd_angle.label_alt_id_2             ? 
_pdbx_validate_rmsd_angle.auth_atom_id_3             C 
_pdbx_validate_rmsd_angle.auth_asym_id_3             A 
_pdbx_validate_rmsd_angle.auth_comp_id_3             ASN 
_pdbx_validate_rmsd_angle.auth_seq_id_3              56 
_pdbx_validate_rmsd_angle.PDB_ins_code_3             ? 
_pdbx_validate_rmsd_angle.label_alt_id_3             ? 
_pdbx_validate_rmsd_angle.angle_value                127.41 
_pdbx_validate_rmsd_angle.angle_target_value         111.00 
_pdbx_validate_rmsd_angle.angle_deviation            16.41 
_pdbx_validate_rmsd_angle.angle_standard_deviation   2.70 
_pdbx_validate_rmsd_angle.linker_flag                N 
# 
loop_
_pdbx_validate_torsion.id 
_pdbx_validate_torsion.PDB_model_num 
_pdbx_validate_torsion.auth_comp_id 
_pdbx_validate_torsion.auth_asym_id 
_pdbx_validate_torsion.auth_seq_id 
_pdbx_validate_torsion.PDB_ins_code 
_pdbx_validate_torsion.label_alt_id 
_pdbx_validate_torsion.phi 
_pdbx_validate_torsion.psi 
1 1 SER A 21  ? ? -140.18 -85.07  
2 1 ASN A 56  ? ? -98.61  -90.63  
3 1 ASN A 79  ? ? 75.71   -109.08 
4 1 CYS A 126 ? ? -118.58 58.73   
5 1 GLU A 128 ? ? -38.67  156.26  
# 
_pdbx_validate_planes.id              1 
_pdbx_validate_planes.PDB_model_num   1 
_pdbx_validate_planes.auth_comp_id    TYR 
_pdbx_validate_planes.auth_asym_id    A 
_pdbx_validate_planes.auth_seq_id     119 
_pdbx_validate_planes.PDB_ins_code    ? 
_pdbx_validate_planes.label_alt_id    ? 
_pdbx_validate_planes.rmsd            0.063 
_pdbx_validate_planes.type            'SIDE CHAIN' 
# 
loop_
_pdbx_struct_special_symmetry.id 
_pdbx_struct_special_symmetry.PDB_model_num 
_pdbx_struct_special_symmetry.auth_asym_id 
_pdbx_struct_special_symmetry.auth_comp_id 
_pdbx_struct_special_symmetry.auth_seq_id 
_pdbx_struct_special_symmetry.PDB_ins_code 
_pdbx_struct_special_symmetry.label_asym_id 
_pdbx_struct_special_symmetry.label_comp_id 
_pdbx_struct_special_symmetry.label_seq_id 
1 1 A HOH 134 ? B HOH . 
2 1 A HOH 170 ? B HOH . 
3 1 A HOH 175 ? B HOH . 
# 
loop_
_chem_comp_atom.comp_id 
_chem_comp_atom.atom_id 
_chem_comp_atom.type_symbol 
_chem_comp_atom.pdbx_aromatic_flag 
_chem_comp_atom.pdbx_stereo_config 
_chem_comp_atom.pdbx_ordinal 
ALA N    N N N 1   
ALA CA   C N S 2   
ALA C    C N N 3   
ALA O    O N N 4   
ALA CB   C N N 5   
ALA OXT  O N N 6   
ALA H    H N N 7   
ALA H2   H N N 8   
ALA HA   H N N 9   
ALA HB1  H N N 10  
ALA HB2  H N N 11  
ALA HB3  H N N 12  
ALA HXT  H N N 13  
ARG N    N N N 14  
ARG CA   C N S 15  
ARG C    C N N 16  
ARG O    O N N 17  
ARG CB   C N N 18  
ARG CG   C N N 19  
ARG CD   C N N 20  
ARG NE   N N N 21  
ARG CZ   C N N 22  
ARG NH1  N N N 23  
ARG NH2  N N N 24  
ARG OXT  O N N 25  
ARG H    H N N 26  
ARG H2   H N N 27  
ARG HA   H N N 28  
ARG HB2  H N N 29  
ARG HB3  H N N 30  
ARG HG2  H N N 31  
ARG HG3  H N N 32  
ARG HD2  H N N 33  
ARG HD3  H N N 34  
ARG HE   H N N 35  
ARG HH11 H N N 36  
ARG HH12 H N N 37  
ARG HH21 H N N 38  
ARG HH22 H N N 39  
ARG HXT  H N N 40  
ASN N    N N N 41  
ASN CA   C N S 42  
ASN C    C N N 43  
ASN O    O N N 44  
ASN CB   C N N 45  
ASN CG   C N N 46  
ASN OD1  O N N 47  
ASN ND2  N N N 48  
ASN OXT  O N N 49  
ASN H    H N N 50  
ASN H2   H N N 51  
ASN HA   H N N 52  
ASN HB2  H N N 53  
ASN HB3  H N N 54  
ASN HD21 H N N 55  
ASN HD22 H N N 56  
ASN HXT  H N N 57  
ASP N    N N N 58  
ASP CA   C N S 59  
ASP C    C N N 60  
ASP O    O N N 61  
ASP CB   C N N 62  
ASP CG   C N N 63  
ASP OD1  O N N 64  
ASP OD2  O N N 65  
ASP OXT  O N N 66  
ASP H    H N N 67  
ASP H2   H N N 68  
ASP HA   H N N 69  
ASP HB2  H N N 70  
ASP HB3  H N N 71  
ASP HD2  H N N 72  
ASP HXT  H N N 73  
CYS N    N N N 74  
CYS CA   C N R 75  
CYS C    C N N 76  
CYS O    O N N 77  
CYS CB   C N N 78  
CYS SG   S N N 79  
CYS OXT  O N N 80  
CYS H    H N N 81  
CYS H2   H N N 82  
CYS HA   H N N 83  
CYS HB2  H N N 84  
CYS HB3  H N N 85  
CYS HG   H N N 86  
CYS HXT  H N N 87  
GLN N    N N N 88  
GLN CA   C N S 89  
GLN C    C N N 90  
GLN O    O N N 91  
GLN CB   C N N 92  
GLN CG   C N N 93  
GLN CD   C N N 94  
GLN OE1  O N N 95  
GLN NE2  N N N 96  
GLN OXT  O N N 97  
GLN H    H N N 98  
GLN H2   H N N 99  
GLN HA   H N N 100 
GLN HB2  H N N 101 
GLN HB3  H N N 102 
GLN HG2  H N N 103 
GLN HG3  H N N 104 
GLN HE21 H N N 105 
GLN HE22 H N N 106 
GLN HXT  H N N 107 
GLU N    N N N 108 
GLU CA   C N S 109 
GLU C    C N N 110 
GLU O    O N N 111 
GLU CB   C N N 112 
GLU CG   C N N 113 
GLU CD   C N N 114 
GLU OE1  O N N 115 
GLU OE2  O N N 116 
GLU OXT  O N N 117 
GLU H    H N N 118 
GLU H2   H N N 119 
GLU HA   H N N 120 
GLU HB2  H N N 121 
GLU HB3  H N N 122 
GLU HG2  H N N 123 
GLU HG3  H N N 124 
GLU HE2  H N N 125 
GLU HXT  H N N 126 
GLY N    N N N 127 
GLY CA   C N N 128 
GLY C    C N N 129 
GLY O    O N N 130 
GLY OXT  O N N 131 
GLY H    H N N 132 
GLY H2   H N N 133 
GLY HA2  H N N 134 
GLY HA3  H N N 135 
GLY HXT  H N N 136 
HIS N    N N N 137 
HIS CA   C N S 138 
HIS C    C N N 139 
HIS O    O N N 140 
HIS CB   C N N 141 
HIS CG   C Y N 142 
HIS ND1  N Y N 143 
HIS CD2  C Y N 144 
HIS CE1  C Y N 145 
HIS NE2  N Y N 146 
HIS OXT  O N N 147 
HIS H    H N N 148 
HIS H2   H N N 149 
HIS HA   H N N 150 
HIS HB2  H N N 151 
HIS HB3  H N N 152 
HIS HD1  H N N 153 
HIS HD2  H N N 154 
HIS HE1  H N N 155 
HIS HE2  H N N 156 
HIS HXT  H N N 157 
HOH O    O N N 158 
HOH H1   H N N 159 
HOH H2   H N N 160 
ILE N    N N N 161 
ILE CA   C N S 162 
ILE C    C N N 163 
ILE O    O N N 164 
ILE CB   C N S 165 
ILE CG1  C N N 166 
ILE CG2  C N N 167 
ILE CD1  C N N 168 
ILE OXT  O N N 169 
ILE H    H N N 170 
ILE H2   H N N 171 
ILE HA   H N N 172 
ILE HB   H N N 173 
ILE HG12 H N N 174 
ILE HG13 H N N 175 
ILE HG21 H N N 176 
ILE HG22 H N N 177 
ILE HG23 H N N 178 
ILE HD11 H N N 179 
ILE HD12 H N N 180 
ILE HD13 H N N 181 
ILE HXT  H N N 182 
LEU N    N N N 183 
LEU CA   C N S 184 
LEU C    C N N 185 
LEU O    O N N 186 
LEU CB   C N N 187 
LEU CG   C N N 188 
LEU CD1  C N N 189 
LEU CD2  C N N 190 
LEU OXT  O N N 191 
LEU H    H N N 192 
LEU H2   H N N 193 
LEU HA   H N N 194 
LEU HB2  H N N 195 
LEU HB3  H N N 196 
LEU HG   H N N 197 
LEU HD11 H N N 198 
LEU HD12 H N N 199 
LEU HD13 H N N 200 
LEU HD21 H N N 201 
LEU HD22 H N N 202 
LEU HD23 H N N 203 
LEU HXT  H N N 204 
LYS N    N N N 205 
LYS CA   C N S 206 
LYS C    C N N 207 
LYS O    O N N 208 
LYS CB   C N N 209 
LYS CG   C N N 210 
LYS CD   C N N 211 
LYS CE   C N N 212 
LYS NZ   N N N 213 
LYS OXT  O N N 214 
LYS H    H N N 215 
LYS H2   H N N 216 
LYS HA   H N N 217 
LYS HB2  H N N 218 
LYS HB3  H N N 219 
LYS HG2  H N N 220 
LYS HG3  H N N 221 
LYS HD2  H N N 222 
LYS HD3  H N N 223 
LYS HE2  H N N 224 
LYS HE3  H N N 225 
LYS HZ1  H N N 226 
LYS HZ2  H N N 227 
LYS HZ3  H N N 228 
LYS HXT  H N N 229 
MET N    N N N 230 
MET CA   C N S 231 
MET C    C N N 232 
MET O    O N N 233 
MET CB   C N N 234 
MET CG   C N N 235 
MET SD   S N N 236 
MET CE   C N N 237 
MET OXT  O N N 238 
MET H    H N N 239 
MET H2   H N N 240 
MET HA   H N N 241 
MET HB2  H N N 242 
MET HB3  H N N 243 
MET HG2  H N N 244 
MET HG3  H N N 245 
MET HE1  H N N 246 
MET HE2  H N N 247 
MET HE3  H N N 248 
MET HXT  H N N 249 
PHE N    N N N 250 
PHE CA   C N S 251 
PHE C    C N N 252 
PHE O    O N N 253 
PHE CB   C N N 254 
PHE CG   C Y N 255 
PHE CD1  C Y N 256 
PHE CD2  C Y N 257 
PHE CE1  C Y N 258 
PHE CE2  C Y N 259 
PHE CZ   C Y N 260 
PHE OXT  O N N 261 
PHE H    H N N 262 
PHE H2   H N N 263 
PHE HA   H N N 264 
PHE HB2  H N N 265 
PHE HB3  H N N 266 
PHE HD1  H N N 267 
PHE HD2  H N N 268 
PHE HE1  H N N 269 
PHE HE2  H N N 270 
PHE HZ   H N N 271 
PHE HXT  H N N 272 
PRO N    N N N 273 
PRO CA   C N S 274 
PRO C    C N N 275 
PRO O    O N N 276 
PRO CB   C N N 277 
PRO CG   C N N 278 
PRO CD   C N N 279 
PRO OXT  O N N 280 
PRO H    H N N 281 
PRO HA   H N N 282 
PRO HB2  H N N 283 
PRO HB3  H N N 284 
PRO HG2  H N N 285 
PRO HG3  H N N 286 
PRO HD2  H N N 287 
PRO HD3  H N N 288 
PRO HXT  H N N 289 
SER N    N N N 290 
SER CA   C N S 291 
SER C    C N N 292 
SER O    O N N 293 
SER CB   C N N 294 
SER OG   O N N 295 
SER OXT  O N N 296 
SER H    H N N 297 
SER H2   H N N 298 
SER HA   H N N 299 
SER HB2  H N N 300 
SER HB3  H N N 301 
SER HG   H N N 302 
SER HXT  H N N 303 
THR N    N N N 304 
THR CA   C N S 305 
THR C    C N N 306 
THR O    O N N 307 
THR CB   C N R 308 
THR OG1  O N N 309 
THR CG2  C N N 310 
THR OXT  O N N 311 
THR H    H N N 312 
THR H2   H N N 313 
THR HA   H N N 314 
THR HB   H N N 315 
THR HG1  H N N 316 
THR HG21 H N N 317 
THR HG22 H N N 318 
THR HG23 H N N 319 
THR HXT  H N N 320 
TRP N    N N N 321 
TRP CA   C N S 322 
TRP C    C N N 323 
TRP O    O N N 324 
TRP CB   C N N 325 
TRP CG   C Y N 326 
TRP CD1  C Y N 327 
TRP CD2  C Y N 328 
TRP NE1  N Y N 329 
TRP CE2  C Y N 330 
TRP CE3  C Y N 331 
TRP CZ2  C Y N 332 
TRP CZ3  C Y N 333 
TRP CH2  C Y N 334 
TRP OXT  O N N 335 
TRP H    H N N 336 
TRP H2   H N N 337 
TRP HA   H N N 338 
TRP HB2  H N N 339 
TRP HB3  H N N 340 
TRP HD1  H N N 341 
TRP HE1  H N N 342 
TRP HE3  H N N 343 
TRP HZ2  H N N 344 
TRP HZ3  H N N 345 
TRP HH2  H N N 346 
TRP HXT  H N N 347 
TYR N    N N N 348 
TYR CA   C N S 349 
TYR C    C N N 350 
TYR O    O N N 351 
TYR CB   C N N 352 
TYR CG   C Y N 353 
TYR CD1  C Y N 354 
TYR CD2  C Y N 355 
TYR CE1  C Y N 356 
TYR CE2  C Y N 357 
TYR CZ   C Y N 358 
TYR OH   O N N 359 
TYR OXT  O N N 360 
TYR H    H N N 361 
TYR H2   H N N 362 
TYR HA   H N N 363 
TYR HB2  H N N 364 
TYR HB3  H N N 365 
TYR HD1  H N N 366 
TYR HD2  H N N 367 
TYR HE1  H N N 368 
TYR HE2  H N N 369 
TYR HH   H N N 370 
TYR HXT  H N N 371 
VAL N    N N N 372 
VAL CA   C N S 373 
VAL C    C N N 374 
VAL O    O N N 375 
VAL CB   C N N 376 
VAL CG1  C N N 377 
VAL CG2  C N N 378 
VAL OXT  O N N 379 
VAL H    H N N 380 
VAL H2   H N N 381 
VAL HA   H N N 382 
VAL HB   H N N 383 
VAL HG11 H N N 384 
VAL HG12 H N N 385 
VAL HG13 H N N 386 
VAL HG21 H N N 387 
VAL HG22 H N N 388 
VAL HG23 H N N 389 
VAL HXT  H N N 390 
# 
loop_
_chem_comp_bond.comp_id 
_chem_comp_bond.atom_id_1 
_chem_comp_bond.atom_id_2 
_chem_comp_bond.value_order 
_chem_comp_bond.pdbx_aromatic_flag 
_chem_comp_bond.pdbx_stereo_config 
_chem_comp_bond.pdbx_ordinal 
ALA N   CA   sing N N 1   
ALA N   H    sing N N 2   
ALA N   H2   sing N N 3   
ALA CA  C    sing N N 4   
ALA CA  CB   sing N N 5   
ALA CA  HA   sing N N 6   
ALA C   O    doub N N 7   
ALA C   OXT  sing N N 8   
ALA CB  HB1  sing N N 9   
ALA CB  HB2  sing N N 10  
ALA CB  HB3  sing N N 11  
ALA OXT HXT  sing N N 12  
ARG N   CA   sing N N 13  
ARG N   H    sing N N 14  
ARG N   H2   sing N N 15  
ARG CA  C    sing N N 16  
ARG CA  CB   sing N N 17  
ARG CA  HA   sing N N 18  
ARG C   O    doub N N 19  
ARG C   OXT  sing N N 20  
ARG CB  CG   sing N N 21  
ARG CB  HB2  sing N N 22  
ARG CB  HB3  sing N N 23  
ARG CG  CD   sing N N 24  
ARG CG  HG2  sing N N 25  
ARG CG  HG3  sing N N 26  
ARG CD  NE   sing N N 27  
ARG CD  HD2  sing N N 28  
ARG CD  HD3  sing N N 29  
ARG NE  CZ   sing N N 30  
ARG NE  HE   sing N N 31  
ARG CZ  NH1  sing N N 32  
ARG CZ  NH2  doub N N 33  
ARG NH1 HH11 sing N N 34  
ARG NH1 HH12 sing N N 35  
ARG NH2 HH21 sing N N 36  
ARG NH2 HH22 sing N N 37  
ARG OXT HXT  sing N N 38  
ASN N   CA   sing N N 39  
ASN N   H    sing N N 40  
ASN N   H2   sing N N 41  
ASN CA  C    sing N N 42  
ASN CA  CB   sing N N 43  
ASN CA  HA   sing N N 44  
ASN C   O    doub N N 45  
ASN C   OXT  sing N N 46  
ASN CB  CG   sing N N 47  
ASN CB  HB2  sing N N 48  
ASN CB  HB3  sing N N 49  
ASN CG  OD1  doub N N 50  
ASN CG  ND2  sing N N 51  
ASN ND2 HD21 sing N N 52  
ASN ND2 HD22 sing N N 53  
ASN OXT HXT  sing N N 54  
ASP N   CA   sing N N 55  
ASP N   H    sing N N 56  
ASP N   H2   sing N N 57  
ASP CA  C    sing N N 58  
ASP CA  CB   sing N N 59  
ASP CA  HA   sing N N 60  
ASP C   O    doub N N 61  
ASP C   OXT  sing N N 62  
ASP CB  CG   sing N N 63  
ASP CB  HB2  sing N N 64  
ASP CB  HB3  sing N N 65  
ASP CG  OD1  doub N N 66  
ASP CG  OD2  sing N N 67  
ASP OD2 HD2  sing N N 68  
ASP OXT HXT  sing N N 69  
CYS N   CA   sing N N 70  
CYS N   H    sing N N 71  
CYS N   H2   sing N N 72  
CYS CA  C    sing N N 73  
CYS CA  CB   sing N N 74  
CYS CA  HA   sing N N 75  
CYS C   O    doub N N 76  
CYS C   OXT  sing N N 77  
CYS CB  SG   sing N N 78  
CYS CB  HB2  sing N N 79  
CYS CB  HB3  sing N N 80  
CYS SG  HG   sing N N 81  
CYS OXT HXT  sing N N 82  
GLN N   CA   sing N N 83  
GLN N   H    sing N N 84  
GLN N   H2   sing N N 85  
GLN CA  C    sing N N 86  
GLN CA  CB   sing N N 87  
GLN CA  HA   sing N N 88  
GLN C   O    doub N N 89  
GLN C   OXT  sing N N 90  
GLN CB  CG   sing N N 91  
GLN CB  HB2  sing N N 92  
GLN CB  HB3  sing N N 93  
GLN CG  CD   sing N N 94  
GLN CG  HG2  sing N N 95  
GLN CG  HG3  sing N N 96  
GLN CD  OE1  doub N N 97  
GLN CD  NE2  sing N N 98  
GLN NE2 HE21 sing N N 99  
GLN NE2 HE22 sing N N 100 
GLN OXT HXT  sing N N 101 
GLU N   CA   sing N N 102 
GLU N   H    sing N N 103 
GLU N   H2   sing N N 104 
GLU CA  C    sing N N 105 
GLU CA  CB   sing N N 106 
GLU CA  HA   sing N N 107 
GLU C   O    doub N N 108 
GLU C   OXT  sing N N 109 
GLU CB  CG   sing N N 110 
GLU CB  HB2  sing N N 111 
GLU CB  HB3  sing N N 112 
GLU CG  CD   sing N N 113 
GLU CG  HG2  sing N N 114 
GLU CG  HG3  sing N N 115 
GLU CD  OE1  doub N N 116 
GLU CD  OE2  sing N N 117 
GLU OE2 HE2  sing N N 118 
GLU OXT HXT  sing N N 119 
GLY N   CA   sing N N 120 
GLY N   H    sing N N 121 
GLY N   H2   sing N N 122 
GLY CA  C    sing N N 123 
GLY CA  HA2  sing N N 124 
GLY CA  HA3  sing N N 125 
GLY C   O    doub N N 126 
GLY C   OXT  sing N N 127 
GLY OXT HXT  sing N N 128 
HIS N   CA   sing N N 129 
HIS N   H    sing N N 130 
HIS N   H2   sing N N 131 
HIS CA  C    sing N N 132 
HIS CA  CB   sing N N 133 
HIS CA  HA   sing N N 134 
HIS C   O    doub N N 135 
HIS C   OXT  sing N N 136 
HIS CB  CG   sing N N 137 
HIS CB  HB2  sing N N 138 
HIS CB  HB3  sing N N 139 
HIS CG  ND1  sing Y N 140 
HIS CG  CD2  doub Y N 141 
HIS ND1 CE1  doub Y N 142 
HIS ND1 HD1  sing N N 143 
HIS CD2 NE2  sing Y N 144 
HIS CD2 HD2  sing N N 145 
HIS CE1 NE2  sing Y N 146 
HIS CE1 HE1  sing N N 147 
HIS NE2 HE2  sing N N 148 
HIS OXT HXT  sing N N 149 
HOH O   H1   sing N N 150 
HOH O   H2   sing N N 151 
ILE N   CA   sing N N 152 
ILE N   H    sing N N 153 
ILE N   H2   sing N N 154 
ILE CA  C    sing N N 155 
ILE CA  CB   sing N N 156 
ILE CA  HA   sing N N 157 
ILE C   O    doub N N 158 
ILE C   OXT  sing N N 159 
ILE CB  CG1  sing N N 160 
ILE CB  CG2  sing N N 161 
ILE CB  HB   sing N N 162 
ILE CG1 CD1  sing N N 163 
ILE CG1 HG12 sing N N 164 
ILE CG1 HG13 sing N N 165 
ILE CG2 HG21 sing N N 166 
ILE CG2 HG22 sing N N 167 
ILE CG2 HG23 sing N N 168 
ILE CD1 HD11 sing N N 169 
ILE CD1 HD12 sing N N 170 
ILE CD1 HD13 sing N N 171 
ILE OXT HXT  sing N N 172 
LEU N   CA   sing N N 173 
LEU N   H    sing N N 174 
LEU N   H2   sing N N 175 
LEU CA  C    sing N N 176 
LEU CA  CB   sing N N 177 
LEU CA  HA   sing N N 178 
LEU C   O    doub N N 179 
LEU C   OXT  sing N N 180 
LEU CB  CG   sing N N 181 
LEU CB  HB2  sing N N 182 
LEU CB  HB3  sing N N 183 
LEU CG  CD1  sing N N 184 
LEU CG  CD2  sing N N 185 
LEU CG  HG   sing N N 186 
LEU CD1 HD11 sing N N 187 
LEU CD1 HD12 sing N N 188 
LEU CD1 HD13 sing N N 189 
LEU CD2 HD21 sing N N 190 
LEU CD2 HD22 sing N N 191 
LEU CD2 HD23 sing N N 192 
LEU OXT HXT  sing N N 193 
LYS N   CA   sing N N 194 
LYS N   H    sing N N 195 
LYS N   H2   sing N N 196 
LYS CA  C    sing N N 197 
LYS CA  CB   sing N N 198 
LYS CA  HA   sing N N 199 
LYS C   O    doub N N 200 
LYS C   OXT  sing N N 201 
LYS CB  CG   sing N N 202 
LYS CB  HB2  sing N N 203 
LYS CB  HB3  sing N N 204 
LYS CG  CD   sing N N 205 
LYS CG  HG2  sing N N 206 
LYS CG  HG3  sing N N 207 
LYS CD  CE   sing N N 208 
LYS CD  HD2  sing N N 209 
LYS CD  HD3  sing N N 210 
LYS CE  NZ   sing N N 211 
LYS CE  HE2  sing N N 212 
LYS CE  HE3  sing N N 213 
LYS NZ  HZ1  sing N N 214 
LYS NZ  HZ2  sing N N 215 
LYS NZ  HZ3  sing N N 216 
LYS OXT HXT  sing N N 217 
MET N   CA   sing N N 218 
MET N   H    sing N N 219 
MET N   H2   sing N N 220 
MET CA  C    sing N N 221 
MET CA  CB   sing N N 222 
MET CA  HA   sing N N 223 
MET C   O    doub N N 224 
MET C   OXT  sing N N 225 
MET CB  CG   sing N N 226 
MET CB  HB2  sing N N 227 
MET CB  HB3  sing N N 228 
MET CG  SD   sing N N 229 
MET CG  HG2  sing N N 230 
MET CG  HG3  sing N N 231 
MET SD  CE   sing N N 232 
MET CE  HE1  sing N N 233 
MET CE  HE2  sing N N 234 
MET CE  HE3  sing N N 235 
MET OXT HXT  sing N N 236 
PHE N   CA   sing N N 237 
PHE N   H    sing N N 238 
PHE N   H2   sing N N 239 
PHE CA  C    sing N N 240 
PHE CA  CB   sing N N 241 
PHE CA  HA   sing N N 242 
PHE C   O    doub N N 243 
PHE C   OXT  sing N N 244 
PHE CB  CG   sing N N 245 
PHE CB  HB2  sing N N 246 
PHE CB  HB3  sing N N 247 
PHE CG  CD1  doub Y N 248 
PHE CG  CD2  sing Y N 249 
PHE CD1 CE1  sing Y N 250 
PHE CD1 HD1  sing N N 251 
PHE CD2 CE2  doub Y N 252 
PHE CD2 HD2  sing N N 253 
PHE CE1 CZ   doub Y N 254 
PHE CE1 HE1  sing N N 255 
PHE CE2 CZ   sing Y N 256 
PHE CE2 HE2  sing N N 257 
PHE CZ  HZ   sing N N 258 
PHE OXT HXT  sing N N 259 
PRO N   CA   sing N N 260 
PRO N   CD   sing N N 261 
PRO N   H    sing N N 262 
PRO CA  C    sing N N 263 
PRO CA  CB   sing N N 264 
PRO CA  HA   sing N N 265 
PRO C   O    doub N N 266 
PRO C   OXT  sing N N 267 
PRO CB  CG   sing N N 268 
PRO CB  HB2  sing N N 269 
PRO CB  HB3  sing N N 270 
PRO CG  CD   sing N N 271 
PRO CG  HG2  sing N N 272 
PRO CG  HG3  sing N N 273 
PRO CD  HD2  sing N N 274 
PRO CD  HD3  sing N N 275 
PRO OXT HXT  sing N N 276 
SER N   CA   sing N N 277 
SER N   H    sing N N 278 
SER N   H2   sing N N 279 
SER CA  C    sing N N 280 
SER CA  CB   sing N N 281 
SER CA  HA   sing N N 282 
SER C   O    doub N N 283 
SER C   OXT  sing N N 284 
SER CB  OG   sing N N 285 
SER CB  HB2  sing N N 286 
SER CB  HB3  sing N N 287 
SER OG  HG   sing N N 288 
SER OXT HXT  sing N N 289 
THR N   CA   sing N N 290 
THR N   H    sing N N 291 
THR N   H2   sing N N 292 
THR CA  C    sing N N 293 
THR CA  CB   sing N N 294 
THR CA  HA   sing N N 295 
THR C   O    doub N N 296 
THR C   OXT  sing N N 297 
THR CB  OG1  sing N N 298 
THR CB  CG2  sing N N 299 
THR CB  HB   sing N N 300 
THR OG1 HG1  sing N N 301 
THR CG2 HG21 sing N N 302 
THR CG2 HG22 sing N N 303 
THR CG2 HG23 sing N N 304 
THR OXT HXT  sing N N 305 
TRP N   CA   sing N N 306 
TRP N   H    sing N N 307 
TRP N   H2   sing N N 308 
TRP CA  C    sing N N 309 
TRP CA  CB   sing N N 310 
TRP CA  HA   sing N N 311 
TRP C   O    doub N N 312 
TRP C   OXT  sing N N 313 
TRP CB  CG   sing N N 314 
TRP CB  HB2  sing N N 315 
TRP CB  HB3  sing N N 316 
TRP CG  CD1  doub Y N 317 
TRP CG  CD2  sing Y N 318 
TRP CD1 NE1  sing Y N 319 
TRP CD1 HD1  sing N N 320 
TRP CD2 CE2  doub Y N 321 
TRP CD2 CE3  sing Y N 322 
TRP NE1 CE2  sing Y N 323 
TRP NE1 HE1  sing N N 324 
TRP CE2 CZ2  sing Y N 325 
TRP CE3 CZ3  doub Y N 326 
TRP CE3 HE3  sing N N 327 
TRP CZ2 CH2  doub Y N 328 
TRP CZ2 HZ2  sing N N 329 
TRP CZ3 CH2  sing Y N 330 
TRP CZ3 HZ3  sing N N 331 
TRP CH2 HH2  sing N N 332 
TRP OXT HXT  sing N N 333 
TYR N   CA   sing N N 334 
TYR N   H    sing N N 335 
TYR N   H2   sing N N 336 
TYR CA  C    sing N N 337 
TYR CA  CB   sing N N 338 
TYR CA  HA   sing N N 339 
TYR C   O    doub N N 340 
TYR C   OXT  sing N N 341 
TYR CB  CG   sing N N 342 
TYR CB  HB2  sing N N 343 
TYR CB  HB3  sing N N 344 
TYR CG  CD1  doub Y N 345 
TYR CG  CD2  sing Y N 346 
TYR CD1 CE1  sing Y N 347 
TYR CD1 HD1  sing N N 348 
TYR CD2 CE2  doub Y N 349 
TYR CD2 HD2  sing N N 350 
TYR CE1 CZ   doub Y N 351 
TYR CE1 HE1  sing N N 352 
TYR CE2 CZ   sing Y N 353 
TYR CE2 HE2  sing N N 354 
TYR CZ  OH   sing N N 355 
TYR OH  HH   sing N N 356 
TYR OXT HXT  sing N N 357 
VAL N   CA   sing N N 358 
VAL N   H    sing N N 359 
VAL N   H2   sing N N 360 
VAL CA  C    sing N N 361 
VAL CA  CB   sing N N 362 
VAL CA  HA   sing N N 363 
VAL C   O    doub N N 364 
VAL C   OXT  sing N N 365 
VAL CB  CG1  sing N N 366 
VAL CB  CG2  sing N N 367 
VAL CB  HB   sing N N 368 
VAL CG1 HG11 sing N N 369 
VAL CG1 HG12 sing N N 370 
VAL CG1 HG13 sing N N 371 
VAL CG2 HG21 sing N N 372 
VAL CG2 HG22 sing N N 373 
VAL CG2 HG23 sing N N 374 
VAL OXT HXT  sing N N 375 
# 
_pdbx_initial_refinement_model.id               1 
_pdbx_initial_refinement_model.entity_id_list   ? 
_pdbx_initial_refinement_model.type             'experimental model' 
_pdbx_initial_refinement_model.source_name      PDB 
_pdbx_initial_refinement_model.accession_code   1PP2 
_pdbx_initial_refinement_model.details          'PDB ENTRY 1PP2' 
# 
_atom_sites.entry_id                    1VPI 
_atom_sites.fract_transf_matrix[1][1]   -0.00089322 
_atom_sites.fract_transf_matrix[1][2]   0.00281737 
_atom_sites.fract_transf_matrix[1][3]   0.01420988 
_atom_sites.fract_transf_matrix[2][1]   -0.00305259 
_atom_sites.fract_transf_matrix[2][2]   0.01388059 
_atom_sites.fract_transf_matrix[2][3]   -0.00294397 
_atom_sites.fract_transf_matrix[3][1]   -0.01862014 
_atom_sites.fract_transf_matrix[3][2]   -0.00416788 
_atom_sites.fract_transf_matrix[3][3]   -0.00034408 
_atom_sites.fract_transf_vector[1]      0.156688 
_atom_sites.fract_transf_vector[2]      0.665090 
_atom_sites.fract_transf_vector[3]      0.188100 
# 
loop_
_atom_type.symbol 
C 
N 
O 
S 
# 
loop_
_atom_site.group_PDB 
_atom_site.id 
_atom_site.type_symbol 
_atom_site.label_atom_id 
_atom_site.label_alt_id 
_atom_site.label_comp_id 
_atom_site.label_asym_id 
_atom_site.label_entity_id 
_atom_site.label_seq_id 
_atom_site.pdbx_PDB_ins_code 
_atom_site.Cartn_x 
_atom_site.Cartn_y 
_atom_site.Cartn_z 
_atom_site.occupancy 
_atom_site.B_iso_or_equiv 
_atom_site.pdbx_formal_charge 
_atom_site.auth_seq_id 
_atom_site.auth_comp_id 
_atom_site.auth_asym_id 
_atom_site.auth_atom_id 
_atom_site.pdbx_PDB_model_num 
ATOM   1    N N   . ASN A 1 1   ? -10.347 0.845   -2.942  1.00 11.43  ? 1   ASN A N   1 
ATOM   2    C CA  . ASN A 1 1   ? -10.442 1.370   -1.542  1.00 12.88  ? 1   ASN A CA  1 
ATOM   3    C C   . ASN A 1 1   ? -9.494  0.517   -0.650  1.00 13.71  ? 1   ASN A C   1 
ATOM   4    O O   . ASN A 1 1   ? -9.051  -0.567  -1.056  1.00 12.53  ? 1   ASN A O   1 
ATOM   5    C CB  . ASN A 1 1   ? -11.911 1.459   -1.047  1.00 12.08  ? 1   ASN A CB  1 
ATOM   6    C CG  . ASN A 1 1   ? -12.554 0.118   -0.751  1.00 13.93  ? 1   ASN A CG  1 
ATOM   7    O OD1 . ASN A 1 1   ? -12.033 -0.666  0.038   1.00 15.27  ? 1   ASN A OD1 1 
ATOM   8    N ND2 . ASN A 1 1   ? -13.687 -0.132  -1.352  1.00 11.72  ? 1   ASN A ND2 1 
ATOM   9    N N   . LEU A 1 2   ? -9.058  1.067   0.475   1.00 13.33  ? 2   LEU A N   1 
ATOM   10   C CA  . LEU A 1 2   ? -8.089  0.367   1.341   1.00 14.18  ? 2   LEU A CA  1 
ATOM   11   C C   . LEU A 1 2   ? -8.484  -1.011  1.846   1.00 13.90  ? 2   LEU A C   1 
ATOM   12   O O   . LEU A 1 2   ? -7.596  -1.807  2.148   1.00 13.43  ? 2   LEU A O   1 
ATOM   13   C CB  . LEU A 1 2   ? -7.641  1.258   2.509   1.00 14.63  ? 2   LEU A CB  1 
ATOM   14   C CG  . LEU A 1 2   ? -7.062  2.631   2.085   1.00 17.77  ? 2   LEU A CG  1 
ATOM   15   C CD1 . LEU A 1 2   ? -6.457  3.270   3.279   1.00 17.35  ? 2   LEU A CD1 1 
ATOM   16   C CD2 . LEU A 1 2   ? -6.016  2.515   0.967   1.00 16.93  ? 2   LEU A CD2 1 
ATOM   17   N N   . PHE A 1 3   ? -9.779  -1.270  2.022   1.00 14.92  ? 3   PHE A N   1 
ATOM   18   C CA  . PHE A 1 3   ? -10.215 -2.608  2.440   1.00 16.03  ? 3   PHE A CA  1 
ATOM   19   C C   . PHE A 1 3   ? -9.941  -3.596  1.280   1.00 15.30  ? 3   PHE A C   1 
ATOM   20   O O   . PHE A 1 3   ? -9.511  -4.712  1.507   1.00 14.82  ? 3   PHE A O   1 
ATOM   21   C CB  . PHE A 1 3   ? -11.687 -2.642  2.849   1.00 15.04  ? 3   PHE A CB  1 
ATOM   22   C CG  . PHE A 1 3   ? -11.955 -2.045  4.217   1.00 17.04  ? 3   PHE A CG  1 
ATOM   23   C CD1 . PHE A 1 3   ? -11.131 -2.342  5.309   1.00 17.82  ? 3   PHE A CD1 1 
ATOM   24   C CD2 . PHE A 1 3   ? -13.033 -1.176  4.405   1.00 15.06  ? 3   PHE A CD2 1 
ATOM   25   C CE1 . PHE A 1 3   ? -11.391 -1.759  6.577   1.00 16.98  ? 3   PHE A CE1 1 
ATOM   26   C CE2 . PHE A 1 3   ? -13.301 -0.592  5.658   1.00 13.70  ? 3   PHE A CE2 1 
ATOM   27   C CZ  . PHE A 1 3   ? -12.486 -0.880  6.743   1.00 15.66  ? 3   PHE A CZ  1 
ATOM   28   N N   . GLN A 1 4   ? -10.125 -3.160  0.037   1.00 15.40  ? 4   GLN A N   1 
ATOM   29   C CA  . GLN A 1 4   ? -9.830  -4.049  -1.098  1.00 13.90  ? 4   GLN A CA  1 
ATOM   30   C C   . GLN A 1 4   ? -8.338  -4.286  -1.179  1.00 14.40  ? 4   GLN A C   1 
ATOM   31   O O   . GLN A 1 4   ? -7.886  -5.405  -1.468  1.00 14.65  ? 4   GLN A O   1 
ATOM   32   C CB  . GLN A 1 4   ? -10.316 -3.443  -2.396  1.00 15.21  ? 4   GLN A CB  1 
ATOM   33   C CG  . GLN A 1 4   ? -11.819 -3.248  -2.429  1.00 15.97  ? 4   GLN A CG  1 
ATOM   34   C CD  . GLN A 1 4   ? -12.255 -2.569  -3.708  1.00 19.61  ? 4   GLN A CD  1 
ATOM   35   O OE1 . GLN A 1 4   ? -11.862 -1.428  -3.976  1.00 18.68  ? 4   GLN A OE1 1 
ATOM   36   N NE2 . GLN A 1 4   ? -13.027 -3.276  -4.525  1.00 16.20  ? 4   GLN A NE2 1 
ATOM   37   N N   . PHE A 1 5   ? -7.548  -3.237  -0.945  1.00 13.06  ? 5   PHE A N   1 
ATOM   38   C CA  . PHE A 1 5   ? -6.091  -3.357  -0.963  1.00 13.12  ? 5   PHE A CA  1 
ATOM   39   C C   . PHE A 1 5   ? -5.717  -4.342  0.155   1.00 13.99  ? 5   PHE A C   1 
ATOM   40   O O   . PHE A 1 5   ? -4.829  -5.186  -0.032  1.00 13.57  ? 5   PHE A O   1 
ATOM   41   C CB  . PHE A 1 5   ? -5.475  -1.977  -0.721  1.00 10.91  ? 5   PHE A CB  1 
ATOM   42   C CG  . PHE A 1 5   ? -3.990  -1.971  -0.590  1.00 12.41  ? 5   PHE A CG  1 
ATOM   43   C CD1 . PHE A 1 5   ? -3.187  -2.750  -1.423  1.00 11.63  ? 5   PHE A CD1 1 
ATOM   44   C CD2 . PHE A 1 5   ? -3.382  -1.111  0.332   1.00 11.30  ? 5   PHE A CD2 1 
ATOM   45   C CE1 . PHE A 1 5   ? -1.794  -2.680  -1.349  1.00 10.79  ? 5   PHE A CE1 1 
ATOM   46   C CE2 . PHE A 1 5   ? -1.986  -1.022  0.425   1.00 12.74  ? 5   PHE A CE2 1 
ATOM   47   C CZ  . PHE A 1 5   ? -1.181  -1.807  -0.424  1.00 13.39  ? 5   PHE A CZ  1 
ATOM   48   N N   . GLY A 1 6   ? -6.445  -4.258  1.284   1.00 13.44  ? 6   GLY A N   1 
ATOM   49   C CA  . GLY A 1 6   ? -6.227  -5.139  2.422   1.00 14.17  ? 6   GLY A CA  1 
ATOM   50   C C   . GLY A 1 6   ? -6.487  -6.590  2.022   1.00 14.20  ? 6   GLY A C   1 
ATOM   51   O O   . GLY A 1 6   ? -5.799  -7.480  2.489   1.00 14.07  ? 6   GLY A O   1 
ATOM   52   N N   . ASP A 1 7   ? -7.452  -6.825  1.131   1.00 15.20  ? 7   ASP A N   1 
ATOM   53   C CA  . ASP A 1 7   ? -7.761  -8.175  0.655   1.00 16.10  ? 7   ASP A CA  1 
ATOM   54   C C   . ASP A 1 7   ? -6.563  -8.694  -0.166  1.00 15.72  ? 7   ASP A C   1 
ATOM   55   O O   . ASP A 1 7   ? -6.118  -9.858  -0.032  1.00 13.59  ? 7   ASP A O   1 
ATOM   56   C CB  . ASP A 1 7   ? -9.039  -8.157  -0.182  1.00 19.08  ? 7   ASP A CB  1 
ATOM   57   C CG  . ASP A 1 7   ? -9.493  -9.556  -0.609  1.00 27.23  ? 7   ASP A CG  1 
ATOM   58   O OD1 . ASP A 1 7   ? -9.319  -10.532 0.145   1.00 33.82  ? 7   ASP A OD1 1 
ATOM   59   O OD2 . ASP A 1 7   ? -10.046 -9.725  -1.714  1.00 25.21  ? 7   ASP A OD2 1 
ATOM   60   N N   . MET A 1 8   ? -6.009  -7.816  -1.004  1.00 14.17  ? 8   MET A N   1 
ATOM   61   C CA  . MET A 1 8   ? -4.834  -8.180  -1.798  1.00 12.56  ? 8   MET A CA  1 
ATOM   62   C C   . MET A 1 8   ? -3.627  -8.479  -0.899  1.00 12.94  ? 8   MET A C   1 
ATOM   63   O O   . MET A 1 8   ? -2.860  -9.421  -1.146  1.00 12.39  ? 8   MET A O   1 
ATOM   64   C CB  . MET A 1 8   ? -4.473  -7.035  -2.752  1.00 12.50  ? 8   MET A CB  1 
ATOM   65   C CG  . MET A 1 8   ? -5.475  -6.757  -3.822  1.00 10.87  ? 8   MET A CG  1 
ATOM   66   S SD  . MET A 1 8   ? -4.836  -5.362  -4.769  1.00 14.72  ? 8   MET A SD  1 
ATOM   67   C CE  . MET A 1 8   ? -6.282  -4.973  -5.668  1.00 12.47  ? 8   MET A CE  1 
ATOM   68   N N   . ILE A 1 9   ? -3.443  -7.654  0.130   1.00 11.74  ? 9   ILE A N   1 
ATOM   69   C CA  . ILE A 1 9   ? -2.343  -7.828  1.055   1.00 13.19  ? 9   ILE A CA  1 
ATOM   70   C C   . ILE A 1 9   ? -2.484  -9.185  1.777   1.00 14.46  ? 9   ILE A C   1 
ATOM   71   O O   . ILE A 1 9   ? -1.499  -9.899  1.955   1.00 15.27  ? 9   ILE A O   1 
ATOM   72   C CB  . ILE A 1 9   ? -2.348  -6.715  2.109   1.00 12.20  ? 9   ILE A CB  1 
ATOM   73   C CG1 . ILE A 1 9   ? -1.940  -5.380  1.476   1.00 13.79  ? 9   ILE A CG1 1 
ATOM   74   C CG2 . ILE A 1 9   ? -1.428  -7.059  3.266   1.00 13.35  ? 9   ILE A CG2 1 
ATOM   75   C CD1 . ILE A 1 9   ? -2.146  -4.198  2.405   1.00 12.65  ? 9   ILE A CD1 1 
ATOM   76   N N   . LEU A 1 10  ? -3.700  -9.517  2.197   1.00 14.07  ? 10  LEU A N   1 
ATOM   77   C CA  . LEU A 1 10  ? -3.950  -10.775 2.895   1.00 15.35  ? 10  LEU A CA  1 
ATOM   78   C C   . LEU A 1 10  ? -3.490  -11.957 2.040   1.00 15.90  ? 10  LEU A C   1 
ATOM   79   O O   . LEU A 1 10  ? -2.739  -12.830 2.510   1.00 15.48  ? 10  LEU A O   1 
ATOM   80   C CB  . LEU A 1 10  ? -5.428  -10.913 3.189   1.00 14.62  ? 10  LEU A CB  1 
ATOM   81   C CG  . LEU A 1 10  ? -5.743  -12.236 3.880   1.00 15.46  ? 10  LEU A CG  1 
ATOM   82   C CD1 . LEU A 1 10  ? -5.097  -12.319 5.270   1.00 13.31  ? 10  LEU A CD1 1 
ATOM   83   C CD2 . LEU A 1 10  ? -7.244  -12.365 3.960   1.00 18.24  ? 10  LEU A CD2 1 
ATOM   84   N N   . GLN A 1 11  ? -3.878  -11.941 0.768   1.00 14.82  ? 11  GLN A N   1 
ATOM   85   C CA  . GLN A 1 11  ? -3.512  -13.017 -0.139  1.00 15.95  ? 11  GLN A CA  1 
ATOM   86   C C   . GLN A 1 11  ? -2.015  -13.116 -0.384  1.00 16.45  ? 11  GLN A C   1 
ATOM   87   O O   . GLN A 1 11  ? -1.474  -14.221 -0.514  1.00 18.29  ? 11  GLN A O   1 
ATOM   88   C CB  . GLN A 1 11  ? -4.247  -12.824 -1.457  1.00 17.38  ? 11  GLN A CB  1 
ATOM   89   C CG  . GLN A 1 11  ? -4.432  -14.091 -2.278  1.00 20.72  ? 11  GLN A CG  1 
ATOM   90   C CD  . GLN A 1 11  ? -5.101  -15.221 -1.482  1.00 21.49  ? 11  GLN A CD  1 
ATOM   91   O OE1 . GLN A 1 11  ? -4.578  -16.329 -1.439  1.00 22.51  ? 11  GLN A OE1 1 
ATOM   92   N NE2 . GLN A 1 11  ? -6.256  -14.949 -0.888  1.00 21.25  ? 11  GLN A NE2 1 
ATOM   93   N N   . LYS A 1 12  ? -1.324  -11.982 -0.411  1.00 15.62  ? 12  LYS A N   1 
ATOM   94   C CA  . LYS A 1 12  ? 0.111   -11.981 -0.676  1.00 16.11  ? 12  LYS A CA  1 
ATOM   95   C C   . LYS A 1 12  ? 1.024   -12.130 0.531   1.00 17.08  ? 12  LYS A C   1 
ATOM   96   O O   . LYS A 1 12  ? 2.222   -12.413 0.384   1.00 16.58  ? 12  LYS A O   1 
ATOM   97   C CB  . LYS A 1 12  ? 0.501   -10.674 -1.410  1.00 17.57  ? 12  LYS A CB  1 
ATOM   98   C CG  . LYS A 1 12  ? -0.090  -10.552 -2.799  1.00 18.84  ? 12  LYS A CG  1 
ATOM   99   C CD  . LYS A 1 12  ? 0.383   -11.676 -3.698  1.00 20.54  ? 12  LYS A CD  1 
ATOM   100  C CE  . LYS A 1 12  ? -0.573  -11.862 -4.861  1.00 23.27  ? 12  LYS A CE  1 
ATOM   101  N NZ  . LYS A 1 12  ? -0.274  -13.102 -5.623  1.00 26.93  ? 12  LYS A NZ  1 
ATOM   102  N N   . THR A 1 13  ? 0.498   -11.851 1.715   1.00 15.98  ? 13  THR A N   1 
ATOM   103  C CA  . THR A 1 13  ? 1.341   -11.878 2.911   1.00 16.87  ? 13  THR A CA  1 
ATOM   104  C C   . THR A 1 13  ? 0.798   -12.750 4.019   1.00 15.97  ? 13  THR A C   1 
ATOM   105  O O   . THR A 1 13  ? 1.530   -13.089 4.926   1.00 18.18  ? 13  THR A O   1 
ATOM   106  C CB  . THR A 1 13  ? 1.531   -10.430 3.531   1.00 18.45  ? 13  THR A CB  1 
ATOM   107  O OG1 . THR A 1 13  ? 0.282   -9.967  4.080   1.00 17.01  ? 13  THR A OG1 1 
ATOM   108  C CG2 . THR A 1 13  ? 2.056   -9.417  2.490   1.00 16.39  ? 13  THR A CG2 1 
ATOM   109  N N   . GLY A 1 14  ? -0.503  -13.000 3.994   1.00 15.18  ? 14  GLY A N   1 
ATOM   110  C CA  . GLY A 1 14  ? -1.121  -13.803 5.028   1.00 16.44  ? 14  GLY A CA  1 
ATOM   111  C C   . GLY A 1 14  ? -1.433  -12.970 6.255   1.00 17.65  ? 14  GLY A C   1 
ATOM   112  O O   . GLY A 1 14  ? -1.919  -13.499 7.246   1.00 17.56  ? 14  GLY A O   1 
ATOM   113  N N   . LYS A 1 15  ? -1.154  -11.671 6.187   1.00 15.58  ? 16  LYS A N   1 
ATOM   114  C CA  . LYS A 1 15  ? -1.393  -10.761 7.300   1.00 16.98  ? 16  LYS A CA  1 
ATOM   115  C C   . LYS A 1 15  ? -2.643  -9.909  7.144   1.00 18.06  ? 16  LYS A C   1 
ATOM   116  O O   . LYS A 1 15  ? -3.006  -9.549  6.013   1.00 18.47  ? 16  LYS A O   1 
ATOM   117  C CB  . LYS A 1 15  ? -0.239  -9.788  7.430   1.00 17.86  ? 16  LYS A CB  1 
ATOM   118  C CG  . LYS A 1 15  ? 1.060   -10.356 7.923   1.00 20.09  ? 16  LYS A CG  1 
ATOM   119  C CD  . LYS A 1 15  ? 2.006   -9.191  8.097   1.00 25.35  ? 16  LYS A CD  1 
ATOM   120  C CE  . LYS A 1 15  ? 3.394   -9.624  8.422   1.00 27.20  ? 16  LYS A CE  1 
ATOM   121  N NZ  . LYS A 1 15  ? 3.481   -10.009 9.856   1.00 34.06  ? 16  LYS A NZ  1 
ATOM   122  N N   . GLU A 1 16  ? -3.339  -9.650  8.257   1.00 16.55  ? 17  GLU A N   1 
ATOM   123  C CA  . GLU A 1 16  ? -4.494  -8.760  8.242   1.00 16.58  ? 17  GLU A CA  1 
ATOM   124  C C   . GLU A 1 16  ? -3.924  -7.331  8.341   1.00 15.57  ? 17  GLU A C   1 
ATOM   125  O O   . GLU A 1 16  ? -3.262  -6.969  9.315   1.00 15.23  ? 17  GLU A O   1 
ATOM   126  C CB  . GLU A 1 16  ? -5.469  -9.040  9.397   1.00 18.02  ? 17  GLU A CB  1 
ATOM   127  C CG  . GLU A 1 16  ? -6.601  -7.986  9.545   1.00 24.36  ? 17  GLU A CG  1 
ATOM   128  C CD  . GLU A 1 16  ? -7.253  -7.530  8.199   1.00 30.05  ? 17  GLU A CD  1 
ATOM   129  O OE1 . GLU A 1 16  ? -7.662  -8.410  7.394   1.00 34.72  ? 17  GLU A OE1 1 
ATOM   130  O OE2 . GLU A 1 16  ? -7.338  -6.288  7.940   1.00 29.49  ? 17  GLU A OE2 1 
ATOM   131  N N   . ALA A 1 17  ? -4.207  -6.523  7.327   1.00 14.24  ? 18  ALA A N   1 
ATOM   132  C CA  . ALA A 1 17  ? -3.735  -5.158  7.225   1.00 14.77  ? 18  ALA A CA  1 
ATOM   133  C C   . ALA A 1 17  ? -4.061  -4.261  8.417   1.00 14.67  ? 18  ALA A C   1 
ATOM   134  O O   . ALA A 1 17  ? -3.180  -3.553  8.885   1.00 14.02  ? 18  ALA A O   1 
ATOM   135  C CB  . ALA A 1 17  ? -4.242  -4.522  5.917   1.00 14.41  ? 18  ALA A CB  1 
ATOM   136  N N   . VAL A 1 18  ? -5.288  -4.320  8.949   1.00 15.14  ? 19  VAL A N   1 
ATOM   137  C CA  . VAL A 1 18  ? -5.619  -3.440  10.093  1.00 17.23  ? 19  VAL A CA  1 
ATOM   138  C C   . VAL A 1 18  ? -4.804  -3.670  11.373  1.00 18.24  ? 19  VAL A C   1 
ATOM   139  O O   . VAL A 1 18  ? -4.680  -2.774  12.204  1.00 18.53  ? 19  VAL A O   1 
ATOM   140  C CB  . VAL A 1 18  ? -7.131  -3.371  10.388  1.00 19.24  ? 19  VAL A CB  1 
ATOM   141  C CG1 . VAL A 1 18  ? -7.873  -3.013  9.102   1.00 20.54  ? 19  VAL A CG1 1 
ATOM   142  C CG2 . VAL A 1 18  ? -7.649  -4.685  10.986  1.00 20.50  ? 19  VAL A CG2 1 
ATOM   143  N N   . HIS A 1 19  ? -4.173  -4.840  11.468  1.00 17.37  ? 20  HIS A N   1 
ATOM   144  C CA  . HIS A 1 19  ? -3.324  -5.175  12.594  1.00 20.71  ? 20  HIS A CA  1 
ATOM   145  C C   . HIS A 1 19  ? -1.844  -5.044  12.277  1.00 20.77  ? 20  HIS A C   1 
ATOM   146  O O   . HIS A 1 19  ? -0.988  -5.227  13.156  1.00 21.24  ? 20  HIS A O   1 
ATOM   147  C CB  . HIS A 1 19  ? -3.593  -6.611  13.013  1.00 23.19  ? 20  HIS A CB  1 
ATOM   148  C CG  . HIS A 1 19  ? -4.840  -6.761  13.800  1.00 27.13  ? 20  HIS A CG  1 
ATOM   149  N ND1 . HIS A 1 19  ? -5.929  -7.459  13.320  1.00 29.61  ? 20  HIS A ND1 1 
ATOM   150  C CD2 . HIS A 1 19  ? -5.218  -6.200  14.972  1.00 28.02  ? 20  HIS A CD2 1 
ATOM   151  C CE1 . HIS A 1 19  ? -6.943  -7.308  14.174  1.00 30.53  ? 20  HIS A CE1 1 
ATOM   152  N NE2 . HIS A 1 19  ? -6.530  -6.552  15.173  1.00 32.32  ? 20  HIS A NE2 1 
ATOM   153  N N   . SER A 1 20  ? -1.522  -4.665  11.050  1.00 17.34  ? 21  SER A N   1 
ATOM   154  C CA  . SER A 1 20  ? -0.141  -4.597  10.701  1.00 14.31  ? 21  SER A CA  1 
ATOM   155  C C   . SER A 1 20  ? 0.213   -3.397  9.834   1.00 15.29  ? 21  SER A C   1 
ATOM   156  O O   . SER A 1 20  ? 0.613   -2.335  10.341  1.00 14.09  ? 21  SER A O   1 
ATOM   157  C CB  . SER A 1 20  ? 0.249   -5.930  10.022  1.00 13.91  ? 21  SER A CB  1 
ATOM   158  O OG  . SER A 1 20  ? -0.659  -6.253  8.967   1.00 14.23  ? 21  SER A OG  1 
ATOM   159  N N   . TYR A 1 21  ? 0.035   -3.553  8.521   1.00 14.80  ? 22  TYR A N   1 
ATOM   160  C CA  . TYR A 1 21  ? 0.377   -2.493  7.579   1.00 15.08  ? 22  TYR A CA  1 
ATOM   161  C C   . TYR A 1 21  ? -0.274  -1.128  7.834   1.00 14.13  ? 22  TYR A C   1 
ATOM   162  O O   . TYR A 1 21  ? 0.323   -0.103  7.587   1.00 15.35  ? 22  TYR A O   1 
ATOM   163  C CB  . TYR A 1 21  ? 0.119   -2.978  6.144   1.00 16.28  ? 22  TYR A CB  1 
ATOM   164  C CG  . TYR A 1 21  ? 0.973   -4.168  5.796   1.00 13.70  ? 22  TYR A CG  1 
ATOM   165  C CD1 . TYR A 1 21  ? 2.340   -4.010  5.532   1.00 17.19  ? 22  TYR A CD1 1 
ATOM   166  C CD2 . TYR A 1 21  ? 0.437   -5.454  5.787   1.00 15.36  ? 22  TYR A CD2 1 
ATOM   167  C CE1 . TYR A 1 21  ? 3.160   -5.117  5.273   1.00 17.24  ? 22  TYR A CE1 1 
ATOM   168  C CE2 . TYR A 1 21  ? 1.245   -6.587  5.526   1.00 14.58  ? 22  TYR A CE2 1 
ATOM   169  C CZ  . TYR A 1 21  ? 2.600   -6.397  5.275   1.00 15.48  ? 22  TYR A CZ  1 
ATOM   170  O OH  . TYR A 1 21  ? 3.397   -7.465  5.037   1.03 16.86  ? 22  TYR A OH  1 
ATOM   171  N N   . ALA A 1 22  ? -1.511  -1.145  8.301   1.00 13.23  ? 23  ALA A N   1 
ATOM   172  C CA  . ALA A 1 22  ? -2.265  0.069   8.563   1.00 13.71  ? 23  ALA A CA  1 
ATOM   173  C C   . ALA A 1 22  ? -1.547  1.038   9.505   1.00 15.32  ? 23  ALA A C   1 
ATOM   174  O O   . ALA A 1 22  ? -1.854  2.245   9.512   1.00 14.96  ? 23  ALA A O   1 
ATOM   175  C CB  . ALA A 1 22  ? -3.679  -0.292  9.108   1.00 11.03  ? 23  ALA A CB  1 
ATOM   176  N N   . ILE A 1 23  ? -0.592  0.529   10.283  1.00 15.63  ? 24  ILE A N   1 
ATOM   177  C CA  . ILE A 1 23  ? 0.143   1.371   11.241  1.00 16.92  ? 24  ILE A CA  1 
ATOM   178  C C   . ILE A 1 23  ? 1.661   1.117   11.211  1.00 17.25  ? 24  ILE A C   1 
ATOM   179  O O   . ILE A 1 23  ? 2.370   1.383   12.189  1.00 17.06  ? 24  ILE A O   1 
ATOM   180  C CB  . ILE A 1 23  ? -0.433  1.172   12.696  1.00 18.90  ? 24  ILE A CB  1 
ATOM   181  C CG1 . ILE A 1 23  ? -0.693  -0.322  13.012  1.00 18.89  ? 24  ILE A CG1 1 
ATOM   182  C CG2 . ILE A 1 23  ? -1.759  1.918   12.836  1.00 18.65  ? 24  ILE A CG2 1 
ATOM   183  C CD1 . ILE A 1 23  ? 0.545   -1.147  13.170  1.00 23.13  ? 24  ILE A CD1 1 
ATOM   184  N N   . TYR A 1 24  ? 2.162   0.671   10.058  1.00 16.10  ? 25  TYR A N   1 
ATOM   185  C CA  . TYR A 1 24  ? 3.573   0.324   9.919   1.00 13.65  ? 25  TYR A CA  1 
ATOM   186  C C   . TYR A 1 24  ? 4.467   1.420   9.332   1.00 14.34  ? 25  TYR A C   1 
ATOM   187  O O   . TYR A 1 24  ? 4.145   1.984   8.290   1.00 13.68  ? 25  TYR A O   1 
ATOM   188  C CB  . TYR A 1 24  ? 3.668   -0.931  9.033   1.00 13.38  ? 25  TYR A CB  1 
ATOM   189  C CG  . TYR A 1 24  ? 5.045   -1.567  8.951   1.00 15.06  ? 25  TYR A CG  1 
ATOM   190  C CD1 . TYR A 1 24  ? 6.024   -1.110  8.050   1.00 13.12  ? 25  TYR A CD1 1 
ATOM   191  C CD2 . TYR A 1 24  ? 5.345   -2.663  9.749   1.00 13.97  ? 25  TYR A CD2 1 
ATOM   192  C CE1 . TYR A 1 24  ? 7.266   -1.748  7.962   1.00 14.70  ? 25  TYR A CE1 1 
ATOM   193  C CE2 . TYR A 1 24  ? 6.563   -3.299  9.670   1.00 15.07  ? 25  TYR A CE2 1 
ATOM   194  C CZ  . TYR A 1 24  ? 7.513   -2.858  8.788   1.00 15.73  ? 25  TYR A CZ  1 
ATOM   195  O OH  . TYR A 1 24  ? 8.686   -3.580  8.750   1.07 17.40  ? 25  TYR A OH  1 
ATOM   196  N N   . GLY A 1 25  ? 5.617   1.654   9.977   1.00 12.85  ? 26  GLY A N   1 
ATOM   197  C CA  . GLY A 1 25  ? 6.601   2.612   9.504   1.00 13.78  ? 26  GLY A CA  1 
ATOM   198  C C   . GLY A 1 25  ? 6.148   4.057   9.314   1.00 13.66  ? 26  GLY A C   1 
ATOM   199  O O   . GLY A 1 25  ? 5.232   4.521   9.979   1.00 13.65  ? 26  GLY A O   1 
ATOM   200  N N   . CYS A 1 26  ? 6.778   4.759   8.382   1.00 14.29  ? 27  CYS A N   1 
ATOM   201  C CA  . CYS A 1 26  ? 6.444   6.152   8.141   1.00 13.65  ? 27  CYS A CA  1 
ATOM   202  C C   . CYS A 1 26  ? 5.485   6.366   7.012   1.00 14.41  ? 27  CYS A C   1 
ATOM   203  O O   . CYS A 1 26  ? 4.918   7.441   6.901   1.00 14.97  ? 27  CYS A O   1 
ATOM   204  C CB  . CYS A 1 26  ? 7.703   6.989   7.901   1.00 15.84  ? 27  CYS A CB  1 
ATOM   205  S SG  . CYS A 1 26  ? 8.764   7.090   9.392   1.00 16.77  ? 27  CYS A SG  1 
ATOM   206  N N   . TYR A 1 27  ? 5.258   5.325   6.218   1.00 13.02  ? 28  TYR A N   1 
ATOM   207  C CA  . TYR A 1 27  ? 4.384   5.444   5.062   1.00 13.18  ? 28  TYR A CA  1 
ATOM   208  C C   . TYR A 1 27  ? 3.231   4.474   4.908   1.00 12.57  ? 28  TYR A C   1 
ATOM   209  O O   . TYR A 1 27  ? 2.298   4.797   4.192   1.00 14.10  ? 28  TYR A O   1 
ATOM   210  C CB  . TYR A 1 27  ? 5.216   5.448   3.788   1.00 14.21  ? 28  TYR A CB  1 
ATOM   211  C CG  . TYR A 1 27  ? 6.013   6.710   3.650   1.00 17.41  ? 28  TYR A CG  1 
ATOM   212  C CD1 . TYR A 1 27  ? 5.410   7.888   3.182   1.00 17.62  ? 28  TYR A CD1 1 
ATOM   213  C CD2 . TYR A 1 27  ? 7.335   6.772   4.094   1.00 17.73  ? 28  TYR A CD2 1 
ATOM   214  C CE1 . TYR A 1 27  ? 6.095   9.089   3.176   1.00 18.36  ? 28  TYR A CE1 1 
ATOM   215  C CE2 . TYR A 1 27  ? 8.028   7.970   4.086   1.00 17.43  ? 28  TYR A CE2 1 
ATOM   216  C CZ  . TYR A 1 27  ? 7.398   9.120   3.634   1.00 17.01  ? 28  TYR A CZ  1 
ATOM   217  O OH  . TYR A 1 27  ? 8.057   10.316  3.680   1.00 21.41  ? 28  TYR A OH  1 
ATOM   218  N N   . CYS A 1 28  ? 3.321   3.272   5.481   1.00 11.11  ? 29  CYS A N   1 
ATOM   219  C CA  . CYS A 1 28  ? 2.218   2.320   5.336   1.00 13.20  ? 29  CYS A CA  1 
ATOM   220  C C   . CYS A 1 28  ? 1.019   2.725   6.178   1.00 13.00  ? 29  CYS A C   1 
ATOM   221  O O   . CYS A 1 28  ? 1.157   2.994   7.368   1.00 15.56  ? 29  CYS A O   1 
ATOM   222  C CB  . CYS A 1 28  ? 2.653   0.901   5.701   1.00 15.20  ? 29  CYS A CB  1 
ATOM   223  S SG  . CYS A 1 28  ? 3.951   0.242   4.608   1.00 13.30  ? 29  CYS A SG  1 
ATOM   224  N N   . GLY A 1 29  ? -0.144  2.820   5.554   1.00 11.20  ? 30  GLY A N   1 
ATOM   225  C CA  . GLY A 1 29  ? -1.319  3.206   6.298   1.00 12.63  ? 30  GLY A CA  1 
ATOM   226  C C   . GLY A 1 29  ? -1.295  4.663   6.751   1.00 14.96  ? 30  GLY A C   1 
ATOM   227  O O   . GLY A 1 29  ? -1.291  5.581   5.941   1.00 14.54  ? 30  GLY A O   1 
ATOM   228  N N   . TRP A 1 30  ? -1.268  4.872   8.054   1.00 14.35  ? 31  TRP A N   1 
ATOM   229  C CA  . TRP A 1 30  ? -1.293  6.223   8.590   1.00 16.00  ? 31  TRP A CA  1 
ATOM   230  C C   . TRP A 1 30  ? 0.110   6.832   8.647   1.00 18.66  ? 31  TRP A C   1 
ATOM   231  O O   . TRP A 1 30  ? 0.922   6.445   9.505   1.00 22.23  ? 31  TRP A O   1 
ATOM   232  C CB  . TRP A 1 30  ? -1.889  6.179   9.989   1.00 13.40  ? 31  TRP A CB  1 
ATOM   233  C CG  . TRP A 1 30  ? -2.135  7.525   10.577  1.00 12.16  ? 31  TRP A CG  1 
ATOM   234  C CD1 . TRP A 1 30  ? -1.229  8.335   11.175  1.00 12.90  ? 31  TRP A CD1 1 
ATOM   235  C CD2 . TRP A 1 30  ? -3.390  8.200   10.657  1.00 10.81  ? 31  TRP A CD2 1 
ATOM   236  N NE1 . TRP A 1 30  ? -1.844  9.479   11.636  1.00 13.86  ? 31  TRP A NE1 1 
ATOM   237  C CE2 . TRP A 1 30  ? -3.180  9.409   11.329  1.00 11.49  ? 31  TRP A CE2 1 
ATOM   238  C CE3 . TRP A 1 30  ? -4.678  7.869   10.236  1.00 11.44  ? 31  TRP A CE3 1 
ATOM   239  C CZ2 . TRP A 1 30  ? -4.215  10.317  11.590  1.00 11.34  ? 31  TRP A CZ2 1 
ATOM   240  C CZ3 . TRP A 1 30  ? -5.693  8.763   10.495  1.00 14.39  ? 31  TRP A CZ3 1 
ATOM   241  C CH2 . TRP A 1 30  ? -5.454  9.969   11.175  1.00 11.40  ? 31  TRP A CH2 1 
ATOM   242  N N   . GLY A 1 31  ? 0.397   7.806   7.783   1.00 15.98  ? 32  GLY A N   1 
ATOM   243  C CA  . GLY A 1 31  ? 1.717   8.418   7.817   1.00 15.06  ? 32  GLY A CA  1 
ATOM   244  C C   . GLY A 1 31  ? 1.854   9.444   6.723   1.00 16.51  ? 32  GLY A C   1 
ATOM   245  O O   . GLY A 1 31  ? 0.889   10.136  6.416   1.00 18.02  ? 32  GLY A O   1 
ATOM   246  N N   . GLY A 1 32  ? 3.041   9.582   6.150   1.00 15.93  ? 33  GLY A N   1 
ATOM   247  C CA  . GLY A 1 32  ? 3.166   10.550  5.087   1.00 16.67  ? 33  GLY A CA  1 
ATOM   248  C C   . GLY A 1 32  ? 4.368   11.453  5.119   1.00 17.13  ? 33  GLY A C   1 
ATOM   249  O O   . GLY A 1 32  ? 4.469   12.357  4.296   1.00 19.52  ? 33  GLY A O   1 
ATOM   250  N N   . GLN A 1 33  ? 5.241   11.254  6.094   1.00 17.09  ? 34  GLN A N   1 
ATOM   251  C CA  . GLN A 1 33  ? 6.467   12.025  6.162   1.00 18.14  ? 34  GLN A CA  1 
ATOM   252  C C   . GLN A 1 33  ? 7.539   11.195  6.864   1.00 20.23  ? 34  GLN A C   1 
ATOM   253  O O   . GLN A 1 33  ? 7.237   10.173  7.507   1.00 20.17  ? 34  GLN A O   1 
ATOM   254  C CB  . GLN A 1 33  ? 6.268   13.365  6.871   1.00 18.52  ? 34  GLN A CB  1 
ATOM   255  C CG  . GLN A 1 33  ? 6.059   13.292  8.352   1.00 22.43  ? 34  GLN A CG  1 
ATOM   256  C CD  . GLN A 1 33  ? 6.173   14.660  9.029   1.00 24.76  ? 34  GLN A CD  1 
ATOM   257  O OE1 . GLN A 1 33  ? 5.525   15.651  8.616   1.00 22.26  ? 34  GLN A OE1 1 
ATOM   258  N NE2 . GLN A 1 33  ? 6.985   14.724  10.063  1.00 27.36  ? 34  GLN A NE2 1 
ATOM   259  N N   . GLY A 1 34  ? 8.785   11.651  6.751   1.00 22.55  ? 35  GLY A N   1 
ATOM   260  C CA  . GLY A 1 34  ? 9.910   10.968  7.359   1.00 21.48  ? 35  GLY A CA  1 
ATOM   261  C C   . GLY A 1 34  ? 10.563  10.088  6.330   1.00 22.12  ? 35  GLY A C   1 
ATOM   262  O O   . GLY A 1 34  ? 10.322  10.195  5.112   1.00 20.34  ? 35  GLY A O   1 
ATOM   263  N N   . ARG A 1 35  ? 11.430  9.214   6.799   1.00 24.11  ? 36  ARG A N   1 
ATOM   264  C CA  . ARG A 1 35  ? 12.069  8.325   5.860   1.00 28.37  ? 36  ARG A CA  1 
ATOM   265  C C   . ARG A 1 35  ? 11.476  6.939   5.923   1.00 22.90  ? 36  ARG A C   1 
ATOM   266  O O   . ARG A 1 35  ? 11.035  6.504   6.976   1.00 21.24  ? 36  ARG A O   1 
ATOM   267  C CB  . ARG A 1 35  ? 13.595  8.322   6.032   1.00 35.61  ? 36  ARG A CB  1 
ATOM   268  C CG  . ARG A 1 35  ? 14.220  9.586   5.390   1.00 50.57  ? 36  ARG A CG  1 
ATOM   269  C CD  . ARG A 1 35  ? 15.618  9.350   4.829   1.00 60.88  ? 36  ARG A CD  1 
ATOM   270  N NE  . ARG A 1 35  ? 15.778  7.998   4.293   1.00 70.16  ? 36  ARG A NE  1 
ATOM   271  C CZ  . ARG A 1 35  ? 16.831  7.215   4.528   1.00 74.67  ? 36  ARG A CZ  1 
ATOM   272  N NH1 . ARG A 1 35  ? 17.831  7.646   5.296   1.00 78.20  ? 36  ARG A NH1 1 
ATOM   273  N NH2 . ARG A 1 35  ? 16.862  5.977   4.056   1.00 76.71  ? 36  ARG A NH2 1 
ATOM   274  N N   . ALA A 1 36  ? 11.336  6.311   4.765   1.00 21.11  ? 37  ALA A N   1 
ATOM   275  C CA  . ALA A 1 36  ? 10.824  4.948   4.700   1.00 21.20  ? 37  ALA A CA  1 
ATOM   276  C C   . ALA A 1 36  ? 11.815  4.093   5.507   1.00 20.49  ? 37  ALA A C   1 
ATOM   277  O O   . ALA A 1 36  ? 13.020  4.056   5.215   1.00 23.61  ? 37  ALA A O   1 
ATOM   278  C CB  . ALA A 1 36  ? 10.763  4.474   3.250   1.00 20.13  ? 37  ALA A CB  1 
ATOM   279  N N   . GLN A 1 37  ? 11.321  3.405   6.520   1.00 18.61  ? 38  GLN A N   1 
ATOM   280  C CA  . GLN A 1 37  ? 12.163  2.602   7.397   1.00 18.93  ? 38  GLN A CA  1 
ATOM   281  C C   . GLN A 1 37  ? 12.817  1.357   6.803   1.00 18.84  ? 38  GLN A C   1 
ATOM   282  O O   . GLN A 1 37  ? 13.860  0.923   7.269   1.00 22.29  ? 38  GLN A O   1 
ATOM   283  C CB  . GLN A 1 37  ? 11.349  2.215   8.608   1.00 17.78  ? 38  GLN A CB  1 
ATOM   284  C CG  . GLN A 1 37  ? 10.794  3.421   9.293   1.00 21.13  ? 38  GLN A CG  1 
ATOM   285  C CD  . GLN A 1 37  ? 11.896  4.233   9.890   1.00 24.33  ? 38  GLN A CD  1 
ATOM   286  O OE1 . GLN A 1 37  ? 12.596  3.750   10.781  1.00 25.84  ? 38  GLN A OE1 1 
ATOM   287  N NE2 . GLN A 1 37  ? 12.101  5.453   9.385   1.00 24.09  ? 38  GLN A NE2 1 
ATOM   288  N N   . ASP A 1 38  ? 12.159  0.729   5.846   1.00 16.57  ? 39  ASP A N   1 
ATOM   289  C CA  . ASP A 1 38  ? 12.703  -0.473  5.251   1.00 16.10  ? 39  ASP A CA  1 
ATOM   290  C C   . ASP A 1 38  ? 12.014  -0.739  3.928   1.00 14.68  ? 39  ASP A C   1 
ATOM   291  O O   . ASP A 1 38  ? 11.220  0.067   3.481   1.00 16.42  ? 39  ASP A O   1 
ATOM   292  C CB  . ASP A 1 38  ? 12.526  -1.656  6.207   1.00 16.13  ? 39  ASP A CB  1 
ATOM   293  C CG  . ASP A 1 38  ? 11.072  -2.020  6.453   1.00 16.93  ? 39  ASP A CG  1 
ATOM   294  O OD1 . ASP A 1 38  ? 10.143  -1.311  6.017   1.00 19.08  ? 39  ASP A OD1 1 
ATOM   295  O OD2 . ASP A 1 38  ? 10.837  -3.050  7.103   1.00 18.64  ? 39  ASP A OD2 1 
ATOM   296  N N   . ALA A 1 39  ? 12.282  -1.898  3.338   1.00 16.89  ? 40  ALA A N   1 
ATOM   297  C CA  . ALA A 1 39  ? 11.697  -2.317  2.056   1.00 15.04  ? 40  ALA A CA  1 
ATOM   298  C C   . ALA A 1 39  ? 10.164  -2.297  2.071   1.00 13.35  ? 40  ALA A C   1 
ATOM   299  O O   . ALA A 1 39  ? 9.545   -1.816  1.124   1.00 13.78  ? 40  ALA A O   1 
ATOM   300  C CB  . ALA A 1 39  ? 12.230  -3.717  1.686   1.00 14.37  ? 40  ALA A CB  1 
ATOM   301  N N   . THR A 1 40  ? 9.546   -2.809  3.138   1.00 13.61  ? 41  THR A N   1 
ATOM   302  C CA  . THR A 1 40  ? 8.077   -2.776  3.264   1.00 14.85  ? 41  THR A CA  1 
ATOM   303  C C   . THR A 1 40  ? 7.537   -1.313  3.179   1.00 14.41  ? 41  THR A C   1 
ATOM   304  O O   . THR A 1 40  ? 6.632   -1.004  2.371   1.00 12.91  ? 41  THR A O   1 
ATOM   305  C CB  . THR A 1 40  ? 7.600   -3.429  4.615   1.00 14.00  ? 41  THR A CB  1 
ATOM   306  O OG1 . THR A 1 40  ? 7.806   -4.845  4.559   1.00 18.16  ? 41  THR A OG1 1 
ATOM   307  C CG2 . THR A 1 40  ? 6.121   -3.148  4.873   1.00 11.48  ? 41  THR A CG2 1 
ATOM   308  N N   . ASP A 1 41  ? 8.117   -0.430  3.998   1.00 13.87  ? 42  ASP A N   1 
ATOM   309  C CA  . ASP A 1 41  ? 7.734   0.975   4.036   1.00 13.21  ? 42  ASP A CA  1 
ATOM   310  C C   . ASP A 1 41  ? 7.970   1.624   2.637   1.00 16.09  ? 42  ASP A C   1 
ATOM   311  O O   . ASP A 1 41  ? 7.193   2.500   2.198   1.00 15.73  ? 42  ASP A O   1 
ATOM   312  C CB  . ASP A 1 41  ? 8.570   1.678   5.090   1.00 15.25  ? 42  ASP A CB  1 
ATOM   313  C CG  . ASP A 1 41  ? 7.826   2.818   5.793   1.00 13.15  ? 42  ASP A CG  1 
ATOM   314  O OD1 . ASP A 1 41  ? 6.592   2.946   5.666   1.00 12.57  ? 42  ASP A OD1 1 
ATOM   315  O OD2 . ASP A 1 41  ? 8.508   3.584   6.496   1.00 16.16  ? 42  ASP A OD2 1 
ATOM   316  N N   . ARG A 1 42  ? 9.029   1.196   1.935   1.00 16.52  ? 43  ARG A N   1 
ATOM   317  C CA  . ARG A 1 42  ? 9.310   1.727   0.591   1.00 17.15  ? 43  ARG A CA  1 
ATOM   318  C C   . ARG A 1 42  ? 8.230   1.336   -0.418  1.00 16.62  ? 43  ARG A C   1 
ATOM   319  O O   . ARG A 1 42  ? 7.939   2.105   -1.351  1.00 14.94  ? 43  ARG A O   1 
ATOM   320  C CB  . ARG A 1 42  ? 10.731  1.369   0.113   1.00 19.66  ? 43  ARG A CB  1 
ATOM   321  C CG  . ARG A 1 42  ? 11.794  2.160   0.872   1.00 26.47  ? 43  ARG A CG  1 
ATOM   322  C CD  . ARG A 1 42  ? 13.185  2.068   0.257   1.00 31.28  ? 43  ARG A CD  1 
ATOM   323  N NE  . ARG A 1 42  ? 13.711  0.698   0.259   1.00 34.11  ? 43  ARG A NE  1 
ATOM   324  C CZ  . ARG A 1 42  ? 14.414  0.142   1.252   1.00 36.82  ? 43  ARG A CZ  1 
ATOM   325  N NH1 . ARG A 1 42  ? 14.699  0.828   2.368   1.00 35.74  ? 43  ARG A NH1 1 
ATOM   326  N NH2 . ARG A 1 42  ? 14.857  -1.105  1.118   1.00 34.74  ? 43  ARG A NH2 1 
ATOM   327  N N   . CYS A 1 43  ? 7.614   0.164   -0.230  1.00 14.67  ? 44  CYS A N   1 
ATOM   328  C CA  . CYS A 1 43  ? 6.521   -0.262  -1.091  1.00 13.75  ? 44  CYS A CA  1 
ATOM   329  C C   . CYS A 1 43  ? 5.382   0.749   -0.947  1.00 14.62  ? 44  CYS A C   1 
ATOM   330  O O   . CYS A 1 43  ? 4.738   1.151   -1.930  1.00 13.94  ? 44  CYS A O   1 
ATOM   331  C CB  . CYS A 1 43  ? 5.950   -1.602  -0.618  1.00 12.79  ? 44  CYS A CB  1 
ATOM   332  S SG  . CYS A 1 43  ? 7.064   -3.042  -0.772  1.00 14.69  ? 44  CYS A SG  1 
ATOM   333  N N   . CYS A 1 44  ? 5.099   1.104   0.306   1.00 13.12  ? 45  CYS A N   1 
ATOM   334  C CA  . CYS A 1 44  ? 4.013   2.030   0.650   1.00 12.58  ? 45  CYS A CA  1 
ATOM   335  C C   . CYS A 1 44  ? 4.308   3.413   0.155   1.00 11.52  ? 45  CYS A C   1 
ATOM   336  O O   . CYS A 1 44  ? 3.434   4.078   -0.370  1.00 14.03  ? 45  CYS A O   1 
ATOM   337  C CB  . CYS A 1 44  ? 3.764   2.027   2.166   1.00 12.16  ? 45  CYS A CB  1 
ATOM   338  S SG  . CYS A 1 44  ? 3.109   0.426   2.776   1.00 14.13  ? 45  CYS A SG  1 
ATOM   339  N N   . PHE A 1 45  ? 5.553   3.828   0.262   1.00 12.15  ? 46  PHE A N   1 
ATOM   340  C CA  . PHE A 1 45  ? 5.903   5.135   -0.255  1.00 13.49  ? 46  PHE A CA  1 
ATOM   341  C C   . PHE A 1 45  ? 5.711   5.156   -1.778  1.00 14.88  ? 46  PHE A C   1 
ATOM   342  O O   . PHE A 1 45  ? 5.116   6.096   -2.322  1.00 14.80  ? 46  PHE A O   1 
ATOM   343  C CB  . PHE A 1 45  ? 7.342   5.518   0.101   1.00 15.36  ? 46  PHE A CB  1 
ATOM   344  C CG  . PHE A 1 45  ? 7.775   6.800   -0.551  1.00 18.84  ? 46  PHE A CG  1 
ATOM   345  C CD1 . PHE A 1 45  ? 7.285   8.023   -0.084  1.00 21.18  ? 46  PHE A CD1 1 
ATOM   346  C CD2 . PHE A 1 45  ? 8.612   6.794   -1.659  1.00 19.45  ? 46  PHE A CD2 1 
ATOM   347  C CE1 . PHE A 1 45  ? 7.613   9.224   -0.725  1.00 23.48  ? 46  PHE A CE1 1 
ATOM   348  C CE2 . PHE A 1 45  ? 8.951   7.985   -2.313  1.00 21.33  ? 46  PHE A CE2 1 
ATOM   349  C CZ  . PHE A 1 45  ? 8.454   9.203   -1.836  1.00 22.14  ? 46  PHE A CZ  1 
ATOM   350  N N   . ALA A 1 46  ? 6.188   4.123   -2.479  1.00 13.68  ? 47  ALA A N   1 
ATOM   351  C CA  . ALA A 1 46  ? 6.025   4.094   -3.940  1.00 13.37  ? 47  ALA A CA  1 
ATOM   352  C C   . ALA A 1 46  ? 4.560   4.054   -4.324  1.00 10.93  ? 47  ALA A C   1 
ATOM   353  O O   . ALA A 1 46  ? 4.184   4.587   -5.348  1.00 11.33  ? 47  ALA A O   1 
ATOM   354  C CB  . ALA A 1 46  ? 6.787   2.921   -4.558  1.00 13.07  ? 47  ALA A CB  1 
ATOM   355  N N   . GLN A 1 47  ? 3.729   3.397   -3.518  1.00 10.69  ? 48  GLN A N   1 
ATOM   356  C CA  . GLN A 1 47  ? 2.311   3.331   -3.799  1.00 11.02  ? 48  GLN A CA  1 
ATOM   357  C C   . GLN A 1 47  ? 1.683   4.729   -3.663  1.00 12.68  ? 48  GLN A C   1 
ATOM   358  O O   . GLN A 1 47  ? 0.783   5.080   -4.440  1.00 14.04  ? 48  GLN A O   1 
ATOM   359  C CB  . GLN A 1 47  ? 1.622   2.341   -2.871  1.00 12.44  ? 48  GLN A CB  1 
ATOM   360  C CG  . GLN A 1 47  ? 0.127   2.255   -3.036  1.00 14.92  ? 48  GLN A CG  1 
ATOM   361  C CD  . GLN A 1 47  ? -0.522  1.468   -1.916  1.00 18.47  ? 48  GLN A CD  1 
ATOM   362  O OE1 . GLN A 1 47  ? -0.040  1.478   -0.779  1.00 22.28  ? 48  GLN A OE1 1 
ATOM   363  N NE2 . GLN A 1 47  ? -1.636  0.824   -2.209  1.00 19.72  ? 48  GLN A NE2 1 
ATOM   364  N N   . ASP A 1 48  ? 2.109   5.500   -2.660  1.00 12.27  ? 49  ASP A N   1 
ATOM   365  C CA  . ASP A 1 48  ? 1.604   6.867   -2.508  1.00 13.04  ? 49  ASP A CA  1 
ATOM   366  C C   . ASP A 1 48  ? 1.988   7.694   -3.748  1.00 13.36  ? 49  ASP A C   1 
ATOM   367  O O   . ASP A 1 48  ? 1.200   8.505   -4.198  1.00 13.54  ? 49  ASP A O   1 
ATOM   368  C CB  . ASP A 1 48  ? 2.170   7.519   -1.257  1.00 15.97  ? 49  ASP A CB  1 
ATOM   369  C CG  . ASP A 1 48  ? 1.609   6.892   0.030   1.00 23.41  ? 49  ASP A CG  1 
ATOM   370  O OD1 . ASP A 1 48  ? 0.426   6.501   0.043   1.00 24.77  ? 49  ASP A OD1 1 
ATOM   371  O OD2 . ASP A 1 48  ? 2.354   6.795   1.028   1.00 28.67  ? 49  ASP A OD2 1 
ATOM   372  N N   . CYS A 1 49  ? 3.186   7.478   -4.303  1.00 12.88  ? 50  CYS A N   1 
ATOM   373  C CA  . CYS A 1 49  ? 3.598   8.186   -5.516  1.00 14.09  ? 50  CYS A CA  1 
ATOM   374  C C   . CYS A 1 49  ? 2.692   7.765   -6.659  1.00 15.41  ? 50  CYS A C   1 
ATOM   375  O O   . CYS A 1 49  ? 2.261   8.589   -7.459  1.00 15.42  ? 50  CYS A O   1 
ATOM   376  C CB  . CYS A 1 49  ? 5.050   7.888   -5.884  1.00 12.76  ? 50  CYS A CB  1 
ATOM   377  S SG  . CYS A 1 49  ? 6.244   8.484   -4.669  1.00 17.72  ? 50  CYS A SG  1 
ATOM   378  N N   . CYS A 1 50  ? 2.371   6.479   -6.707  1.00 14.15  ? 51  CYS A N   1 
ATOM   379  C CA  . CYS A 1 50  ? 1.488   5.934   -7.725  1.00 13.98  ? 51  CYS A CA  1 
ATOM   380  C C   . CYS A 1 50  ? 0.108   6.594   -7.655  1.00 15.59  ? 51  CYS A C   1 
ATOM   381  O O   . CYS A 1 50  ? -0.442  6.998   -8.689  1.00 15.78  ? 51  CYS A O   1 
ATOM   382  C CB  . CYS A 1 50  ? 1.374   4.417   -7.522  1.00 13.69  ? 51  CYS A CB  1 
ATOM   383  S SG  . CYS A 1 50  ? 0.549   3.545   -8.893  1.00 14.13  ? 51  CYS A SG  1 
ATOM   384  N N   . TYR A 1 51  ? -0.442  6.696   -6.439  1.00 14.87  ? 52  TYR A N   1 
ATOM   385  C CA  . TYR A 1 51  ? -1.756  7.325   -6.192  1.00 16.75  ? 52  TYR A CA  1 
ATOM   386  C C   . TYR A 1 51  ? -1.713  8.772   -6.670  1.00 18.97  ? 52  TYR A C   1 
ATOM   387  O O   . TYR A 1 51  ? -2.716  9.303   -7.099  1.00 19.91  ? 52  TYR A O   1 
ATOM   388  C CB  . TYR A 1 51  ? -2.060  7.354   -4.692  1.00 15.93  ? 52  TYR A CB  1 
ATOM   389  C CG  . TYR A 1 51  ? -2.649  6.106   -4.117  1.00 16.02  ? 52  TYR A CG  1 
ATOM   390  C CD1 . TYR A 1 51  ? -2.884  4.967   -4.908  1.00 18.26  ? 52  TYR A CD1 1 
ATOM   391  C CD2 . TYR A 1 51  ? -3.028  6.064   -2.785  1.00 18.25  ? 52  TYR A CD2 1 
ATOM   392  C CE1 . TYR A 1 51  ? -3.499  3.815   -4.364  1.00 15.75  ? 52  TYR A CE1 1 
ATOM   393  C CE2 . TYR A 1 51  ? -3.635  4.934   -2.234  1.00 17.40  ? 52  TYR A CE2 1 
ATOM   394  C CZ  . TYR A 1 51  ? -3.873  3.826   -3.022  1.00 17.10  ? 52  TYR A CZ  1 
ATOM   395  O OH  . TYR A 1 51  ? -4.516  2.761   -2.448  1.00 17.58  ? 52  TYR A OH  1 
ATOM   396  N N   . GLY A 1 52  ? -0.543  9.397   -6.530  1.00 21.18  ? 53  GLY A N   1 
ATOM   397  C CA  . GLY A 1 52  ? -0.328  10.772  -6.942  1.00 21.89  ? 53  GLY A CA  1 
ATOM   398  C C   . GLY A 1 52  ? -0.478  10.939  -8.435  1.00 24.24  ? 53  GLY A C   1 
ATOM   399  O O   . GLY A 1 52  ? -0.726  12.055  -8.885  1.00 23.91  ? 53  GLY A O   1 
ATOM   400  N N   . ARG A 1 53  ? -0.339  9.850   -9.197  1.00 24.26  ? 54  ARG A N   1 
ATOM   401  C CA  . ARG A 1 53  ? -0.466  9.887   -10.651 1.00 25.54  ? 54  ARG A CA  1 
ATOM   402  C C   . ARG A 1 53  ? -1.800  9.435   -11.213 1.00 29.61  ? 54  ARG A C   1 
ATOM   403  O O   . ARG A 1 53  ? -1.957  9.431   -12.431 1.00 30.63  ? 54  ARG A O   1 
ATOM   404  C CB  . ARG A 1 53  ? 0.596   9.029   -11.329 1.00 22.57  ? 54  ARG A CB  1 
ATOM   405  C CG  . ARG A 1 53  ? 1.998   9.356   -10.962 1.00 24.10  ? 54  ARG A CG  1 
ATOM   406  C CD  . ARG A 1 53  ? 2.993   8.429   -11.686 1.00 25.95  ? 54  ARG A CD  1 
ATOM   407  N NE  . ARG A 1 53  ? 2.916   7.005   -11.299 1.00 25.35  ? 54  ARG A NE  1 
ATOM   408  C CZ  . ARG A 1 53  ? 3.748   6.419   -10.441 1.00 23.56  ? 54  ARG A CZ  1 
ATOM   409  N NH1 . ARG A 1 53  ? 4.708   7.132   -9.859  1.00 22.45  ? 54  ARG A NH1 1 
ATOM   410  N NH2 . ARG A 1 53  ? 3.672   5.101   -10.223 1.00 21.25  ? 54  ARG A NH2 1 
ATOM   411  N N   . VAL A 1 54  ? -2.717  8.911   -10.400 1.00 33.65  ? 55  VAL A N   1 
ATOM   412  C CA  . VAL A 1 54  ? -4.004  8.487   -10.971 1.00 38.29  ? 55  VAL A CA  1 
ATOM   413  C C   . VAL A 1 54  ? -4.729  9.792   -11.252 1.00 45.94  ? 55  VAL A C   1 
ATOM   414  O O   . VAL A 1 54  ? -4.227  10.876  -10.884 1.00 47.71  ? 55  VAL A O   1 
ATOM   415  C CB  . VAL A 1 54  ? -4.859  7.569   -10.040 1.00 35.28  ? 55  VAL A CB  1 
ATOM   416  C CG1 . VAL A 1 54  ? -3.976  6.575   -9.286  1.00 31.90  ? 55  VAL A CG1 1 
ATOM   417  C CG2 . VAL A 1 54  ? -5.742  8.381   -9.123  1.00 30.98  ? 55  VAL A CG2 1 
ATOM   418  N N   . ASN A 1 55  ? -5.892  9.751   -11.887 1.00 51.59  ? 56  ASN A N   1 
ATOM   419  C CA  . ASN A 1 55  ? -6.479  11.057  -12.108 1.00 57.24  ? 56  ASN A CA  1 
ATOM   420  C C   . ASN A 1 55  ? -7.556  11.728  -11.291 1.00 57.99  ? 56  ASN A C   1 
ATOM   421  O O   . ASN A 1 55  ? -7.239  12.426  -10.344 1.00 57.73  ? 56  ASN A O   1 
ATOM   422  C CB  . ASN A 1 55  ? -6.584  11.404  -13.574 1.00 61.79  ? 56  ASN A CB  1 
ATOM   423  C CG  . ASN A 1 55  ? -5.736  12.606  -13.905 1.00 66.39  ? 56  ASN A CG  1 
ATOM   424  O OD1 . ASN A 1 55  ? -4.512  12.566  -13.607 1.00 68.25  ? 56  ASN A OD1 1 
ATOM   425  N ND2 . ASN A 1 55  ? -6.303  13.619  -14.375 1.00 69.78  ? 56  ASN A ND2 1 
ATOM   426  N N   . ASP A 1 56  ? -8.822  11.554  -11.613 1.00 59.44  ? 59  ASP A N   1 
ATOM   427  C CA  . ASP A 1 56  ? -9.792  12.311  -10.846 1.00 61.05  ? 59  ASP A CA  1 
ATOM   428  C C   . ASP A 1 56  ? -10.583 11.679  -9.719  1.00 58.50  ? 59  ASP A C   1 
ATOM   429  O O   . ASP A 1 56  ? -11.650 12.185  -9.361  1.00 60.32  ? 59  ASP A O   1 
ATOM   430  C CB  . ASP A 1 56  ? -10.715 13.058  -11.804 1.00 67.81  ? 59  ASP A CB  1 
ATOM   431  C CG  . ASP A 1 56  ? -9.946  13.980  -12.747 1.00 75.60  ? 59  ASP A CG  1 
ATOM   432  O OD1 . ASP A 1 56  ? -8.822  14.424  -12.382 1.00 78.89  ? 59  ASP A OD1 1 
ATOM   433  O OD2 . ASP A 1 56  ? -10.454 14.249  -13.864 1.00 80.20  ? 59  ASP A OD2 1 
ATOM   434  N N   . CYS A 1 57  ? -10.082 10.604  -9.128  1.00 52.84  ? 61  CYS A N   1 
ATOM   435  C CA  . CYS A 1 57  ? -10.832 9.984   -8.044  1.00 46.74  ? 61  CYS A CA  1 
ATOM   436  C C   . CYS A 1 57  ? -9.999  9.878   -6.784  1.00 42.84  ? 61  CYS A C   1 
ATOM   437  O O   . CYS A 1 57  ? -8.767  10.013  -6.823  1.00 42.84  ? 61  CYS A O   1 
ATOM   438  C CB  . CYS A 1 57  ? -11.399 8.609   -8.450  1.00 45.24  ? 61  CYS A CB  1 
ATOM   439  S SG  . CYS A 1 57  ? -10.146 7.338   -8.848  1.00 41.48  ? 61  CYS A SG  1 
ATOM   440  N N   . ASN A 1 58  ? -10.691 9.684   -5.662  1.00 37.55  ? 67  ASN A N   1 
ATOM   441  C CA  . ASN A 1 58  ? -10.076 9.552   -4.348  1.00 31.73  ? 67  ASN A CA  1 
ATOM   442  C C   . ASN A 1 58  ? -9.760  8.070   -4.178  1.00 26.35  ? 67  ASN A C   1 
ATOM   443  O O   . ASN A 1 58  ? -10.651 7.264   -3.945  1.00 24.03  ? 67  ASN A O   1 
ATOM   444  C CB  . ASN A 1 58  ? -11.064 10.007  -3.272  1.00 32.21  ? 67  ASN A CB  1 
ATOM   445  C CG  . ASN A 1 58  ? -10.454 10.044  -1.892  1.00 34.40  ? 67  ASN A CG  1 
ATOM   446  O OD1 . ASN A 1 58  ? -9.471  9.356   -1.605  1.00 38.13  ? 67  ASN A OD1 1 
ATOM   447  N ND2 . ASN A 1 58  ? -11.042 10.839  -1.018  1.00 35.87  ? 67  ASN A ND2 1 
ATOM   448  N N   . PRO A 1 59  ? -8.480  7.709   -4.264  1.00 22.63  ? 68  PRO A N   1 
ATOM   449  C CA  . PRO A 1 59  ? -7.975  6.342   -4.137  1.00 20.39  ? 68  PRO A CA  1 
ATOM   450  C C   . PRO A 1 59  ? -8.420  5.630   -2.883  1.00 20.25  ? 68  PRO A C   1 
ATOM   451  O O   . PRO A 1 59  ? -8.632  4.422   -2.902  1.00 20.94  ? 68  PRO A O   1 
ATOM   452  C CB  . PRO A 1 59  ? -6.472  6.538   -4.136  1.00 20.52  ? 68  PRO A CB  1 
ATOM   453  C CG  . PRO A 1 59  ? -6.276  7.829   -4.851  1.00 23.80  ? 68  PRO A CG  1 
ATOM   454  C CD  . PRO A 1 59  ? -7.369  8.670   -4.312  1.00 22.29  ? 68  PRO A CD  1 
ATOM   455  N N   . LYS A 1 60  ? -8.545  6.356   -1.777  1.00 19.84  ? 69  LYS A N   1 
ATOM   456  C CA  . LYS A 1 60  ? -8.956  5.710   -0.535  1.00 19.62  ? 69  LYS A CA  1 
ATOM   457  C C   . LYS A 1 60  ? -10.358 5.120   -0.582  1.00 17.92  ? 69  LYS A C   1 
ATOM   458  O O   . LYS A 1 60  ? -10.605 4.032   -0.042  1.00 19.00  ? 69  LYS A O   1 
ATOM   459  C CB  . LYS A 1 60  ? -8.855  6.662   0.663   1.00 19.31  ? 69  LYS A CB  1 
ATOM   460  C CG  . LYS A 1 60  ? -9.414  6.016   1.930   1.00 19.37  ? 69  LYS A CG  1 
ATOM   461  C CD  . LYS A 1 60  ? -9.267  6.903   3.093   1.00 19.98  ? 69  LYS A CD  1 
ATOM   462  C CE  . LYS A 1 60  ? -10.103 6.426   4.240   1.00 18.17  ? 69  LYS A CE  1 
ATOM   463  N NZ  . LYS A 1 60  ? -10.034 7.475   5.282   1.00 19.02  ? 69  LYS A NZ  1 
ATOM   464  N N   . THR A 1 61  ? -11.257 5.830   -1.247  1.00 17.54  ? 70  THR A N   1 
ATOM   465  C CA  . THR A 1 61  ? -12.643 5.413   -1.360  1.00 18.00  ? 70  THR A CA  1 
ATOM   466  C C   . THR A 1 61  ? -13.078 4.858   -2.731  1.00 18.47  ? 70  THR A C   1 
ATOM   467  O O   . THR A 1 61  ? -14.177 4.335   -2.860  1.00 19.18  ? 70  THR A O   1 
ATOM   468  C CB  . THR A 1 61  ? -13.545 6.601   -0.986  1.00 19.53  ? 70  THR A CB  1 
ATOM   469  O OG1 . THR A 1 61  ? -13.101 7.754   -1.710  1.00 22.27  ? 70  THR A OG1 1 
ATOM   470  C CG2 . THR A 1 61  ? -13.436 6.890   0.500   1.00 21.78  ? 70  THR A CG2 1 
ATOM   471  N N   . ALA A 1 62  ? -12.224 4.967   -3.747  1.00 17.97  ? 71  ALA A N   1 
ATOM   472  C CA  . ALA A 1 62  ? -12.567 4.471   -5.080  1.00 18.96  ? 71  ALA A CA  1 
ATOM   473  C C   . ALA A 1 62  ? -12.721 2.976   -4.975  1.00 19.94  ? 71  ALA A C   1 
ATOM   474  O O   . ALA A 1 62  ? -11.767 2.291   -4.615  1.00 21.46  ? 71  ALA A O   1 
ATOM   475  C CB  . ALA A 1 62  ? -11.458 4.799   -6.082  1.00 18.13  ? 71  ALA A CB  1 
ATOM   476  N N   . THR A 1 63  ? -13.899 2.471   -5.297  1.00 19.63  ? 72  THR A N   1 
ATOM   477  C CA  . THR A 1 63  ? -14.150 1.041   -5.221  1.00 19.70  ? 72  THR A CA  1 
ATOM   478  C C   . THR A 1 63  ? -14.060 0.448   -6.609  1.00 19.99  ? 72  THR A C   1 
ATOM   479  O O   . THR A 1 63  ? -14.935 0.639   -7.451  1.00 19.94  ? 72  THR A O   1 
ATOM   480  C CB  . THR A 1 63  ? -15.514 0.758   -4.539  1.00 21.04  ? 72  THR A CB  1 
ATOM   481  O OG1 . THR A 1 63  ? -15.499 1.335   -3.224  1.00 21.58  ? 72  THR A OG1 1 
ATOM   482  C CG2 . THR A 1 63  ? -15.761 -0.744  -4.414  1.00 18.76  ? 72  THR A CG2 1 
ATOM   483  N N   . TYR A 1 64  ? -12.977 -0.277  -6.835  1.00 18.07  ? 73  TYR A N   1 
ATOM   484  C CA  . TYR A 1 64  ? -12.712 -0.867  -8.124  1.00 18.42  ? 73  TYR A CA  1 
ATOM   485  C C   . TYR A 1 64  ? -13.082 -2.340  -8.232  1.00 20.44  ? 73  TYR A C   1 
ATOM   486  O O   . TYR A 1 64  ? -13.430 -2.977  -7.251  1.00 20.46  ? 73  TYR A O   1 
ATOM   487  C CB  . TYR A 1 64  ? -11.239 -0.652  -8.473  1.00 16.67  ? 73  TYR A CB  1 
ATOM   488  C CG  . TYR A 1 64  ? -10.296 -1.075  -7.358  1.00 16.66  ? 73  TYR A CG  1 
ATOM   489  C CD1 . TYR A 1 64  ? -10.145 -2.424  -7.027  1.00 16.03  ? 73  TYR A CD1 1 
ATOM   490  C CD2 . TYR A 1 64  ? -9.564  -0.123  -6.640  1.00 13.97  ? 73  TYR A CD2 1 
ATOM   491  C CE1 . TYR A 1 64  ? -9.285  -2.817  -6.009  1.00 14.99  ? 73  TYR A CE1 1 
ATOM   492  C CE2 . TYR A 1 64  ? -8.705  -0.495  -5.632  1.00 13.52  ? 73  TYR A CE2 1 
ATOM   493  C CZ  . TYR A 1 64  ? -8.564  -1.853  -5.327  1.00 15.07  ? 73  TYR A CZ  1 
ATOM   494  O OH  . TYR A 1 64  ? -7.676  -2.250  -4.366  1.00 14.60  ? 73  TYR A OH  1 
ATOM   495  N N   . THR A 1 65  ? -12.907 -2.894  -9.424  1.00 21.12  ? 74  THR A N   1 
ATOM   496  C CA  . THR A 1 65  ? -13.221 -4.284  -9.716  1.00 22.15  ? 74  THR A CA  1 
ATOM   497  C C   . THR A 1 65  ? -11.927 -5.057  -9.908  1.00 19.46  ? 74  THR A C   1 
ATOM   498  O O   . THR A 1 65  ? -11.053 -4.622  -10.666 1.00 18.56  ? 74  THR A O   1 
ATOM   499  C CB  . THR A 1 65  ? -14.050 -4.389  -11.025 1.00 24.72  ? 74  THR A CB  1 
ATOM   500  O OG1 . THR A 1 65  ? -15.342 -3.804  -10.818 1.00 29.37  ? 74  THR A OG1 1 
ATOM   501  C CG2 . THR A 1 65  ? -14.202 -5.824  -11.471 1.00 26.70  ? 74  THR A CG2 1 
ATOM   502  N N   . TYR A 1 66  ? -11.780 -6.176  -9.207  1.00 18.44  ? 75  TYR A N   1 
ATOM   503  C CA  . TYR A 1 66  ? -10.582 -6.984  -9.375  1.00 17.63  ? 75  TYR A CA  1 
ATOM   504  C C   . TYR A 1 66  ? -10.920 -8.412  -9.058  1.00 18.12  ? 75  TYR A C   1 
ATOM   505  O O   . TYR A 1 66  ? -11.977 -8.699  -8.489  1.00 18.89  ? 75  TYR A O   1 
ATOM   506  C CB  . TYR A 1 66  ? -9.423  -6.495  -8.502  1.00 16.51  ? 75  TYR A CB  1 
ATOM   507  C CG  . TYR A 1 66  ? -9.622  -6.771  -7.046  1.00 19.15  ? 75  TYR A CG  1 
ATOM   508  C CD1 . TYR A 1 66  ? -10.549 -6.022  -6.312  1.00 19.73  ? 75  TYR A CD1 1 
ATOM   509  C CD2 . TYR A 1 66  ? -8.952  -7.842  -6.405  1.00 20.83  ? 75  TYR A CD2 1 
ATOM   510  C CE1 . TYR A 1 66  ? -10.830 -6.312  -4.987  1.00 22.32  ? 75  TYR A CE1 1 
ATOM   511  C CE2 . TYR A 1 66  ? -9.232  -8.166  -5.040  1.00 22.42  ? 75  TYR A CE2 1 
ATOM   512  C CZ  . TYR A 1 66  ? -10.181 -7.388  -4.352  1.00 24.63  ? 75  TYR A CZ  1 
ATOM   513  O OH  . TYR A 1 66  ? -10.573 -7.665  -3.062  1.00 26.05  ? 75  TYR A OH  1 
ATOM   514  N N   . SER A 1 67  ? -9.998  -9.300  -9.387  1.00 19.92  ? 76  SER A N   1 
ATOM   515  C CA  . SER A 1 67  ? -10.186 -10.713 -9.124  1.00 24.08  ? 76  SER A CA  1 
ATOM   516  C C   . SER A 1 67  ? -8.818  -11.377 -9.002  1.00 24.81  ? 76  SER A C   1 
ATOM   517  O O   . SER A 1 67  ? -7.795  -10.786 -9.380  1.00 24.83  ? 76  SER A O   1 
ATOM   518  C CB  . SER A 1 67  ? -11.019 -11.361 -10.253 1.00 25.90  ? 76  SER A CB  1 
ATOM   519  O OG  . SER A 1 67  ? -10.380 -11.187 -11.514 1.00 32.78  ? 76  SER A OG  1 
ATOM   520  N N   . PHE A 1 68  ? -8.790  -12.553 -8.375  1.00 25.54  ? 77  PHE A N   1 
ATOM   521  C CA  . PHE A 1 68  ? -7.566  -13.329 -8.239  1.00 25.84  ? 77  PHE A CA  1 
ATOM   522  C C   . PHE A 1 68  ? -7.734  -14.385 -9.308  1.00 29.05  ? 77  PHE A C   1 
ATOM   523  O O   . PHE A 1 68  ? -8.790  -15.000 -9.391  1.00 29.61  ? 77  PHE A O   1 
ATOM   524  C CB  . PHE A 1 68  ? -7.471  -14.002 -6.860  1.00 24.07  ? 77  PHE A CB  1 
ATOM   525  C CG  . PHE A 1 68  ? -7.317  -13.035 -5.734  1.00 20.87  ? 77  PHE A CG  1 
ATOM   526  C CD1 . PHE A 1 68  ? -6.074  -12.444 -5.466  1.00 21.25  ? 77  PHE A CD1 1 
ATOM   527  C CD2 . PHE A 1 68  ? -8.427  -12.637 -4.989  1.00 21.12  ? 77  PHE A CD2 1 
ATOM   528  C CE1 . PHE A 1 68  ? -5.948  -11.454 -4.468  1.00 21.41  ? 77  PHE A CE1 1 
ATOM   529  C CE2 . PHE A 1 68  ? -8.307  -11.646 -3.986  1.00 19.99  ? 77  PHE A CE2 1 
ATOM   530  C CZ  . PHE A 1 68  ? -7.065  -11.057 -3.729  1.00 19.26  ? 77  PHE A CZ  1 
ATOM   531  N N   . GLU A 1 69  ? -6.783  -14.472 -10.227 1.00 32.61  ? 78  GLU A N   1 
ATOM   532  C CA  . GLU A 1 69  ? -6.849  -15.485 -11.267 1.00 37.61  ? 78  GLU A CA  1 
ATOM   533  C C   . GLU A 1 69  ? -5.672  -16.323 -10.905 1.00 38.62  ? 78  GLU A C   1 
ATOM   534  O O   . GLU A 1 69  ? -4.516  -15.930 -11.112 1.00 36.66  ? 78  GLU A O   1 
ATOM   535  C CB  . GLU A 1 69  ? -6.788  -14.858 -12.641 1.00 41.31  ? 78  GLU A CB  1 
ATOM   536  C CG  . GLU A 1 69  ? -8.187  -14.807 -13.204 1.00 47.88  ? 78  GLU A CG  1 
ATOM   537  C CD  . GLU A 1 69  ? -8.374  -13.754 -14.250 1.00 52.47  ? 78  GLU A CD  1 
ATOM   538  O OE1 . GLU A 1 69  ? -7.533  -13.663 -15.185 1.00 54.43  ? 78  GLU A OE1 1 
ATOM   539  O OE2 . GLU A 1 69  ? -9.383  -13.015 -14.124 1.00 56.46  ? 78  GLU A OE2 1 
ATOM   540  N N   . ASN A 1 70  ? -6.028  -17.389 -10.177 1.00 42.84  ? 79  ASN A N   1 
ATOM   541  C CA  . ASN A 1 70  ? -5.117  -18.337 -9.529  1.00 45.16  ? 79  ASN A CA  1 
ATOM   542  C C   . ASN A 1 70  ? -4.674  -17.477 -8.339  1.00 45.00  ? 79  ASN A C   1 
ATOM   543  O O   . ASN A 1 70  ? -5.504  -17.140 -7.490  1.00 44.25  ? 79  ASN A O   1 
ATOM   544  C CB  . ASN A 1 70  ? -3.956  -18.714 -10.427 1.00 47.37  ? 79  ASN A CB  1 
ATOM   545  C CG  . ASN A 1 70  ? -4.229  -19.977 -11.180 1.00 50.50  ? 79  ASN A CG  1 
ATOM   546  O OD1 . ASN A 1 70  ? -5.214  -20.081 -11.920 1.00 48.99  ? 79  ASN A OD1 1 
ATOM   547  N ND2 . ASN A 1 70  ? -3.375  -20.973 -10.971 1.00 53.41  ? 79  ASN A ND2 1 
ATOM   548  N N   . GLY A 1 71  ? -3.422  -17.021 -8.346  1.00 44.90  ? 80  GLY A N   1 
ATOM   549  C CA  . GLY A 1 71  ? -2.960  -16.147 -7.283  1.00 45.35  ? 80  GLY A CA  1 
ATOM   550  C C   . GLY A 1 71  ? -2.793  -14.711 -7.769  1.00 44.30  ? 80  GLY A C   1 
ATOM   551  O O   . GLY A 1 71  ? -2.753  -13.768 -6.966  1.00 45.03  ? 80  GLY A O   1 
ATOM   552  N N   . ASP A 1 72  ? -2.652  -14.552 -9.085  1.00 41.75  ? 81  ASP A N   1 
ATOM   553  C CA  . ASP A 1 72  ? -2.494  -13.239 -9.710  1.00 38.23  ? 81  ASP A CA  1 
ATOM   554  C C   . ASP A 1 72  ? -3.652  -12.290 -9.447  1.00 32.19  ? 81  ASP A C   1 
ATOM   555  O O   . ASP A 1 72  ? -4.815  -12.694 -9.333  1.00 30.46  ? 81  ASP A O   1 
ATOM   556  C CB  . ASP A 1 72  ? -2.295  -13.383 -11.218 1.00 43.46  ? 81  ASP A CB  1 
ATOM   557  C CG  . ASP A 1 72  ? -0.969  -14.041 -11.570 1.00 51.33  ? 81  ASP A CG  1 
ATOM   558  O OD1 . ASP A 1 72  ? -0.293  -14.554 -10.628 1.00 52.84  ? 81  ASP A OD1 1 
ATOM   559  O OD2 . ASP A 1 72  ? -0.604  -14.039 -12.785 1.00 53.21  ? 81  ASP A OD2 1 
ATOM   560  N N   . ILE A 1 73  ? -3.315  -11.015 -9.336  1.00 27.37  ? 82  ILE A N   1 
ATOM   561  C CA  . ILE A 1 73  ? -4.320  -10.000 -9.089  1.00 22.55  ? 82  ILE A CA  1 
ATOM   562  C C   . ILE A 1 73  ? -4.596  -9.383  -10.444 1.00 20.49  ? 82  ILE A C   1 
ATOM   563  O O   . ILE A 1 73  ? -3.690  -8.964  -11.135 1.00 20.28  ? 82  ILE A O   1 
ATOM   564  C CB  . ILE A 1 73  ? -3.809  -8.925  -8.060  1.00 21.44  ? 82  ILE A CB  1 
ATOM   565  C CG1 . ILE A 1 73  ? -3.576  -9.574  -6.686  1.00 18.93  ? 82  ILE A CG1 1 
ATOM   566  C CG2 . ILE A 1 73  ? -4.794  -7.783  -7.973  1.00 18.90  ? 82  ILE A CG2 1 
ATOM   567  C CD1 . ILE A 1 73  ? -2.640  -8.784  -5.769  1.00 19.61  ? 82  ILE A CD1 1 
ATOM   568  N N   . VAL A 1 74  ? -5.851  -9.374  -10.831 1.00 20.01  ? 83  VAL A N   1 
ATOM   569  C CA  . VAL A 1 74  ? -6.259  -8.836  -12.110 1.00 21.30  ? 83  VAL A CA  1 
ATOM   570  C C   . VAL A 1 74  ? -7.277  -7.703  -11.929 1.00 21.26  ? 83  VAL A C   1 
ATOM   571  O O   . VAL A 1 74  ? -8.366  -7.913  -11.384 1.00 21.79  ? 83  VAL A O   1 
ATOM   572  C CB  . VAL A 1 74  ? -6.888  -9.976  -12.975 1.00 23.74  ? 83  VAL A CB  1 
ATOM   573  C CG1 . VAL A 1 74  ? -7.321  -9.456  -14.354 1.00 25.81  ? 83  VAL A CG1 1 
ATOM   574  C CG2 . VAL A 1 74  ? -5.884  -11.089 -13.157 1.00 24.71  ? 83  VAL A CG2 1 
ATOM   575  N N   . CYS A 1 75  ? -6.906  -6.498  -12.344 1.00 19.86  ? 84  CYS A N   1 
ATOM   576  C CA  . CYS A 1 75  ? -7.826  -5.356  -12.262 1.00 20.20  ? 84  CYS A CA  1 
ATOM   577  C C   . CYS A 1 75  ? -8.785  -5.417  -13.435 1.00 21.16  ? 84  CYS A C   1 
ATOM   578  O O   . CYS A 1 75  ? -8.366  -5.629  -14.564 1.00 22.88  ? 84  CYS A O   1 
ATOM   579  C CB  . CYS A 1 75  ? -7.045  -4.044  -12.269 1.00 16.71  ? 84  CYS A CB  1 
ATOM   580  S SG  . CYS A 1 75  ? -6.023  -3.920  -10.765 1.00 16.40  ? 84  CYS A SG  1 
ATOM   581  N N   . GLY A 1 76  ? -10.062 -5.235  -13.182 1.00 20.37  ? 85  GLY A N   1 
ATOM   582  C CA  . GLY A 1 76  ? -10.989 -5.326  -14.271 1.00 24.41  ? 85  GLY A CA  1 
ATOM   583  C C   . GLY A 1 76  ? -11.629 -4.036  -14.735 1.00 28.65  ? 85  GLY A C   1 
ATOM   584  O O   . GLY A 1 76  ? -12.500 -4.073  -15.610 1.00 30.81  ? 85  GLY A O   1 
ATOM   585  N N   . ASP A 1 77  ? -11.266 -2.892  -14.179 1.00 27.64  ? 86  ASP A N   1 
ATOM   586  C CA  . ASP A 1 77  ? -11.949 -1.725  -14.678 1.00 31.35  ? 86  ASP A CA  1 
ATOM   587  C C   . ASP A 1 77  ? -11.529 -1.172  -16.012 1.00 34.78  ? 86  ASP A C   1 
ATOM   588  O O   . ASP A 1 77  ? -10.395 -1.309  -16.484 1.00 36.72  ? 86  ASP A O   1 
ATOM   589  C CB  . ASP A 1 77  ? -12.007 -0.608  -13.665 1.00 31.13  ? 86  ASP A CB  1 
ATOM   590  C CG  . ASP A 1 77  ? -12.865 -0.967  -12.493 1.00 32.42  ? 86  ASP A CG  1 
ATOM   591  O OD1 . ASP A 1 77  ? -14.069 -1.226  -12.685 1.00 32.13  ? 86  ASP A OD1 1 
ATOM   592  O OD2 . ASP A 1 77  ? -12.313 -1.015  -11.383 1.00 30.61  ? 86  ASP A OD2 1 
ATOM   593  N N   . ASN A 1 78  ? -12.534 -0.582  -16.613 1.00 38.16  ? 88  ASN A N   1 
ATOM   594  C CA  . ASN A 1 78  ? -12.482 0.091   -17.888 1.00 41.90  ? 88  ASN A CA  1 
ATOM   595  C C   . ASN A 1 78  ? -12.253 1.562   -17.500 1.00 41.49  ? 88  ASN A C   1 
ATOM   596  O O   . ASN A 1 78  ? -11.424 2.253   -18.104 1.00 41.32  ? 88  ASN A O   1 
ATOM   597  C CB  . ASN A 1 78  ? -13.847 -0.095  -18.557 1.00 46.81  ? 88  ASN A CB  1 
ATOM   598  C CG  . ASN A 1 78  ? -14.955 -0.440  -17.536 1.00 52.79  ? 88  ASN A CG  1 
ATOM   599  O OD1 . ASN A 1 78  ? -14.934 0.043   -16.380 1.00 55.64  ? 88  ASN A OD1 1 
ATOM   600  N ND2 . ASN A 1 78  ? -15.883 -1.311  -17.927 1.00 56.09  ? 88  ASN A ND2 1 
ATOM   601  N N   . ASP A 1 79  ? -12.954 2.006   -16.448 1.00 38.93  ? 89  ASP A N   1 
ATOM   602  C CA  . ASP A 1 79  ? -12.849 3.373   -15.957 1.00 36.02  ? 89  ASP A CA  1 
ATOM   603  C C   . ASP A 1 79  ? -11.396 3.676   -15.627 1.00 33.66  ? 89  ASP A C   1 
ATOM   604  O O   . ASP A 1 79  ? -10.786 3.036   -14.769 1.00 31.68  ? 89  ASP A O   1 
ATOM   605  C CB  . ASP A 1 79  ? -13.715 3.546   -14.728 1.00 39.63  ? 89  ASP A CB  1 
ATOM   606  C CG  . ASP A 1 79  ? -13.801 4.984   -14.287 1.00 42.12  ? 89  ASP A CG  1 
ATOM   607  O OD1 . ASP A 1 79  ? -12.878 5.478   -13.592 1.00 41.42  ? 89  ASP A OD1 1 
ATOM   608  O OD2 . ASP A 1 79  ? -14.804 5.623   -14.654 1.00 48.20  ? 89  ASP A OD2 1 
ATOM   609  N N   . LEU A 1 80  ? -10.879 4.733   -16.218 1.00 29.84  ? 90  LEU A N   1 
ATOM   610  C CA  . LEU A 1 80  ? -9.493  5.046   -16.031 1.00 30.82  ? 90  LEU A CA  1 
ATOM   611  C C   . LEU A 1 80  ? -9.035  5.277   -14.610 1.00 29.56  ? 90  LEU A C   1 
ATOM   612  O O   . LEU A 1 80  ? -7.993  4.755   -14.206 1.00 29.45  ? 90  LEU A O   1 
ATOM   613  C CB  . LEU A 1 80  ? -9.075  6.184   -16.966 1.00 35.23  ? 90  LEU A CB  1 
ATOM   614  C CG  . LEU A 1 80  ? -9.434  5.863   -18.439 1.00 40.04  ? 90  LEU A CG  1 
ATOM   615  C CD1 . LEU A 1 80  ? -8.881  6.959   -19.367 1.00 42.44  ? 90  LEU A CD1 1 
ATOM   616  C CD2 . LEU A 1 80  ? -8.933  4.450   -18.870 1.00 40.96  ? 90  LEU A CD2 1 
ATOM   617  N N   . CYS A 1 81  ? -9.822  5.982   -13.817 1.00 26.84  ? 91  CYS A N   1 
ATOM   618  C CA  . CYS A 1 81  ? -9.384  6.244   -12.464 1.00 27.25  ? 91  CYS A CA  1 
ATOM   619  C C   . CYS A 1 81  ? -9.428  5.015   -11.565 1.00 24.39  ? 91  CYS A C   1 
ATOM   620  O O   . CYS A 1 81  ? -8.452  4.749   -10.852 1.00 22.25  ? 91  CYS A O   1 
ATOM   621  C CB  . CYS A 1 81  ? -10.138 7.415   -11.839 1.00 30.60  ? 91  CYS A CB  1 
ATOM   622  S SG  . CYS A 1 81  ? -9.177  8.109   -10.439 1.00 41.08  ? 91  CYS A SG  1 
ATOM   623  N N   . LEU A 1 82  ? -10.509 4.237   -11.656 1.00 20.88  ? 92  LEU A N   1 
ATOM   624  C CA  . LEU A 1 82  ? -10.668 3.029   -10.849 1.00 20.31  ? 92  LEU A CA  1 
ATOM   625  C C   . LEU A 1 82  ? -9.597  2.025   -11.227 1.00 19.55  ? 92  LEU A C   1 
ATOM   626  O O   . LEU A 1 82  ? -8.986  1.390   -10.366 1.00 19.13  ? 92  LEU A O   1 
ATOM   627  C CB  . LEU A 1 82  ? -12.033 2.378   -11.073 1.00 20.52  ? 92  LEU A CB  1 
ATOM   628  C CG  . LEU A 1 82  ? -13.263 3.142   -10.565 1.00 22.46  ? 92  LEU A CG  1 
ATOM   629  C CD1 . LEU A 1 82  ? -14.528 2.405   -10.940 1.00 21.63  ? 92  LEU A CD1 1 
ATOM   630  C CD2 . LEU A 1 82  ? -13.177 3.288   -9.072  1.00 23.61  ? 92  LEU A CD2 1 
ATOM   631  N N   . ARG A 1 83  ? -9.327  1.933   -12.519 1.00 16.09  ? 93  ARG A N   1 
ATOM   632  C CA  . ARG A 1 83  ? -8.330  1.015   -13.016 1.00 17.07  ? 93  ARG A CA  1 
ATOM   633  C C   . ARG A 1 83  ? -6.932  1.393   -12.539 1.00 15.97  ? 93  ARG A C   1 
ATOM   634  O O   . ARG A 1 83  ? -6.156  0.529   -12.127 1.00 16.50  ? 93  ARG A O   1 
ATOM   635  C CB  . ARG A 1 83  ? -8.388  0.962   -14.542 1.00 17.85  ? 93  ARG A CB  1 
ATOM   636  C CG  . ARG A 1 83  ? -7.406  -0.007  -15.146 1.00 23.07  ? 93  ARG A CG  1 
ATOM   637  C CD  . ARG A 1 83  ? -7.593  -1.385  -14.561 1.00 24.83  ? 93  ARG A CD  1 
ATOM   638  N NE  . ARG A 1 83  ? -6.691  -2.322  -15.220 1.00 28.84  ? 93  ARG A NE  1 
ATOM   639  C CZ  . ARG A 1 83  ? -7.028  -3.076  -16.266 1.00 30.98  ? 93  ARG A CZ  1 
ATOM   640  N NH1 . ARG A 1 83  ? -8.263  -3.013  -16.789 1.00 28.39  ? 93  ARG A NH1 1 
ATOM   641  N NH2 . ARG A 1 83  ? -6.120  -3.893  -16.793 1.00 31.79  ? 93  ARG A NH2 1 
ATOM   642  N N   . ALA A 1 84  ? -6.605  2.676   -12.633 1.00 13.29  ? 94  ALA A N   1 
ATOM   643  C CA  . ALA A 1 84  ? -5.295  3.163   -12.200 1.00 14.52  ? 94  ALA A CA  1 
ATOM   644  C C   . ALA A 1 84  ? -5.087  2.920   -10.697 1.00 13.25  ? 94  ALA A C   1 
ATOM   645  O O   . ALA A 1 84  ? -3.974  2.590   -10.268 1.00 12.22  ? 94  ALA A O   1 
ATOM   646  C CB  . ALA A 1 84  ? -5.135  4.657   -12.525 1.00 12.62  ? 94  ALA A CB  1 
ATOM   647  N N   . VAL A 1 85  ? -6.133  3.115   -9.902  1.00 12.10  ? 95  VAL A N   1 
ATOM   648  C CA  . VAL A 1 85  ? -6.010  2.890   -8.461  1.00 12.04  ? 95  VAL A CA  1 
ATOM   649  C C   . VAL A 1 85  ? -5.831  1.389   -8.237  1.00 12.77  ? 95  VAL A C   1 
ATOM   650  O O   . VAL A 1 85  ? -4.982  0.966   -7.463  1.00 12.33  ? 95  VAL A O   1 
ATOM   651  C CB  . VAL A 1 85  ? -7.257  3.380   -7.661  1.00 12.92  ? 95  VAL A CB  1 
ATOM   652  C CG1 . VAL A 1 85  ? -7.121  2.975   -6.207  1.00 13.34  ? 95  VAL A CG1 1 
ATOM   653  C CG2 . VAL A 1 85  ? -7.387  4.909   -7.727  1.00 13.18  ? 95  VAL A CG2 1 
ATOM   654  N N   . CYS A 1 86  ? -6.588  0.573   -8.944  1.00 13.24  ? 96  CYS A N   1 
ATOM   655  C CA  . CYS A 1 86  ? -6.435  -0.865  -8.763  1.00 14.65  ? 96  CYS A CA  1 
ATOM   656  C C   . CYS A 1 86  ? -5.002  -1.320  -9.130  1.00 15.07  ? 96  CYS A C   1 
ATOM   657  O O   . CYS A 1 86  ? -4.396  -2.128  -8.399  1.00 13.93  ? 96  CYS A O   1 
ATOM   658  C CB  . CYS A 1 86  ? -7.504  -1.619  -9.571  1.00 12.87  ? 96  CYS A CB  1 
ATOM   659  S SG  . CYS A 1 86  ? -7.419  -3.429  -9.410  1.00 14.42  ? 96  CYS A SG  1 
ATOM   660  N N   . GLU A 1 87  ? -4.422  -0.751  -10.194 1.00 12.68  ? 97  GLU A N   1 
ATOM   661  C CA  . GLU A 1 87  ? -3.068  -1.112  -10.621 1.00 12.63  ? 97  GLU A CA  1 
ATOM   662  C C   . GLU A 1 87  ? -2.026  -0.705  -9.570  1.00 12.96  ? 97  GLU A C   1 
ATOM   663  O O   . GLU A 1 87  ? -1.044  -1.408  -9.354  1.00 12.23  ? 97  GLU A O   1 
ATOM   664  C CB  . GLU A 1 87  ? -2.757  -0.497  -11.994 1.00 12.39  ? 97  GLU A CB  1 
ATOM   665  C CG  . GLU A 1 87  ? -3.608  -1.083  -13.118 1.00 16.56  ? 97  GLU A CG  1 
ATOM   666  C CD  . GLU A 1 87  ? -3.298  -2.562  -13.419 1.00 18.87  ? 97  GLU A CD  1 
ATOM   667  O OE1 . GLU A 1 87  ? -2.207  -3.041  -13.045 1.00 19.81  ? 97  GLU A OE1 1 
ATOM   668  O OE2 . GLU A 1 87  ? -4.144  -3.246  -14.039 1.00 21.98  ? 97  GLU A OE2 1 
ATOM   669  N N   . CYS A 1 88  ? -2.233  0.430   -8.906  1.00 12.87  ? 98  CYS A N   1 
ATOM   670  C CA  . CYS A 1 88  ? -1.317  0.846   -7.849  1.00 12.33  ? 98  CYS A CA  1 
ATOM   671  C C   . CYS A 1 88  ? -1.382  -0.148  -6.687  1.00 11.21  ? 98  CYS A C   1 
ATOM   672  O O   . CYS A 1 88  ? -0.355  -0.505  -6.120  1.00 13.05  ? 98  CYS A O   1 
ATOM   673  C CB  . CYS A 1 88  ? -1.670  2.232   -7.293  1.00 11.79  ? 98  CYS A CB  1 
ATOM   674  S SG  . CYS A 1 88  ? -1.412  3.602   -8.464  1.00 14.20  ? 98  CYS A SG  1 
ATOM   675  N N   . ASP A 1 89  ? -2.592  -0.541  -6.301  1.00 11.09  ? 99  ASP A N   1 
ATOM   676  C CA  . ASP A 1 89  ? -2.774  -1.483  -5.201  1.00 10.79  ? 99  ASP A CA  1 
ATOM   677  C C   . ASP A 1 89  ? -2.175  -2.845  -5.503  1.00 12.21  ? 99  ASP A C   1 
ATOM   678  O O   . ASP A 1 89  ? -1.497  -3.444  -4.655  1.00 12.34  ? 99  ASP A O   1 
ATOM   679  C CB  . ASP A 1 89  ? -4.255  -1.605  -4.846  1.00 10.87  ? 99  ASP A CB  1 
ATOM   680  C CG  . ASP A 1 89  ? -4.779  -0.339  -4.148  1.00 10.71  ? 99  ASP A CG  1 
ATOM   681  O OD1 . ASP A 1 89  ? -3.990  0.593   -3.955  1.00 13.10  ? 99  ASP A OD1 1 
ATOM   682  O OD2 . ASP A 1 89  ? -5.944  -0.274  -3.761  1.00 11.71  ? 99  ASP A OD2 1 
ATOM   683  N N   . ARG A 1 90  ? -2.426  -3.330  -6.711  1.00 13.24  ? 100 ARG A N   1 
ATOM   684  C CA  . ARG A 1 90  ? -1.885  -4.614  -7.154  1.00 13.98  ? 100 ARG A CA  1 
ATOM   685  C C   . ARG A 1 90  ? -0.355  -4.618  -7.026  1.00 12.79  ? 100 ARG A C   1 
ATOM   686  O O   . ARG A 1 90  ? 0.236   -5.492  -6.386  1.00 13.45  ? 100 ARG A O   1 
ATOM   687  C CB  . ARG A 1 90  ? -2.327  -4.880  -8.599  1.00 13.09  ? 100 ARG A CB  1 
ATOM   688  C CG  . ARG A 1 90  ? -1.472  -5.898  -9.297  1.00 14.44  ? 100 ARG A CG  1 
ATOM   689  C CD  . ARG A 1 90  ? -1.918  -6.086  -10.692 1.00 18.13  ? 100 ARG A CD  1 
ATOM   690  N NE  . ARG A 1 90  ? -1.017  -7.004  -11.374 1.00 24.45  ? 100 ARG A NE  1 
ATOM   691  C CZ  . ARG A 1 90  ? 0.144   -6.637  -11.904 1.00 26.37  ? 100 ARG A CZ  1 
ATOM   692  N NH1 . ARG A 1 90  ? 0.546   -5.382  -11.801 1.00 23.52  ? 100 ARG A NH1 1 
ATOM   693  N NH2 . ARG A 1 90  ? 0.918   -7.525  -12.505 1.00 30.06  ? 100 ARG A NH2 1 
ATOM   694  N N   . ALA A 1 91  ? 0.287   -3.610  -7.597  1.00 12.21  ? 101 ALA A N   1 
ATOM   695  C CA  . ALA A 1 91  ? 1.735   -3.487  -7.549  1.00 11.89  ? 101 ALA A CA  1 
ATOM   696  C C   . ALA A 1 91  ? 2.251   -3.400  -6.099  1.00 12.50  ? 101 ALA A C   1 
ATOM   697  O O   . ALA A 1 91  ? 3.307   -3.957  -5.756  1.00 12.28  ? 101 ALA A O   1 
ATOM   698  C CB  . ALA A 1 91  ? 2.162   -2.225  -8.342  1.00 13.95  ? 101 ALA A CB  1 
ATOM   699  N N   . ALA A 1 92  ? 1.540   -2.647  -5.264  1.00 11.43  ? 102 ALA A N   1 
ATOM   700  C CA  . ALA A 1 92  ? 1.966   -2.465  -3.880  1.00 10.81  ? 102 ALA A CA  1 
ATOM   701  C C   . ALA A 1 92  ? 1.794   -3.760  -3.105  1.00 9.65   ? 102 ALA A C   1 
ATOM   702  O O   . ALA A 1 92  ? 2.645   -4.088  -2.272  1.00 12.32  ? 102 ALA A O   1 
ATOM   703  C CB  . ALA A 1 92  ? 1.174   -1.321  -3.209  1.00 11.31  ? 102 ALA A CB  1 
ATOM   704  N N   . ALA A 1 93  ? 0.704   -4.482  -3.359  1.00 12.09  ? 103 ALA A N   1 
ATOM   705  C CA  . ALA A 1 93  ? 0.468   -5.772  -2.663  1.00 12.31  ? 103 ALA A CA  1 
ATOM   706  C C   . ALA A 1 93  ? 1.546   -6.828  -3.012  1.00 13.41  ? 103 ALA A C   1 
ATOM   707  O O   . ALA A 1 93  ? 2.007   -7.553  -2.123  1.00 12.31  ? 103 ALA A O   1 
ATOM   708  C CB  . ALA A 1 93  ? -0.920  -6.297  -2.946  1.00 12.02  ? 103 ALA A CB  1 
ATOM   709  N N   . ILE A 1 94  ? 1.955   -6.887  -4.281  1.00 11.83  ? 104 ILE A N   1 
ATOM   710  C CA  . ILE A 1 94  ? 3.031   -7.786  -4.717  1.00 11.98  ? 104 ILE A CA  1 
ATOM   711  C C   . ILE A 1 94  ? 4.336   -7.361  -4.020  1.00 12.58  ? 104 ILE A C   1 
ATOM   712  O O   . ILE A 1 94  ? 5.118   -8.204  -3.550  1.00 12.84  ? 104 ILE A O   1 
ATOM   713  C CB  . ILE A 1 94  ? 3.255   -7.691  -6.277  1.00 13.26  ? 104 ILE A CB  1 
ATOM   714  C CG1 . ILE A 1 94  ? 2.072   -8.258  -7.043  1.00 13.04  ? 104 ILE A CG1 1 
ATOM   715  C CG2 . ILE A 1 94  ? 4.533   -8.402  -6.699  1.00 15.31  ? 104 ILE A CG2 1 
ATOM   716  C CD1 . ILE A 1 94  ? 2.089   -7.818  -8.521  1.00 14.81  ? 104 ILE A CD1 1 
ATOM   717  N N   . CYS A 1 95  ? 4.590   -6.057  -3.955  1.00 11.47  ? 105 CYS A N   1 
ATOM   718  C CA  . CYS A 1 95  ? 5.793   -5.561  -3.297  1.00 12.18  ? 105 CYS A CA  1 
ATOM   719  C C   . CYS A 1 95  ? 5.804   -5.979  -1.801  1.00 11.91  ? 105 CYS A C   1 
ATOM   720  O O   . CYS A 1 95  ? 6.829   -6.464  -1.284  1.00 11.85  ? 105 CYS A O   1 
ATOM   721  C CB  . CYS A 1 95  ? 5.842   -4.038  -3.436  1.00 12.45  ? 105 CYS A CB  1 
ATOM   722  S SG  . CYS A 1 95  ? 7.335   -3.236  -2.779  1.00 13.78  ? 105 CYS A SG  1 
ATOM   723  N N   . LEU A 1 96  ? 4.667   -5.816  -1.120  1.00 12.59  ? 106 LEU A N   1 
ATOM   724  C CA  . LEU A 1 96  ? 4.577   -6.197  0.298   1.00 15.86  ? 106 LEU A CA  1 
ATOM   725  C C   . LEU A 1 96  ? 4.803   -7.715  0.475   1.00 16.63  ? 106 LEU A C   1 
ATOM   726  O O   . LEU A 1 96  ? 5.531   -8.132  1.374   1.00 15.64  ? 106 LEU A O   1 
ATOM   727  C CB  . LEU A 1 96  ? 3.235   -5.754  0.904   1.00 15.16  ? 106 LEU A CB  1 
ATOM   728  C CG  . LEU A 1 96  ? 3.058   -4.219  1.050   1.00 16.06  ? 106 LEU A CG  1 
ATOM   729  C CD1 . LEU A 1 96  ? 1.648   -3.907  1.573   1.00 15.96  ? 106 LEU A CD1 1 
ATOM   730  C CD2 . LEU A 1 96  ? 4.128   -3.636  1.946   1.00 12.16  ? 106 LEU A CD2 1 
ATOM   731  N N   . GLY A 1 97  ? 4.213   -8.520  -0.418  1.00 16.09  ? 107 GLY A N   1 
ATOM   732  C CA  . GLY A 1 97  ? 4.408   -9.970  -0.363  1.00 17.60  ? 107 GLY A CA  1 
ATOM   733  C C   . GLY A 1 97  ? 5.893   -10.313 -0.547  1.00 18.22  ? 107 GLY A C   1 
ATOM   734  O O   . GLY A 1 97  ? 6.475   -11.136 0.157   1.00 17.71  ? 107 GLY A O   1 
ATOM   735  N N   . GLU A 1 98  ? 6.543   -9.600  -1.442  1.00 19.13  ? 108 GLU A N   1 
ATOM   736  C CA  . GLU A 1 98  ? 7.933   -9.860  -1.706  1.00 21.40  ? 108 GLU A CA  1 
ATOM   737  C C   . GLU A 1 98  ? 8.812   -9.553  -0.522  1.00 22.60  ? 108 GLU A C   1 
ATOM   738  O O   . GLU A 1 98  ? 9.860   -10.182 -0.328  1.00 21.77  ? 108 GLU A O   1 
ATOM   739  C CB  . GLU A 1 98  ? 8.389   -9.011  -2.883  1.00 24.46  ? 108 GLU A CB  1 
ATOM   740  C CG  . GLU A 1 98  ? 9.889   -8.978  -3.070  1.00 34.48  ? 108 GLU A CG  1 
ATOM   741  C CD  . GLU A 1 98  ? 10.302  -8.193  -4.308  1.00 42.47  ? 108 GLU A CD  1 
ATOM   742  O OE1 . GLU A 1 98  ? 9.426   -7.592  -4.994  1.00 46.20  ? 108 GLU A OE1 1 
ATOM   743  O OE2 . GLU A 1 98  ? 11.525  -8.206  -4.601  1.00 47.50  ? 108 GLU A OE2 1 
ATOM   744  N N   . ASN A 1 99  ? 8.377   -8.619  0.309   1.00 19.57  ? 109 ASN A N   1 
ATOM   745  C CA  . ASN A 1 99  ? 9.226   -8.197  1.419   1.00 20.14  ? 109 ASN A CA  1 
ATOM   746  C C   . ASN A 1 99  ? 8.750   -8.574  2.805   1.00 19.28  ? 109 ASN A C   1 
ATOM   747  O O   . ASN A 1 99  ? 9.336   -8.141  3.783   1.00 19.60  ? 109 ASN A O   1 
ATOM   748  C CB  . ASN A 1 99  ? 9.424   -6.676  1.331   1.00 21.07  ? 109 ASN A CB  1 
ATOM   749  C CG  . ASN A 1 99  ? 10.194  -6.256  0.089   1.00 16.98  ? 109 ASN A CG  1 
ATOM   750  O OD1 . ASN A 1 99  ? 11.401  -6.441  0.023   1.00 18.83  ? 109 ASN A OD1 1 
ATOM   751  N ND2 . ASN A 1 99  ? 9.502   -5.679  -0.886  1.00 16.76  ? 109 ASN A ND2 1 
ATOM   752  N N   . VAL A 1 100 ? 7.772   -9.466  2.877   1.00 19.22  ? 110 VAL A N   1 
ATOM   753  C CA  . VAL A 1 100 ? 7.196   -9.858  4.155   1.00 21.99  ? 110 VAL A CA  1 
ATOM   754  C C   . VAL A 1 100 ? 8.227   -10.506 5.059   1.00 24.06  ? 110 VAL A C   1 
ATOM   755  O O   . VAL A 1 100 ? 8.152   -10.416 6.273   1.00 22.75  ? 110 VAL A O   1 
ATOM   756  C CB  . VAL A 1 100 ? 5.936   -10.745 3.944   1.00 20.73  ? 110 VAL A CB  1 
ATOM   757  C CG1 . VAL A 1 100 ? 6.328   -12.102 3.359   1.00 20.74  ? 110 VAL A CG1 1 
ATOM   758  C CG2 . VAL A 1 100 ? 5.109   -10.862 5.250   1.00 21.76  ? 110 VAL A CG2 1 
ATOM   759  N N   . ASN A 1 101 ? 9.258   -11.047 4.445   1.00 26.59  ? 111 ASN A N   1 
ATOM   760  C CA  . ASN A 1 101 ? 10.354  -11.722 5.143   1.00 29.86  ? 111 ASN A CA  1 
ATOM   761  C C   . ASN A 1 101 ? 11.138  -10.782 6.049   1.00 28.04  ? 111 ASN A C   1 
ATOM   762  O O   . ASN A 1 101 ? 11.802  -11.223 6.989   1.00 28.77  ? 111 ASN A O   1 
ATOM   763  C CB  . ASN A 1 101 ? 11.288  -12.337 4.099   1.00 34.91  ? 111 ASN A CB  1 
ATOM   764  C CG  . ASN A 1 101 ? 11.191  -11.616 2.742   1.00 41.61  ? 111 ASN A CG  1 
ATOM   765  O OD1 . ASN A 1 101 ? 12.020  -10.751 2.415   1.00 43.05  ? 111 ASN A OD1 1 
ATOM   766  N ND2 . ASN A 1 101 ? 10.101  -11.898 1.997   1.00 41.32  ? 111 ASN A ND2 1 
ATOM   767  N N   . THR A 1 102 ? 11.149  -9.495  5.733   1.00 25.57  ? 112 THR A N   1 
ATOM   768  C CA  . THR A 1 102 ? 11.881  -8.562  6.581   1.00 22.69  ? 112 THR A CA  1 
ATOM   769  C C   . THR A 1 102 ? 10.975  -7.649  7.398   1.00 21.07  ? 112 THR A C   1 
ATOM   770  O O   . THR A 1 102 ? 11.436  -6.716  8.034   1.00 22.36  ? 112 THR A O   1 
ATOM   771  C CB  . THR A 1 102 ? 12.893  -7.767  5.783   1.00 24.41  ? 112 THR A CB  1 
ATOM   772  O OG1 . THR A 1 102 ? 12.223  -6.995  4.786   1.00 23.94  ? 112 THR A OG1 1 
ATOM   773  C CG2 . THR A 1 102 ? 13.876  -8.721  5.115   1.00 23.78  ? 112 THR A CG2 1 
ATOM   774  N N   . TYR A 1 103 ? 9.680   -7.943  7.380   1.00 20.45  ? 113 TYR A N   1 
ATOM   775  C CA  . TYR A 1 103 ? 8.681   -7.195  8.150   1.00 22.33  ? 113 TYR A CA  1 
ATOM   776  C C   . TYR A 1 103 ? 9.142   -7.176  9.620   1.00 23.50  ? 113 TYR A C   1 
ATOM   777  O O   . TYR A 1 103 ? 9.351   -8.230  10.252  1.00 24.54  ? 113 TYR A O   1 
ATOM   778  C CB  . TYR A 1 103 ? 7.307   -7.893  8.023   1.00 19.81  ? 113 TYR A CB  1 
ATOM   779  C CG  . TYR A 1 103 ? 6.136   -7.200  8.693   1.00 19.12  ? 113 TYR A CG  1 
ATOM   780  C CD1 . TYR A 1 103 ? 5.973   -7.258  10.080  1.00 17.15  ? 113 TYR A CD1 1 
ATOM   781  C CD2 . TYR A 1 103 ? 5.228   -6.443  7.945   1.00 16.71  ? 113 TYR A CD2 1 
ATOM   782  C CE1 . TYR A 1 103 ? 4.951   -6.565  10.722  1.00 17.83  ? 113 TYR A CE1 1 
ATOM   783  C CE2 . TYR A 1 103 ? 4.187   -5.749  8.568   1.00 18.24  ? 113 TYR A CE2 1 
ATOM   784  C CZ  . TYR A 1 103 ? 4.070   -5.814  9.964   1.00 20.11  ? 113 TYR A CZ  1 
ATOM   785  O OH  . TYR A 1 103 ? 3.093   -5.113  10.608  1.00 20.97  ? 113 TYR A OH  1 
ATOM   786  N N   . ASP A 1 104 ? 9.275   -5.984  10.169  1.00 23.64  ? 114 ASP A N   1 
ATOM   787  C CA  . ASP A 1 104 ? 9.721   -5.832  11.533  1.00 24.25  ? 114 ASP A CA  1 
ATOM   788  C C   . ASP A 1 104 ? 8.628   -5.221  12.423  1.00 25.33  ? 114 ASP A C   1 
ATOM   789  O O   . ASP A 1 104 ? 8.340   -4.025  12.324  1.00 23.19  ? 114 ASP A O   1 
ATOM   790  C CB  . ASP A 1 104 ? 10.952  -4.937  11.518  1.00 27.30  ? 114 ASP A CB  1 
ATOM   791  C CG  . ASP A 1 104 ? 11.664  -4.869  12.864  1.00 28.43  ? 114 ASP A CG  1 
ATOM   792  O OD1 . ASP A 1 104 ? 11.129  -5.362  13.881  1.00 28.24  ? 114 ASP A OD1 1 
ATOM   793  O OD2 . ASP A 1 104 ? 12.780  -4.318  12.868  1.00 31.52  ? 114 ASP A OD2 1 
ATOM   794  N N   . LYS A 1 105 ? 8.095   -6.016  13.353  1.00 26.57  ? 115 LYS A N   1 
ATOM   795  C CA  . LYS A 1 105 ? 7.063   -5.549  14.279  1.00 28.87  ? 115 LYS A CA  1 
ATOM   796  C C   . LYS A 1 105 ? 7.474   -4.304  15.033  1.00 28.36  ? 115 LYS A C   1 
ATOM   797  O O   . LYS A 1 105 ? 6.615   -3.576  15.559  1.00 27.42  ? 115 LYS A O   1 
ATOM   798  C CB  . LYS A 1 105 ? 6.690   -6.624  15.294  1.00 34.76  ? 115 LYS A CB  1 
ATOM   799  C CG  . LYS A 1 105 ? 5.546   -7.516  14.860  1.00 42.97  ? 115 LYS A CG  1 
ATOM   800  C CD  . LYS A 1 105 ? 4.570   -7.731  16.018  1.00 49.79  ? 115 LYS A CD  1 
ATOM   801  C CE  . LYS A 1 105 ? 3.116   -7.783  15.508  1.00 53.07  ? 115 LYS A CE  1 
ATOM   802  N NZ  . LYS A 1 105 ? 2.059   -7.814  16.583  1.00 56.14  ? 115 LYS A NZ  1 
ATOM   803  N N   . ASN A 1 106 ? 8.775   -4.060  15.116  1.00 27.14  ? 116 ASN A N   1 
ATOM   804  C CA  . ASN A 1 106 ? 9.243   -2.875  15.799  1.00 29.56  ? 116 ASN A CA  1 
ATOM   805  C C   . ASN A 1 106 ? 8.859   -1.569  15.112  1.00 27.41  ? 116 ASN A C   1 
ATOM   806  O O   . ASN A 1 106 ? 8.961   -0.507  15.708  1.00 25.97  ? 116 ASN A O   1 
ATOM   807  C CB  . ASN A 1 106 ? 10.750  -2.938  16.036  1.00 35.96  ? 116 ASN A CB  1 
ATOM   808  C CG  . ASN A 1 106 ? 11.101  -3.862  17.210  1.00 42.99  ? 116 ASN A CG  1 
ATOM   809  O OD1 . ASN A 1 106 ? 10.756  -3.587  18.368  1.00 44.90  ? 116 ASN A OD1 1 
ATOM   810  N ND2 . ASN A 1 106 ? 11.768  -4.975  16.911  1.00 45.06  ? 116 ASN A ND2 1 
ATOM   811  N N   . TYR A 1 107 ? 8.431   -1.635  13.856  1.00 24.84  ? 117 TYR A N   1 
ATOM   812  C CA  . TYR A 1 107 ? 8.036   -0.428  13.155  1.00 22.56  ? 117 TYR A CA  1 
ATOM   813  C C   . TYR A 1 107 ? 6.560   -0.178  13.274  1.00 19.30  ? 117 TYR A C   1 
ATOM   814  O O   . TYR A 1 107 ? 6.052   0.755   12.678  1.00 18.15  ? 117 TYR A O   1 
ATOM   815  C CB  . TYR A 1 107 ? 8.429   -0.503  11.693  1.00 23.91  ? 117 TYR A CB  1 
ATOM   816  C CG  . TYR A 1 107 ? 9.922   -0.556  11.478  1.00 28.12  ? 117 TYR A CG  1 
ATOM   817  C CD1 . TYR A 1 107 ? 10.791  0.267   12.211  1.00 29.08  ? 117 TYR A CD1 1 
ATOM   818  C CD2 . TYR A 1 107 ? 10.478  -1.411  10.519  1.00 28.10  ? 117 TYR A CD2 1 
ATOM   819  C CE1 . TYR A 1 107 ? 12.173  0.237   11.990  1.00 30.34  ? 117 TYR A CE1 1 
ATOM   820  C CE2 . TYR A 1 107 ? 11.853  -1.443  10.284  1.00 27.11  ? 117 TYR A CE2 1 
ATOM   821  C CZ  . TYR A 1 107 ? 12.686  -0.622  11.018  1.00 29.47  ? 117 TYR A CZ  1 
ATOM   822  O OH  . TYR A 1 107 ? 14.024  -0.644  10.748  1.00 32.52  ? 117 TYR A OH  1 
ATOM   823  N N   . GLU A 1 108 ? 5.855   -1.040  13.989  1.00 18.16  ? 118 GLU A N   1 
ATOM   824  C CA  . GLU A 1 108 ? 4.425   -0.880  14.183  1.00 18.56  ? 118 GLU A CA  1 
ATOM   825  C C   . GLU A 1 108 ? 4.124   0.257   15.178  1.00 18.34  ? 118 GLU A C   1 
ATOM   826  O O   . GLU A 1 108 ? 4.863   0.474   16.155  1.00 17.35  ? 118 GLU A O   1 
ATOM   827  C CB  . GLU A 1 108 ? 3.791   -2.198  14.628  1.00 19.21  ? 118 GLU A CB  1 
ATOM   828  C CG  . GLU A 1 108 ? 3.755   -3.271  13.530  1.00 19.25  ? 118 GLU A CG  1 
ATOM   829  C CD  . GLU A 1 108 ? 3.161   -4.578  14.023  1.00 22.98  ? 118 GLU A CD  1 
ATOM   830  O OE1 . GLU A 1 108 ? 2.897   -4.741  15.216  1.00 24.52  ? 118 GLU A OE1 1 
ATOM   831  O OE2 . GLU A 1 108 ? 2.913   -5.479  13.219  1.00 24.35  ? 118 GLU A OE2 1 
ATOM   832  N N   . TYR A 1 109 ? 3.093   1.040   14.861  1.00 17.99  ? 119 TYR A N   1 
ATOM   833  C CA  . TYR A 1 109 ? 2.676   2.168   15.687  1.00 18.35  ? 119 TYR A CA  1 
ATOM   834  C C   . TYR A 1 109 ? 3.616   3.359   15.646  1.00 19.28  ? 119 TYR A C   1 
ATOM   835  O O   . TYR A 1 109 ? 3.627   4.179   16.570  1.00 19.61  ? 119 TYR A O   1 
ATOM   836  C CB  . TYR A 1 109 ? 2.388   1.727   17.138  1.00 17.09  ? 119 TYR A CB  1 
ATOM   837  C CG  . TYR A 1 109 ? 1.222   0.806   17.191  1.00 18.55  ? 119 TYR A CG  1 
ATOM   838  C CD1 . TYR A 1 109 ? -0.058  1.259   16.878  1.00 19.31  ? 119 TYR A CD1 1 
ATOM   839  C CD2 . TYR A 1 109 ? 1.410   -0.558  17.389  1.00 19.01  ? 119 TYR A CD2 1 
ATOM   840  C CE1 . TYR A 1 109 ? -1.126  0.373   16.749  1.00 19.98  ? 119 TYR A CE1 1 
ATOM   841  C CE2 . TYR A 1 109 ? 0.361   -1.449  17.257  1.00 19.86  ? 119 TYR A CE2 1 
ATOM   842  C CZ  . TYR A 1 109 ? -0.897  -0.986  16.930  1.00 21.72  ? 119 TYR A CZ  1 
ATOM   843  O OH  . TYR A 1 109 ? -1.904  -1.898  16.738  1.00 22.54  ? 119 TYR A OH  1 
ATOM   844  N N   . TYR A 1 110 ? 4.402   3.469   14.581  1.00 18.78  ? 120 TYR A N   1 
ATOM   845  C CA  . TYR A 1 110 ? 5.294   4.601   14.439  1.00 20.29  ? 120 TYR A CA  1 
ATOM   846  C C   . TYR A 1 110 ? 4.432   5.834   14.392  1.00 20.83  ? 120 TYR A C   1 
ATOM   847  O O   . TYR A 1 110 ? 3.324   5.798   13.854  1.00 22.81  ? 120 TYR A O   1 
ATOM   848  C CB  . TYR A 1 110 ? 6.093   4.505   13.141  1.00 20.53  ? 120 TYR A CB  1 
ATOM   849  C CG  . TYR A 1 110 ? 7.475   3.980   13.373  1.00 22.28  ? 120 TYR A CG  1 
ATOM   850  C CD1 . TYR A 1 110 ? 7.738   3.167   14.483  1.00 22.00  ? 120 TYR A CD1 1 
ATOM   851  C CD2 . TYR A 1 110 ? 8.543   4.353   12.538  1.00 22.77  ? 120 TYR A CD2 1 
ATOM   852  C CE1 . TYR A 1 110 ? 9.014   2.749   14.774  1.00 23.77  ? 120 TYR A CE1 1 
ATOM   853  C CE2 . TYR A 1 110 ? 9.839   3.938   12.817  1.00 25.46  ? 120 TYR A CE2 1 
ATOM   854  C CZ  . TYR A 1 110 ? 10.068  3.133   13.950  1.00 26.48  ? 120 TYR A CZ  1 
ATOM   855  O OH  . TYR A 1 110 ? 11.353  2.735   14.303  1.00 30.65  ? 120 TYR A OH  1 
ATOM   856  N N   . SER A 1 111 ? 4.942   6.939   14.910  1.00 21.95  ? 121 SER A N   1 
ATOM   857  C CA  . SER A 1 111 ? 4.163   8.160   14.934  1.00 21.62  ? 121 SER A CA  1 
ATOM   858  C C   . SER A 1 111 ? 5.039   9.287   14.441  1.00 21.18  ? 121 SER A C   1 
ATOM   859  O O   . SER A 1 111 ? 6.157   9.039   13.993  1.00 19.28  ? 121 SER A O   1 
ATOM   860  C CB  . SER A 1 111 ? 3.671   8.412   16.360  1.00 26.89  ? 121 SER A CB  1 
ATOM   861  O OG  . SER A 1 111 ? 4.743   8.202   17.288  1.00 29.97  ? 121 SER A OG  1 
ATOM   862  N N   . ILE A 1 112 ? 4.589   10.527  14.609  1.00 22.06  ? 122 ILE A N   1 
ATOM   863  C CA  . ILE A 1 112 ? 5.367   11.671  14.142  1.00 24.66  ? 122 ILE A CA  1 
ATOM   864  C C   . ILE A 1 112 ? 6.755   11.763  14.774  1.00 24.71  ? 122 ILE A C   1 
ATOM   865  O O   . ILE A 1 112 ? 7.698   12.202  14.137  1.00 26.27  ? 122 ILE A O   1 
ATOM   866  C CB  . ILE A 1 112 ? 4.571   13.000  14.302  1.00 25.77  ? 122 ILE A CB  1 
ATOM   867  C CG1 . ILE A 1 112 ? 5.102   14.036  13.311  1.00 26.85  ? 122 ILE A CG1 1 
ATOM   868  C CG2 . ILE A 1 112 ? 4.583   13.499  15.767  1.00 26.42  ? 122 ILE A CG2 1 
ATOM   869  C CD1 . ILE A 1 112 ? 4.149   15.181  13.115  1.00 26.29  ? 122 ILE A CD1 1 
ATOM   870  N N   . SER A 1 113 ? 6.897   11.301  16.011  1.00 25.97  ? 124 SER A N   1 
ATOM   871  C CA  . SER A 1 113 ? 8.194   11.333  16.657  1.00 27.93  ? 124 SER A CA  1 
ATOM   872  C C   . SER A 1 113 ? 9.241   10.436  16.028  1.00 28.87  ? 124 SER A C   1 
ATOM   873  O O   . SER A 1 113 ? 10.436  10.686  16.225  1.00 30.85  ? 124 SER A O   1 
ATOM   874  C CB  . SER A 1 113 ? 8.068   11.004  18.132  1.00 28.95  ? 124 SER A CB  1 
ATOM   875  O OG  . SER A 1 113 ? 7.498   12.115  18.772  1.00 32.56  ? 124 SER A OG  1 
ATOM   876  N N   . HIS A 1 114 ? 8.828   9.384   15.312  1.00 26.61  ? 125 HIS A N   1 
ATOM   877  C CA  . HIS A 1 114 ? 9.777   8.479   14.655  1.00 25.02  ? 125 HIS A CA  1 
ATOM   878  C C   . HIS A 1 114 ? 9.975   8.875   13.215  1.00 23.77  ? 125 HIS A C   1 
ATOM   879  O O   . HIS A 1 114 ? 10.884  8.403   12.549  1.00 24.32  ? 125 HIS A O   1 
ATOM   880  C CB  . HIS A 1 114 ? 9.263   7.039   14.606  1.00 26.20  ? 125 HIS A CB  1 
ATOM   881  C CG  . HIS A 1 114 ? 8.689   6.539   15.891  1.00 28.27  ? 125 HIS A CG  1 
ATOM   882  N ND1 . HIS A 1 114 ? 7.466   6.967   16.371  1.00 31.50  ? 125 HIS A ND1 1 
ATOM   883  C CD2 . HIS A 1 114 ? 9.139   5.632   16.780  1.00 28.50  ? 125 HIS A CD2 1 
ATOM   884  C CE1 . HIS A 1 114 ? 7.192   6.337   17.502  1.00 29.10  ? 125 HIS A CE1 1 
ATOM   885  N NE2 . HIS A 1 114 ? 8.202   5.514   17.772  1.00 29.84  ? 125 HIS A NE2 1 
ATOM   886  N N   . CYS A 1 115 ? 9.096   9.715   12.710  1.00 24.74  ? 126 CYS A N   1 
ATOM   887  C CA  . CYS A 1 115 ? 9.137   10.087  11.305  1.00 27.23  ? 126 CYS A CA  1 
ATOM   888  C C   . CYS A 1 115 ? 9.360   11.555  11.095  1.00 31.22  ? 126 CYS A C   1 
ATOM   889  O O   . CYS A 1 115 ? 8.586   12.233  10.420  1.00 31.37  ? 126 CYS A O   1 
ATOM   890  C CB  . CYS A 1 115 ? 7.833   9.632   10.634  1.00 20.99  ? 126 CYS A CB  1 
ATOM   891  S SG  . CYS A 1 115 ? 7.558   7.829   10.832  1.00 17.79  ? 126 CYS A SG  1 
ATOM   892  N N   . THR A 1 116 ? 10.475  12.016  11.624  1.00 37.61  ? 127 THR A N   1 
ATOM   893  C CA  . THR A 1 116 ? 10.823  13.428  11.548  1.00 48.36  ? 127 THR A CA  1 
ATOM   894  C C   . THR A 1 116 ? 11.668  13.759  10.347  1.00 54.46  ? 127 THR A C   1 
ATOM   895  O O   . THR A 1 116 ? 11.472  14.804  9.739   1.00 57.50  ? 127 THR A O   1 
ATOM   896  C CB  . THR A 1 116 ? 11.527  13.877  12.825  1.00 47.57  ? 127 THR A CB  1 
ATOM   897  O OG1 . THR A 1 116 ? 12.615  12.986  13.107  1.00 47.58  ? 127 THR A OG1 1 
ATOM   898  C CG2 . THR A 1 116 ? 10.533  13.858  13.978  1.00 48.07  ? 127 THR A CG2 1 
ATOM   899  N N   . GLU A 1 117 ? 12.614  12.878  10.026  1.00 61.66  ? 128 GLU A N   1 
ATOM   900  C CA  . GLU A 1 117 ? 13.494  13.046  8.869   1.00 68.47  ? 128 GLU A CA  1 
ATOM   901  C C   . GLU A 1 117 ? 12.776  13.625  7.653   1.00 70.66  ? 128 GLU A C   1 
ATOM   902  O O   . GLU A 1 117 ? 11.555  13.494  7.505   1.00 70.38  ? 128 GLU A O   1 
ATOM   903  C CB  . GLU A 1 117 ? 14.082  11.706  8.446   1.00 72.33  ? 128 GLU A CB  1 
ATOM   904  C CG  . GLU A 1 117 ? 15.241  11.214  9.252   1.00 80.19  ? 128 GLU A CG  1 
ATOM   905  C CD  . GLU A 1 117 ? 16.283  10.552  8.366   1.00 85.67  ? 128 GLU A CD  1 
ATOM   906  O OE1 . GLU A 1 117 ? 16.093  9.366   8.002   1.00 88.50  ? 128 GLU A OE1 1 
ATOM   907  O OE2 . GLU A 1 117 ? 17.283  11.227  8.016   1.00 88.50  ? 128 GLU A OE2 1 
ATOM   908  N N   . GLU A 1 118 ? 13.543  14.250  6.769   1.00 74.10  ? 129 GLU A N   1 
ATOM   909  C CA  . GLU A 1 118 ? 12.957  14.814  5.564   1.00 77.46  ? 129 GLU A CA  1 
ATOM   910  C C   . GLU A 1 118 ? 12.311  13.694  4.745   1.00 73.77  ? 129 GLU A C   1 
ATOM   911  O O   . GLU A 1 118 ? 12.858  12.586  4.638   1.00 73.21  ? 129 GLU A O   1 
ATOM   912  C CB  . GLU A 1 118 ? 13.996  15.581  4.729   1.00 85.63  ? 129 GLU A CB  1 
ATOM   913  C CG  . GLU A 1 118 ? 15.461  15.199  4.962   1.00 96.61  ? 129 GLU A CG  1 
ATOM   914  C CD  . GLU A 1 118 ? 15.767  13.704  4.773   1.00 103.16 ? 129 GLU A CD  1 
ATOM   915  O OE1 . GLU A 1 118 ? 15.458  13.149  3.694   1.00 107.32 ? 129 GLU A OE1 1 
ATOM   916  O OE2 . GLU A 1 118 ? 16.343  13.089  5.703   1.00 106.79 ? 129 GLU A OE2 1 
ATOM   917  N N   . SER A 1 119 ? 11.124  13.986  4.227   1.00 68.65  ? 130 SER A N   1 
ATOM   918  C CA  . SER A 1 119 ? 10.352  13.047  3.435   1.00 63.09  ? 130 SER A CA  1 
ATOM   919  C C   . SER A 1 119 ? 11.059  12.595  2.170   1.00 60.21  ? 130 SER A C   1 
ATOM   920  O O   . SER A 1 119 ? 11.939  13.281  1.637   1.00 59.17  ? 130 SER A O   1 
ATOM   921  C CB  . SER A 1 119 ? 9.012   13.672  3.058   1.00 62.47  ? 130 SER A CB  1 
ATOM   922  O OG  . SER A 1 119 ? 8.522   14.458  4.129   1.00 62.35  ? 130 SER A OG  1 
ATOM   923  N N   . GLU A 1 120 ? 10.652  11.422  1.702   1.00 56.36  ? 131 GLU A N   1 
ATOM   924  C CA  . GLU A 1 120 ? 11.190  10.837  0.494   1.00 52.92  ? 131 GLU A CA  1 
ATOM   925  C C   . GLU A 1 120 ? 10.560  11.557  -0.704  1.00 50.48  ? 131 GLU A C   1 
ATOM   926  O O   . GLU A 1 120 ? 9.484   12.131  -0.592  1.00 48.42  ? 131 GLU A O   1 
ATOM   927  C CB  . GLU A 1 120 ? 10.798  9.353   0.437   1.00 52.07  ? 131 GLU A CB  1 
ATOM   928  C CG  . GLU A 1 120 ? 11.157  8.512   1.663   1.00 51.79  ? 131 GLU A CG  1 
ATOM   929  C CD  . GLU A 1 120 ? 12.547  7.890   1.586   1.00 53.10  ? 131 GLU A CD  1 
ATOM   930  O OE1 . GLU A 1 120 ? 12.974  7.503   0.473   1.00 53.05  ? 131 GLU A OE1 1 
ATOM   931  O OE2 . GLU A 1 120 ? 13.209  7.775   2.641   1.00 51.48  ? 131 GLU A OE2 1 
ATOM   932  N N   . GLN A 1 121 ? 11.226  11.528  -1.848  1.00 49.71  ? 132 GLN A N   1 
ATOM   933  C CA  . GLN A 1 121 ? 10.671  12.127  -3.054  1.00 49.09  ? 132 GLN A CA  1 
ATOM   934  C C   . GLN A 1 121 ? 10.320  11.089  -4.105  1.00 45.08  ? 132 GLN A C   1 
ATOM   935  O O   . GLN A 1 121 ? 10.966  10.038  -4.220  1.00 42.62  ? 132 GLN A O   1 
ATOM   936  C CB  . GLN A 1 121 ? 11.597  13.178  -3.632  1.00 54.72  ? 132 GLN A CB  1 
ATOM   937  C CG  . GLN A 1 121 ? 10.991  14.563  -3.525  1.00 66.16  ? 132 GLN A CG  1 
ATOM   938  C CD  . GLN A 1 121 ? 10.442  14.857  -2.123  1.00 71.80  ? 132 GLN A CD  1 
ATOM   939  O OE1 . GLN A 1 121 ? 11.182  14.842  -1.128  1.00 75.36  ? 132 GLN A OE1 1 
ATOM   940  N NE2 . GLN A 1 121 ? 9.137   15.121  -2.041  1.00 74.89  ? 132 GLN A NE2 1 
ATOM   941  N N   . CYS A 1 122 ? 9.231   11.361  -4.808  1.00 41.64  ? 133 CYS A N   1 
ATOM   942  C CA  . CYS A 1 122 ? 8.715   10.484  -5.842  1.00 39.58  ? 133 CYS A CA  1 
ATOM   943  C C   . CYS A 1 122 ? 9.562   10.565  -7.096  1.00 41.80  ? 133 CYS A C   1 
ATOM   944  O O   . CYS A 1 122 ? 10.202  11.626  -7.256  1.00 43.30  ? 133 CYS A O   1 
ATOM   945  C CB  . CYS A 1 122 ? 7.272   10.850  -6.183  1.00 32.59  ? 133 CYS A CB  1 
ATOM   946  S SG  . CYS A 1 122 ? 6.109   10.513  -4.828  1.00 21.19  ? 133 CYS A SG  1 
ATOM   947  O OXT . CYS A 1 122 ? 10.078  9.850   -7.579  1.00 43.85  ? 133 CYS A OXT 1 
HETATM 948  O O   . HOH B 2 .   ? -4.278  3.509   9.122   0.5  14.15  ? 134 HOH A O   1 
HETATM 949  O O   . HOH B 2 .   ? -7.770  1.581   -3.000  1.00 14.75  ? 135 HOH A O   1 
HETATM 950  O O   . HOH B 2 .   ? 10.363  -4.892  5.210   1.00 14.76  ? 136 HOH A O   1 
HETATM 951  O O   . HOH B 2 .   ? 2.636   4.198   9.503   1.00 15.37  ? 137 HOH A O   1 
HETATM 952  O O   . HOH B 2 .   ? 5.246   4.488   -8.012  1.00 17.37  ? 138 HOH A O   1 
HETATM 953  O O   . HOH B 2 .   ? -10.021 -2.273  -11.913 1.00 17.69  ? 139 HOH A O   1 
HETATM 954  O O   . HOH B 2 .   ? -1.774  3.192   -11.865 1.00 18.63  ? 140 HOH A O   1 
HETATM 955  O O   . HOH B 2 .   ? 10.571  -1.987  -1.442  1.00 19.61  ? 141 HOH A O   1 
HETATM 956  O O   . HOH B 2 .   ? 5.860   -6.811  3.757   1.00 19.87  ? 142 HOH A O   1 
HETATM 957  O O   . HOH B 2 .   ? 1.815   4.260   12.069  1.00 20.65  ? 143 HOH A O   1 
HETATM 958  O O   . HOH B 2 .   ? -4.339  -6.003  -13.631 1.00 21.11  ? 144 HOH A O   1 
HETATM 959  O O   . HOH B 2 .   ? -7.758  -4.383  5.380   1.00 22.15  ? 145 HOH A O   1 
HETATM 960  O O   . HOH B 2 .   ? 0.751   3.486   0.897   1.00 22.60  ? 146 HOH A O   1 
HETATM 961  O O   . HOH B 2 .   ? -1.024  5.723   -11.072 1.00 25.37  ? 147 HOH A O   1 
HETATM 962  O O   . HOH B 2 .   ? -5.138  -7.655  5.038   1.00 26.17  ? 148 HOH A O   1 
HETATM 963  O O   . HOH B 2 .   ? -6.381  -16.861 5.030   1.00 26.34  ? 149 HOH A O   1 
HETATM 964  O O   . HOH B 2 .   ? -4.830  -17.025 3.309   1.00 26.57  ? 150 HOH A O   1 
HETATM 965  O O   . HOH B 2 .   ? -0.499  -16.750 2.634   1.00 26.64  ? 151 HOH A O   1 
HETATM 966  O O   . HOH B 2 .   ? 12.805  -4.389  8.305   1.00 27.06  ? 152 HOH A O   1 
HETATM 967  O O   . HOH B 2 .   ? 3.217   11.176  -7.600  1.00 27.34  ? 153 HOH A O   1 
HETATM 968  O O   . HOH B 2 .   ? -2.472  2.729   0.308   1.00 27.43  ? 154 HOH A O   1 
HETATM 969  O O   . HOH B 2 .   ? 10.715  -4.610  -3.122  1.00 27.51  ? 155 HOH A O   1 
HETATM 970  O O   . HOH B 2 .   ? -8.005  -11.228 7.576   1.00 28.09  ? 156 HOH A O   1 
HETATM 971  O O   . HOH B 2 .   ? -8.718  -8.191  4.560   1.00 28.12  ? 157 HOH A O   1 
HETATM 972  O O   . HOH B 2 .   ? -7.663  -12.597 -0.292  1.00 28.57  ? 158 HOH A O   1 
HETATM 973  O O   . HOH B 2 .   ? -2.723  -16.729 2.196   1.00 29.03  ? 159 HOH A O   1 
HETATM 974  O O   . HOH B 2 .   ? 0.513   1.394   -11.964 1.00 29.25  ? 160 HOH A O   1 
HETATM 975  O O   . HOH B 2 .   ? 7.425   7.602   -11.575 1.00 29.49  ? 161 HOH A O   1 
HETATM 976  O O   . HOH B 2 .   ? 4.383   -10.966 -3.822  1.00 29.65  ? 162 HOH A O   1 
HETATM 977  O O   . HOH B 2 .   ? -1.066  2.694   2.954   1.00 32.24  ? 163 HOH A O   1 
HETATM 978  O O   . HOH B 2 .   ? -9.665  -5.959  3.989   1.00 32.51  ? 164 HOH A O   1 
HETATM 979  O O   . HOH B 2 .   ? -16.559 3.553   -0.985  1.00 32.76  ? 165 HOH A O   1 
HETATM 980  O O   . HOH B 2 .   ? -0.664  -4.756  -15.110 1.00 33.72  ? 166 HOH A O   1 
HETATM 981  O O   . HOH B 2 .   ? -9.057  -17.712 -7.467  1.00 34.53  ? 167 HOH A O   1 
HETATM 982  O O   . HOH B 2 .   ? 3.721   -13.360 -1.976  1.00 35.47  ? 168 HOH A O   1 
HETATM 983  O O   . HOH B 2 .   ? 9.034   -4.973  -5.598  1.00 35.60  ? 169 HOH A O   1 
HETATM 984  O O   . HOH B 2 .   ? -4.562  4.964   6.865   0.5  36.03  ? 170 HOH A O   1 
HETATM 985  O O   . HOH B 2 .   ? 5.332   9.798   -9.551  1.00 36.39  ? 171 HOH A O   1 
HETATM 986  O O   . HOH B 2 .   ? -1.073  8.406   -0.776  1.00 36.65  ? 172 HOH A O   1 
HETATM 987  O O   . HOH B 2 .   ? 14.112  -4.261  4.302   1.00 37.00  ? 173 HOH A O   1 
HETATM 988  O O   . HOH B 2 .   ? -2.750  5.041   3.760   1.00 37.08  ? 174 HOH A O   1 
HETATM 989  O O   . HOH B 2 .   ? -5.011  7.261   3.304   0.5  37.15  ? 175 HOH A O   1 
HETATM 990  O O   . HOH B 2 .   ? 1.761   -16.497 2.730   1.00 37.38  ? 176 HOH A O   1 
HETATM 991  O O   . HOH B 2 .   ? -4.510  7.138   0.781   1.00 37.50  ? 177 HOH A O   1 
HETATM 992  O O   . HOH B 2 .   ? 7.713   7.298   -8.410  1.00 37.88  ? 178 HOH A O   1 
HETATM 993  O O   . HOH B 2 .   ? 13.416  -1.683  -1.116  1.00 38.42  ? 179 HOH A O   1 
HETATM 994  O O   . HOH B 2 .   ? -11.587 -13.083 -7.168  1.00 38.52  ? 180 HOH A O   1 
HETATM 995  O O   . HOH B 2 .   ? 12.866  -7.794  2.276   1.00 39.48  ? 181 HOH A O   1 
HETATM 996  O O   . HOH B 2 .   ? 12.051  9.476   9.710   1.00 40.63  ? 182 HOH A O   1 
HETATM 997  O O   . HOH B 2 .   ? 7.773   13.493  -4.122  1.00 41.88  ? 183 HOH A O   1 
HETATM 998  O O   . HOH B 2 .   ? 3.321   -4.167  17.874  1.00 43.62  ? 184 HOH A O   1 
HETATM 999  O O   . HOH B 2 .   ? 15.105  -4.154  6.714   1.00 43.97  ? 185 HOH A O   1 
HETATM 1000 O O   . HOH B 2 .   ? -15.883 4.316   -5.955  1.00 44.04  ? 186 HOH A O   1 
HETATM 1001 O O   . HOH B 2 .   ? -14.008 -6.457  -7.424  1.00 44.20  ? 187 HOH A O   1 
HETATM 1002 O O   . HOH B 2 .   ? 3.866   -15.738 4.315   1.00 45.54  ? 188 HOH A O   1 
HETATM 1003 O O   . HOH B 2 .   ? 1.212   5.563   -12.816 1.00 45.86  ? 189 HOH A O   1 
HETATM 1004 O O   . HOH B 2 .   ? 5.963   -1.704  17.917  1.00 46.07  ? 190 HOH A O   1 
HETATM 1005 O O   . HOH B 2 .   ? -11.256 -12.883 1.877   1.00 46.14  ? 191 HOH A O   1 
HETATM 1006 O O   . HOH B 2 .   ? 5.337   18.443  10.297  1.00 46.21  ? 192 HOH A O   1 
HETATM 1007 O O   . HOH B 2 .   ? -3.858  11.283  -4.952  1.00 46.62  ? 193 HOH A O   1 
HETATM 1008 O O   . HOH B 2 .   ? -16.194 -4.313  -6.953  1.00 46.67  ? 194 HOH A O   1 
HETATM 1009 O O   . HOH B 2 .   ? 6.248   -10.743 10.671  1.00 47.02  ? 195 HOH A O   1 
HETATM 1010 O O   . HOH B 2 .   ? 3.611   10.684  -2.528  1.00 47.05  ? 196 HOH A O   1 
HETATM 1011 O O   . HOH B 2 .   ? -2.560  -8.672  -14.282 1.00 47.89  ? 197 HOH A O   1 
HETATM 1012 O O   . HOH B 2 .   ? -1.335  -4.293  15.765  1.00 48.86  ? 198 HOH A O   1 
HETATM 1013 O O   . HOH B 2 .   ? -12.995 7.980   -5.537  1.00 49.40  ? 199 HOH A O   1 
HETATM 1014 O O   . HOH B 2 .   ? 9.651   -8.446  13.758  1.00 50.07  ? 200 HOH A O   1 
HETATM 1015 O O   . HOH B 2 .   ? -2.419  5.225   1.129   1.00 50.09  ? 201 HOH A O   1 
HETATM 1016 O O   . HOH B 2 .   ? 7.279   12.198  0.861   1.00 50.51  ? 202 HOH A O   1 
HETATM 1017 O O   . HOH B 2 .   ? 5.284   10.302  19.602  1.00 50.61  ? 203 HOH A O   1 
HETATM 1018 O O   . HOH B 2 .   ? 1.264   -7.854  13.211  1.00 50.63  ? 204 HOH A O   1 
HETATM 1019 O O   . HOH B 2 .   ? -17.485 2.992   -8.797  1.00 51.45  ? 205 HOH A O   1 
HETATM 1020 O O   . HOH B 2 .   ? -0.376  13.566  -11.556 1.00 52.22  ? 206 HOH A O   1 
HETATM 1021 O O   . HOH B 2 .   ? -12.654 5.793   -18.364 1.00 52.45  ? 207 HOH A O   1 
HETATM 1022 O O   . HOH B 2 .   ? 2.207   11.594  -4.638  1.00 52.76  ? 208 HOH A O   1 
HETATM 1023 O O   . HOH B 2 .   ? 9.853   8.168   18.843  1.00 52.86  ? 209 HOH A O   1 
HETATM 1024 O O   . HOH B 2 .   ? -0.706  -9.899  -11.208 1.00 52.92  ? 210 HOH A O   1 
HETATM 1025 O O   . HOH B 2 .   ? -0.515  14.405  -6.303  1.00 53.30  ? 211 HOH A O   1 
HETATM 1026 O O   . HOH B 2 .   ? 9.046   -14.732 4.743   1.00 54.45  ? 212 HOH A O   1 
HETATM 1027 O O   . HOH B 2 .   ? -0.154  -15.919 8.956   1.00 54.67  ? 213 HOH A O   1 
HETATM 1028 O O   . HOH B 2 .   ? 3.680   -14.290 6.433   1.00 55.58  ? 214 HOH A O   1 
HETATM 1029 O O   . HOH B 2 .   ? -10.610 -10.176 2.639   1.00 56.51  ? 215 HOH A O   1 
HETATM 1030 O O   . HOH B 2 .   ? 16.956  -1.942  3.533   1.00 57.98  ? 216 HOH A O   1 
HETATM 1031 O O   . HOH B 2 .   ? -15.962 -1.136  -9.475  1.00 58.14  ? 217 HOH A O   1 
HETATM 1032 O O   . HOH B 2 .   ? 14.432  4.493   2.417   1.00 58.52  ? 218 HOH A O   1 
HETATM 1033 O O   . HOH B 2 .   ? 9.200   -11.108 9.831   1.00 58.74  ? 219 HOH A O   1 
HETATM 1034 O O   . HOH B 2 .   ? -13.822 10.313  -5.678  1.00 58.94  ? 220 HOH A O   1 
HETATM 1035 O O   . HOH B 2 .   ? 0.464   -11.606 -7.787  1.00 60.87  ? 221 HOH A O   1 
HETATM 1036 O O   . HOH B 2 .   ? -11.716 -8.769  -12.874 1.00 60.44  ? 222 HOH A O   1 
HETATM 1037 O O   . HOH B 2 .   ? 14.876  2.024   10.565  1.00 60.82  ? 223 HOH A O   1 
HETATM 1038 O O   . HOH B 2 .   ? -15.162 -8.998  -9.258  1.00 61.95  ? 224 HOH A O   1 
HETATM 1039 O O   . HOH B 2 .   ? -6.058  11.199  -7.990  1.00 62.02  ? 225 HOH A O   1 
HETATM 1040 O O   . HOH B 2 .   ? 4.382   -16.361 1.867   1.00 62.02  ? 226 HOH A O   1 
HETATM 1041 O O   . HOH B 2 .   ? 12.985  10.655  15.101  1.00 62.36  ? 227 HOH A O   1 
HETATM 1042 O O   . HOH B 2 .   ? 0.132   -9.709  11.673  1.00 62.72  ? 228 HOH A O   1 
HETATM 1043 O O   . HOH B 2 .   ? -14.626 6.860   -8.132  1.00 63.49  ? 229 HOH A O   1 
HETATM 1044 O O   . HOH B 2 .   ? -12.359 -6.972  -1.456  1.00 63.74  ? 230 HOH A O   1 
HETATM 1045 O O   . HOH B 2 .   ? -3.922  -23.721 -10.436 1.00 64.19  ? 231 HOH A O   1 
HETATM 1046 O O   . HOH B 2 .   ? -15.879 4.074   -17.456 1.00 65.05  ? 232 HOH A O   1 
HETATM 1047 O O   . HOH B 2 .   ? 6.807   -13.653 7.225   1.00 65.83  ? 233 HOH A O   1 
HETATM 1048 O O   . HOH B 2 .   ? -6.660  9.893   -0.006  1.00 67.44  ? 234 HOH A O   1 
HETATM 1049 O O   . HOH B 2 .   ? 12.426  5.456   13.502  1.00 67.73  ? 235 HOH A O   1 
HETATM 1050 O O   . HOH B 2 .   ? -9.085  -18.666 -10.691 1.00 67.88  ? 236 HOH A O   1 
HETATM 1051 O O   . HOH B 2 .   ? -18.417 -1.337  -7.339  1.00 68.47  ? 237 HOH A O   1 
HETATM 1052 O O   . HOH B 2 .   ? -2.098  7.211   -14.452 1.00 68.74  ? 238 HOH A O   1 
HETATM 1053 O O   . HOH B 2 .   ? 9.840   14.486  -7.590  1.00 69.25  ? 239 HOH A O   1 
HETATM 1054 O O   . HOH B 2 .   ? 16.661  15.471  7.768   1.00 69.86  ? 240 HOH A O   1 
HETATM 1055 O O   . HOH B 2 .   ? 16.310  -1.181  6.699   1.00 70.10  ? 241 HOH A O   1 
HETATM 1056 O O   . HOH B 2 .   ? -11.744 -15.909 -10.022 1.00 71.62  ? 242 HOH A O   1 
HETATM 1057 O O   . HOH B 2 .   ? 12.141  6.489   -2.646  1.00 72.04  ? 243 HOH A O   1 
HETATM 1058 O O   . HOH B 2 .   ? 15.410  6.025   8.325   1.00 72.18  ? 244 HOH A O   1 
HETATM 1059 O O   . HOH B 2 .   ? -11.802 8.593   -15.023 1.00 72.23  ? 245 HOH A O   1 
HETATM 1060 O O   . HOH B 2 .   ? 15.636  14.323  13.725  1.00 72.42  ? 246 HOH A O   1 
HETATM 1061 O O   . HOH B 2 .   ? 15.296  5.522   -1.023  1.00 73.77  ? 247 HOH A O   1 
HETATM 1062 O O   . HOH B 2 .   ? 13.720  -2.827  14.803  1.00 75.85  ? 248 HOH A O   1 
HETATM 1063 O O   . HOH B 2 .   ? -17.138 -0.806  -15.075 1.00 76.63  ? 249 HOH A O   1 
# 
